data_8K3P
#
_entry.id   8K3P
#
_cell.length_a   1.00
_cell.length_b   1.00
_cell.length_c   1.00
_cell.angle_alpha   90.00
_cell.angle_beta   90.00
_cell.angle_gamma   90.00
#
_symmetry.space_group_name_H-M   'P 1'
#
loop_
_entity.id
_entity.type
_entity.pdbx_description
1 polymer 'Chitin synthase 1'
2 non-polymer '(2S)-3-(hexadecanoyloxy)-2-[(9Z)-octadec-9-enoyloxy]propyl 2-(trimethylammonio)ethyl phosphate'
3 non-polymer '(2S)-2-[[(2S,3S,4S)-5-aminocarbonyloxy-2-azanyl-3,4-bis(oxidanyl)pentanoyl]amino]-2-[(2R,3S,4R,5R)-5-[5-(hydroxymethyl)-2,4-bis(oxidanylidene)pyrimidin-1-yl]-3,4-bis(oxidanyl)oxolan-2-yl]ethanoic acid'
#
_entity_poly.entity_id   1
_entity_poly.type   'polypeptide(L)'
_entity_poly.pdbx_seq_one_letter_code
;MSDQNNRSRNEYHSNRKNEPSYELQNAHSGLFHSSNEELTNRNQRYTNQNASMGSFTPVQSLQFPEQSQQTNMLYNGDDG
NNNTINDNERDIYGGFVNHHRQRPPPATAEYNDVFNTNSQQLPSEHQYNNVPSYPLPSINVIQTTPELIHNGSQTMATPI
ERPFFNENDYYYNNRNSRTSPSIASSSDGYADQEARPILEQPNNNMNSGNIPQYHDQPFGYNNGYHGLQAKDYYDDPEGG
YIDQRGDDYQINSYLGRNGEMVDPYDYENSLRHMTPMERREYLHDDSRPVNDGKEELDSVKSGYSHRDLGEYDKDDFSRD
DEYDDLNTIDKLQFQANGVPASSSVSSIGSKESDIIVSNDNLTANRALKRSGTEIRKFKLWNGNFVFDSPISKTLLDQYA
TTTENANTLPNEFKFMRYQAVTCEPNQLAEKNFTVRQLKYLTPRETELMLVVTMYNEDHILLGRTLKGIMDNVKYMVKKK
NSSTWGPDAWKKIVVCIISDGRSKINERSLALLSSLGCYQDGFAKDEINEKKVAMHVYEHTTMINITNISESEVSLECNQ
GTVPIQLLFCLKEQNQKKINSHRWAFEGFAELLRPNIVTLLDAGTMPGKDSIYQLWREFRNPNVGGACGEIRTDLGKRFV
KLLNPLVASQNFEYKMSNILDKTTESNFGFITVLPGAFSAYRFEAVRGQPLQKYFYGEIMENEGFHFFSSNMYLAEDRIL
CFEVVTKKNCNWILKYCRSSYASTDVPERVPEFILQRRRWLNGSFFASVYSFCHFYRVWSSGHNIGRKLLLTVEFFYLFF
NTLISWFSLSSFFLVFRILTVSIALAYHSAFNVLSVIFLWLYGICTLSTFILSLGNKPKSTEKFYVLTCVIFAVMMIYMI
FCSIFMSVKSFQNILKNDTISFEGLITTEAFRDIVISLGSTYCLYLISSIIYLQPWHMLTSFIQYILLSPSYINVLNIYA
FCNVHDLSWGTKGAMANPLGKINTTEDGTFKMEVLVSSSEIQANYDKYLKVLNDFDPKSESRPTEPSYDEKKTGYYANVR
SLVIIFWVITNFIIVAVVLETGGIADYIAMKSISTDDTLETAKKAEIPLMTSKASIYFNVILWLVALSALIRFIGCSIYM
IVRFFKKVTFRGGSGGDYKDDDDKDYKDDDDKDYKDDDDK
;
_entity_poly.pdbx_strand_id   A,B
#
# COMPACT_ATOMS: atom_id res chain seq x y z
N ASN A 382 26.22 -45.72 0.66
CA ASN A 382 24.84 -46.06 0.98
C ASN A 382 23.87 -45.35 0.04
N GLY A 383 24.25 -45.25 -1.24
CA GLY A 383 23.46 -44.49 -2.19
C GLY A 383 23.58 -43.00 -2.06
N ASN A 384 24.55 -42.50 -1.30
CA ASN A 384 24.69 -41.08 -1.01
C ASN A 384 26.10 -40.64 -1.36
N PHE A 385 26.25 -39.34 -1.60
CA PHE A 385 27.52 -38.77 -2.02
C PHE A 385 28.27 -38.22 -0.80
N VAL A 386 29.48 -38.72 -0.57
CA VAL A 386 30.35 -38.23 0.48
C VAL A 386 31.72 -37.98 -0.14
N PHE A 387 32.52 -37.16 0.53
CA PHE A 387 33.83 -36.80 0.00
C PHE A 387 34.74 -36.37 1.13
N ASP A 388 35.89 -37.02 1.25
CA ASP A 388 36.86 -36.70 2.29
C ASP A 388 38.09 -36.06 1.65
N SER A 389 38.45 -34.87 2.16
CA SER A 389 39.65 -34.16 1.64
C SER A 389 40.56 -33.82 2.82
N PRO A 390 41.87 -34.17 2.78
CA PRO A 390 42.77 -33.93 3.91
C PRO A 390 42.76 -32.46 4.31
N ILE A 391 42.87 -32.18 5.61
CA ILE A 391 42.90 -30.77 6.11
C ILE A 391 44.12 -30.05 5.51
N SER A 392 44.06 -28.73 5.41
CA SER A 392 45.18 -27.95 4.80
C SER A 392 46.51 -28.39 5.42
N LYS A 393 47.52 -28.61 4.58
CA LYS A 393 48.86 -29.01 5.09
C LYS A 393 49.36 -27.94 6.06
N THR A 394 49.15 -26.67 5.74
CA THR A 394 49.55 -25.58 6.66
C THR A 394 48.76 -25.72 7.97
N LEU A 395 47.46 -25.95 7.87
CA LEU A 395 46.62 -26.16 9.08
C LEU A 395 47.10 -27.42 9.81
N LEU A 396 47.47 -28.45 9.05
CA LEU A 396 48.00 -29.71 9.65
C LEU A 396 49.30 -29.38 10.40
N ASP A 397 50.15 -28.55 9.80
CA ASP A 397 51.41 -28.13 10.48
C ASP A 397 51.05 -27.38 11.76
N GLN A 398 50.03 -26.52 11.70
CA GLN A 398 49.57 -25.78 12.90
C GLN A 398 49.10 -26.80 13.94
N TYR A 399 48.31 -27.80 13.52
CA TYR A 399 47.83 -28.85 14.45
C TYR A 399 49.04 -29.56 15.07
N ALA A 400 50.05 -29.85 14.25
CA ALA A 400 51.29 -30.49 14.77
C ALA A 400 51.93 -29.54 15.80
N THR A 401 51.90 -28.23 15.52
CA THR A 401 52.47 -27.24 16.45
C THR A 401 51.63 -27.19 17.73
N LEU A 409 49.14 -37.60 15.28
CA LEU A 409 47.93 -36.85 14.97
C LEU A 409 46.84 -37.79 14.42
N PRO A 410 45.80 -38.03 15.21
CA PRO A 410 44.75 -38.95 14.79
C PRO A 410 43.96 -38.41 13.61
N ASN A 411 43.11 -39.28 13.05
CA ASN A 411 42.57 -39.06 11.72
C ASN A 411 41.61 -37.88 11.67
N GLU A 412 40.78 -37.67 12.70
CA GLU A 412 39.75 -36.65 12.61
C GLU A 412 40.34 -35.25 12.53
N PHE A 413 41.56 -35.06 13.04
CA PHE A 413 42.21 -33.75 12.95
C PHE A 413 42.72 -33.46 11.55
N LYS A 414 43.09 -34.49 10.80
CA LYS A 414 43.84 -34.31 9.55
C LYS A 414 42.94 -34.23 8.31
N PHE A 415 41.63 -34.39 8.45
CA PHE A 415 40.78 -34.50 7.26
C PHE A 415 39.47 -33.75 7.47
N MET A 416 38.88 -33.35 6.35
CA MET A 416 37.54 -32.78 6.33
C MET A 416 36.60 -33.77 5.68
N ARG A 417 35.45 -33.99 6.33
CA ARG A 417 34.35 -34.69 5.70
C ARG A 417 33.41 -33.70 5.02
N TYR A 418 32.83 -34.15 3.90
CA TYR A 418 31.80 -33.44 3.19
C TYR A 418 30.67 -34.41 2.88
N GLN A 419 29.46 -34.03 3.26
CA GLN A 419 28.24 -34.75 2.91
C GLN A 419 27.31 -33.82 2.15
N ALA A 420 26.60 -34.39 1.17
CA ALA A 420 25.56 -33.67 0.45
C ALA A 420 24.21 -34.19 0.92
N VAL A 421 23.34 -33.30 1.37
CA VAL A 421 22.03 -33.65 1.89
C VAL A 421 20.98 -33.22 0.87
N THR A 422 20.08 -34.14 0.51
CA THR A 422 19.07 -33.83 -0.55
C THR A 422 17.65 -34.06 -0.03
N CYS A 423 17.47 -34.34 1.26
CA CYS A 423 16.15 -34.53 1.82
C CYS A 423 15.79 -33.34 2.71
N GLU A 424 14.52 -33.30 3.10
CA GLU A 424 14.09 -32.34 4.11
C GLU A 424 14.61 -32.79 5.48
N PRO A 425 14.79 -31.86 6.45
CA PRO A 425 15.46 -32.16 7.74
C PRO A 425 15.07 -33.43 8.51
N ASN A 426 13.88 -33.98 8.29
CA ASN A 426 13.46 -35.11 9.10
C ASN A 426 13.66 -36.46 8.42
N GLN A 427 14.67 -36.58 7.56
CA GLN A 427 15.09 -37.88 7.05
C GLN A 427 16.58 -38.12 7.22
N LEU A 428 17.26 -37.30 8.04
CA LEU A 428 18.69 -37.49 8.24
C LEU A 428 18.99 -38.86 8.84
N ALA A 429 18.07 -39.39 9.65
CA ALA A 429 18.30 -40.67 10.30
C ALA A 429 18.11 -41.83 9.34
N GLU A 430 16.89 -42.03 8.84
CA GLU A 430 16.58 -43.29 8.18
C GLU A 430 17.01 -43.29 6.72
N LYS A 431 17.37 -42.13 6.16
CA LYS A 431 17.96 -42.12 4.83
C LYS A 431 19.48 -42.31 4.89
N ASN A 432 19.99 -42.78 6.03
CA ASN A 432 21.38 -43.22 6.16
C ASN A 432 22.38 -42.07 6.03
N PHE A 433 22.09 -40.94 6.67
CA PHE A 433 23.06 -39.87 6.84
C PHE A 433 23.60 -39.90 8.27
N THR A 434 24.92 -39.83 8.40
CA THR A 434 25.59 -39.97 9.67
C THR A 434 26.59 -38.84 9.86
N VAL A 435 27.19 -38.79 11.05
CA VAL A 435 28.22 -37.82 11.39
C VAL A 435 29.38 -38.55 12.07
N ARG A 436 30.54 -37.90 12.12
CA ARG A 436 31.71 -38.52 12.73
C ARG A 436 31.45 -38.94 14.17
N GLN A 437 30.67 -38.14 14.92
CA GLN A 437 30.48 -38.37 16.34
C GLN A 437 30.01 -39.80 16.62
N LEU A 438 29.19 -40.34 15.75
CA LEU A 438 28.73 -41.72 15.86
C LEU A 438 29.63 -42.70 15.11
N LYS A 439 30.57 -42.22 14.31
CA LYS A 439 31.41 -43.13 13.54
C LYS A 439 32.59 -43.67 14.32
N TYR A 440 32.93 -43.09 15.47
CA TYR A 440 34.04 -43.61 16.24
C TYR A 440 33.73 -45.03 16.72
N LEU A 441 34.78 -45.69 17.22
CA LEU A 441 34.61 -47.03 17.77
C LEU A 441 33.64 -47.01 18.95
N THR A 442 33.82 -46.06 19.85
CA THR A 442 32.84 -45.79 20.89
C THR A 442 32.19 -44.45 20.59
N PRO A 443 30.89 -44.41 20.32
CA PRO A 443 30.25 -43.14 19.93
C PRO A 443 30.42 -42.07 20.99
N ARG A 444 30.66 -40.85 20.53
CA ARG A 444 30.83 -39.73 21.44
C ARG A 444 29.48 -39.29 21.99
N GLU A 445 29.46 -38.92 23.27
CA GLU A 445 28.25 -38.48 23.93
C GLU A 445 28.21 -36.96 23.96
N THR A 446 27.19 -36.39 23.33
CA THR A 446 27.09 -34.94 23.22
C THR A 446 26.40 -34.39 24.46
N GLU A 447 27.10 -33.54 25.20
CA GLU A 447 26.52 -32.90 26.38
C GLU A 447 25.95 -31.53 26.08
N LEU A 448 26.50 -30.83 25.09
CA LEU A 448 25.97 -29.57 24.62
C LEU A 448 26.11 -29.51 23.11
N MET A 449 25.09 -29.00 22.42
CA MET A 449 25.20 -28.71 21.01
C MET A 449 24.83 -27.25 20.80
N LEU A 450 25.65 -26.55 20.03
CA LEU A 450 25.55 -25.10 19.86
C LEU A 450 25.18 -24.79 18.43
N VAL A 451 24.25 -23.86 18.24
CA VAL A 451 23.80 -23.45 16.92
C VAL A 451 23.99 -21.94 16.78
N VAL A 452 24.53 -21.52 15.63
CA VAL A 452 24.63 -20.12 15.27
C VAL A 452 24.12 -19.98 13.84
N THR A 453 23.49 -18.84 13.54
CA THR A 453 22.83 -18.61 12.27
C THR A 453 23.48 -17.43 11.56
N MET A 454 23.74 -17.58 10.26
CA MET A 454 24.32 -16.52 9.45
C MET A 454 23.38 -16.20 8.28
N TYR A 455 23.23 -14.91 8.00
CA TYR A 455 22.59 -14.48 6.76
C TYR A 455 23.56 -13.75 5.85
N ASN A 456 24.15 -12.65 6.32
CA ASN A 456 25.13 -11.94 5.52
C ASN A 456 26.26 -11.34 6.36
N GLU A 457 26.42 -11.77 7.61
CA GLU A 457 27.35 -11.11 8.52
C GLU A 457 28.78 -11.18 8.00
N ASP A 458 29.52 -10.10 8.23
CA ASP A 458 30.93 -10.05 7.86
C ASP A 458 31.75 -10.91 8.82
N HIS A 459 33.06 -10.96 8.59
CA HIS A 459 33.89 -11.84 9.39
C HIS A 459 34.10 -11.31 10.80
N ILE A 460 33.86 -10.02 11.04
CA ILE A 460 34.07 -9.47 12.38
C ILE A 460 33.08 -10.06 13.36
N LEU A 461 31.79 -10.06 12.99
CA LEU A 461 30.76 -10.50 13.93
C LEU A 461 30.90 -12.00 14.22
N LEU A 462 31.06 -12.80 13.17
CA LEU A 462 31.27 -14.23 13.32
C LEU A 462 32.54 -14.52 14.11
N GLY A 463 33.62 -13.79 13.80
CA GLY A 463 34.85 -14.00 14.54
C GLY A 463 34.69 -13.70 16.00
N ARG A 464 33.94 -12.65 16.33
CA ARG A 464 33.68 -12.32 17.72
C ARG A 464 32.90 -13.44 18.41
N THR A 465 31.86 -13.95 17.75
CA THR A 465 31.04 -15.00 18.37
C THR A 465 31.86 -16.26 18.61
N LEU A 466 32.66 -16.67 17.64
CA LEU A 466 33.48 -17.86 17.86
C LEU A 466 34.63 -17.60 18.83
N LYS A 467 35.14 -16.37 18.90
CA LYS A 467 36.07 -16.03 19.97
C LYS A 467 35.44 -16.28 21.33
N GLY A 468 34.20 -15.81 21.51
CA GLY A 468 33.50 -16.07 22.75
C GLY A 468 33.34 -17.55 23.03
N ILE A 469 32.91 -18.30 22.02
CA ILE A 469 32.67 -19.73 22.22
C ILE A 469 33.96 -20.46 22.58
N MET A 470 35.04 -20.20 21.86
CA MET A 470 36.29 -20.89 22.18
C MET A 470 36.82 -20.51 23.55
N ASP A 471 36.70 -19.24 23.93
CA ASP A 471 37.08 -18.87 25.30
C ASP A 471 36.25 -19.63 26.32
N ASN A 472 34.94 -19.75 26.05
CA ASN A 472 34.07 -20.40 27.01
C ASN A 472 34.40 -21.88 27.12
N VAL A 473 34.72 -22.53 26.01
CA VAL A 473 35.09 -23.94 26.07
C VAL A 473 36.45 -24.11 26.76
N LYS A 474 37.35 -23.14 26.58
CA LYS A 474 38.61 -23.20 27.30
C LYS A 474 38.39 -23.14 28.81
N TYR A 475 37.51 -22.24 29.25
CA TYR A 475 37.14 -22.25 30.66
C TYR A 475 36.44 -23.53 31.05
N MET A 476 35.65 -24.10 30.15
CA MET A 476 34.92 -25.34 30.43
C MET A 476 35.89 -26.47 30.75
N VAL A 477 36.87 -26.69 29.88
CA VAL A 477 37.85 -27.74 30.10
C VAL A 477 38.77 -27.40 31.27
N LYS A 478 39.03 -26.11 31.48
CA LYS A 478 39.89 -25.70 32.58
C LYS A 478 39.31 -26.06 33.94
N LYS A 479 38.01 -26.33 34.02
CA LYS A 479 37.39 -26.66 35.29
C LYS A 479 37.97 -27.96 35.83
N LYS A 480 38.09 -28.04 37.16
CA LYS A 480 38.71 -29.17 37.83
C LYS A 480 37.72 -30.03 38.60
N ASN A 481 36.89 -29.41 39.44
CA ASN A 481 35.99 -30.15 40.33
C ASN A 481 34.59 -30.18 39.71
N SER A 482 34.39 -31.12 38.79
CA SER A 482 33.07 -31.34 38.21
C SER A 482 33.00 -32.77 37.70
N SER A 483 31.84 -33.40 37.91
CA SER A 483 31.66 -34.76 37.45
C SER A 483 31.46 -34.83 35.94
N THR A 484 31.05 -33.71 35.34
CA THR A 484 30.76 -33.69 33.88
C THR A 484 31.89 -32.99 33.12
N TRP A 485 32.12 -31.70 33.37
CA TRP A 485 33.13 -30.94 32.57
C TRP A 485 34.55 -31.31 33.03
N GLY A 486 35.15 -32.31 32.39
CA GLY A 486 36.53 -32.71 32.73
C GLY A 486 37.53 -32.22 31.70
N PRO A 487 38.69 -32.90 31.53
CA PRO A 487 39.69 -32.50 30.53
C PRO A 487 39.21 -32.76 29.10
N ASP A 488 38.29 -33.71 28.92
CA ASP A 488 37.78 -34.06 27.57
C ASP A 488 36.36 -33.49 27.41
N ALA A 489 35.98 -32.53 28.26
CA ALA A 489 34.62 -31.94 28.20
C ALA A 489 34.37 -31.39 26.80
N TRP A 490 35.42 -30.89 26.13
CA TRP A 490 35.26 -30.31 24.78
C TRP A 490 34.64 -31.34 23.83
N LYS A 491 35.05 -32.61 23.96
CA LYS A 491 34.53 -33.68 23.07
C LYS A 491 33.00 -33.75 23.21
N LYS A 492 32.48 -33.57 24.41
CA LYS A 492 31.01 -33.66 24.65
C LYS A 492 30.31 -32.46 24.01
N ILE A 493 31.07 -31.46 23.57
CA ILE A 493 30.45 -30.21 23.01
C ILE A 493 30.73 -30.14 21.50
N VAL A 494 29.69 -29.89 20.71
CA VAL A 494 29.86 -29.72 19.23
C VAL A 494 29.16 -28.42 18.81
N VAL A 495 29.77 -27.64 17.93
CA VAL A 495 29.20 -26.36 17.54
C VAL A 495 28.77 -26.45 16.09
N CYS A 496 27.51 -26.10 15.84
CA CYS A 496 26.93 -26.15 14.51
C CYS A 496 26.71 -24.73 14.01
N ILE A 497 27.18 -24.46 12.81
CA ILE A 497 27.07 -23.15 12.19
C ILE A 497 26.15 -23.29 10.99
N ILE A 498 24.95 -22.71 11.12
CA ILE A 498 23.92 -22.83 10.03
C ILE A 498 23.95 -21.58 9.15
N SER A 499 24.38 -21.73 7.90
CA SER A 499 24.40 -20.66 6.93
C SER A 499 23.01 -20.48 6.35
N ASP A 500 22.91 -19.62 5.34
CA ASP A 500 21.64 -19.50 4.62
C ASP A 500 21.97 -19.04 3.19
N GLY A 501 22.13 -20.00 2.29
CA GLY A 501 22.36 -19.71 0.89
C GLY A 501 23.79 -19.35 0.55
N ARG A 502 24.35 -19.96 -0.50
CA ARG A 502 25.68 -19.56 -0.96
C ARG A 502 25.65 -18.17 -1.55
N SER A 503 24.55 -17.80 -2.22
CA SER A 503 24.50 -16.55 -2.94
C SER A 503 24.67 -15.35 -2.01
N LYS A 504 24.00 -15.38 -0.86
CA LYS A 504 24.02 -14.24 0.05
C LYS A 504 25.04 -14.37 1.17
N ILE A 505 25.65 -15.54 1.35
CA ILE A 505 26.66 -15.66 2.39
C ILE A 505 27.82 -14.72 2.07
N ASN A 506 28.44 -14.18 3.11
CA ASN A 506 29.56 -13.26 2.93
C ASN A 506 30.82 -14.10 2.82
N GLU A 507 31.32 -14.25 1.59
CA GLU A 507 32.61 -14.90 1.38
C GLU A 507 33.71 -14.23 2.17
N ARG A 508 33.51 -12.97 2.53
CA ARG A 508 34.41 -12.26 3.41
C ARG A 508 34.62 -13.03 4.72
N SER A 509 33.59 -13.77 5.15
CA SER A 509 33.68 -14.65 6.32
C SER A 509 34.07 -16.07 5.96
N LEU A 510 33.69 -16.53 4.77
CA LEU A 510 34.18 -17.82 4.29
C LEU A 510 35.69 -17.86 4.28
N ALA A 511 36.33 -16.71 4.10
CA ALA A 511 37.77 -16.63 4.25
C ALA A 511 38.21 -17.13 5.63
N LEU A 512 37.60 -16.58 6.68
CA LEU A 512 37.95 -17.00 8.03
C LEU A 512 37.61 -18.47 8.25
N LEU A 513 36.47 -18.91 7.75
CA LEU A 513 36.08 -20.30 7.96
C LEU A 513 37.06 -21.26 7.28
N SER A 514 37.50 -20.92 6.08
CA SER A 514 38.53 -21.71 5.42
C SER A 514 39.84 -21.65 6.19
N SER A 515 40.14 -20.51 6.79
CA SER A 515 41.32 -20.41 7.65
C SER A 515 41.22 -21.40 8.81
N LEU A 516 40.03 -21.53 9.39
CA LEU A 516 39.82 -22.50 10.46
C LEU A 516 39.90 -23.95 9.99
N GLY A 517 39.87 -24.19 8.68
CA GLY A 517 40.00 -25.52 8.17
C GLY A 517 38.72 -26.32 8.07
N CYS A 518 37.57 -25.65 7.89
CA CYS A 518 36.30 -26.33 7.77
C CYS A 518 35.57 -26.01 6.47
N TYR A 519 36.32 -25.48 5.48
CA TYR A 519 35.66 -25.04 4.22
C TYR A 519 36.66 -24.97 3.07
N GLN A 520 36.41 -25.72 2.00
CA GLN A 520 37.25 -25.68 0.81
C GLN A 520 36.36 -25.77 -0.41
N ASP A 521 36.57 -24.88 -1.37
CA ASP A 521 35.80 -24.92 -2.61
C ASP A 521 36.34 -26.01 -3.53
N GLY A 522 35.66 -26.18 -4.66
CA GLY A 522 36.09 -27.15 -5.66
C GLY A 522 35.16 -28.34 -5.79
N PHE A 523 34.60 -28.78 -4.65
CA PHE A 523 33.77 -29.96 -4.65
C PHE A 523 32.36 -29.68 -4.15
N ALA A 524 31.75 -28.61 -4.66
CA ALA A 524 30.35 -28.30 -4.37
C ALA A 524 29.50 -28.77 -5.54
N LYS A 525 28.44 -29.53 -5.24
CA LYS A 525 27.54 -30.06 -6.25
C LYS A 525 26.12 -29.61 -5.92
N ASP A 526 25.45 -29.01 -6.90
CA ASP A 526 24.11 -28.47 -6.70
C ASP A 526 23.00 -29.50 -6.91
N GLU A 527 23.30 -30.61 -7.56
CA GLU A 527 22.29 -31.63 -7.84
C GLU A 527 22.98 -32.98 -7.96
N ILE A 528 22.43 -33.98 -7.29
CA ILE A 528 23.02 -35.31 -7.24
C ILE A 528 22.02 -36.31 -7.79
N ASN A 529 22.38 -36.97 -8.88
CA ASN A 529 21.58 -38.04 -9.48
C ASN A 529 20.11 -37.61 -9.62
N GLU A 530 19.92 -36.55 -10.41
CA GLU A 530 18.62 -35.93 -10.68
C GLU A 530 17.90 -35.46 -9.41
N LYS A 531 18.59 -35.47 -8.27
CA LYS A 531 18.05 -34.95 -7.02
C LYS A 531 18.78 -33.67 -6.66
N LYS A 532 18.04 -32.58 -6.51
CA LYS A 532 18.63 -31.32 -6.08
C LYS A 532 19.18 -31.48 -4.67
N VAL A 533 20.41 -31.01 -4.46
CA VAL A 533 21.00 -31.05 -3.13
C VAL A 533 20.30 -30.02 -2.26
N ALA A 534 20.14 -30.35 -0.98
CA ALA A 534 19.53 -29.42 -0.04
C ALA A 534 20.54 -28.66 0.79
N MET A 535 21.60 -29.32 1.26
CA MET A 535 22.55 -28.62 2.11
C MET A 535 23.90 -29.30 2.04
N HIS A 536 24.94 -28.51 2.23
CA HIS A 536 26.31 -28.99 2.25
C HIS A 536 26.78 -29.09 3.70
N VAL A 537 27.33 -30.24 4.08
CA VAL A 537 27.78 -30.48 5.44
C VAL A 537 29.29 -30.65 5.42
N TYR A 538 29.99 -29.74 6.07
CA TYR A 538 31.44 -29.75 6.18
C TYR A 538 31.78 -30.06 7.63
N GLU A 539 32.81 -30.89 7.84
CA GLU A 539 32.95 -31.48 9.15
C GLU A 539 34.43 -31.72 9.46
N HIS A 540 34.91 -31.05 10.50
CA HIS A 540 36.32 -31.00 10.87
C HIS A 540 36.40 -30.64 12.35
N THR A 541 37.56 -30.93 12.94
CA THR A 541 37.83 -30.55 14.33
C THR A 541 39.20 -29.85 14.38
N THR A 542 39.18 -28.56 14.67
CA THR A 542 40.36 -27.73 14.54
C THR A 542 41.13 -27.64 15.86
N MET A 543 42.26 -26.94 15.82
CA MET A 543 43.05 -26.66 17.01
C MET A 543 43.35 -25.19 17.19
N ILE A 544 43.00 -24.34 16.24
CA ILE A 544 43.31 -22.92 16.30
C ILE A 544 42.24 -22.21 17.12
N ASN A 545 42.66 -21.25 17.93
CA ASN A 545 41.75 -20.46 18.74
C ASN A 545 41.88 -18.99 18.41
N ILE A 546 40.76 -18.28 18.45
CA ILE A 546 40.74 -16.84 18.28
C ILE A 546 41.13 -16.19 19.60
N THR A 547 41.95 -15.14 19.55
CA THR A 547 42.49 -14.54 20.77
C THR A 547 42.34 -13.04 20.88
N ASN A 548 42.16 -12.31 19.78
CA ASN A 548 41.92 -10.88 19.89
C ASN A 548 41.11 -10.41 18.69
N ILE A 549 40.29 -9.41 18.92
CA ILE A 549 39.41 -8.86 17.89
C ILE A 549 39.72 -7.38 17.74
N SER A 550 40.32 -7.03 16.60
CA SER A 550 40.58 -5.59 16.29
C SER A 550 39.46 -5.14 15.34
N GLU A 551 39.25 -3.83 15.22
CA GLU A 551 38.17 -3.34 14.39
C GLU A 551 38.30 -3.77 12.95
N SER A 552 39.42 -4.37 12.58
CA SER A 552 39.68 -4.72 11.18
C SER A 552 40.09 -6.17 10.98
N GLU A 553 40.88 -6.74 11.89
CA GLU A 553 41.46 -8.05 11.65
C GLU A 553 41.12 -8.98 12.81
N VAL A 554 41.18 -10.28 12.51
CA VAL A 554 40.83 -11.34 13.47
C VAL A 554 42.11 -12.08 13.83
N SER A 555 42.46 -12.07 15.10
CA SER A 555 43.68 -12.70 15.58
C SER A 555 43.41 -14.16 15.89
N LEU A 556 44.04 -15.05 15.12
CA LEU A 556 43.96 -16.48 15.37
C LEU A 556 45.35 -17.00 15.70
N GLU A 557 45.41 -18.02 16.56
CA GLU A 557 46.71 -18.60 16.88
C GLU A 557 46.54 -20.07 17.20
N CYS A 558 47.66 -20.79 17.14
CA CYS A 558 47.71 -22.22 17.48
C CYS A 558 48.89 -22.43 18.42
N ASN A 559 48.60 -22.74 19.67
CA ASN A 559 49.65 -22.97 20.67
C ASN A 559 49.35 -24.20 21.51
N GLN A 560 50.12 -24.40 22.56
CA GLN A 560 49.89 -25.51 23.47
C GLN A 560 48.70 -25.30 24.39
N GLY A 561 48.28 -24.04 24.56
CA GLY A 561 47.13 -23.73 25.41
C GLY A 561 45.78 -23.81 24.72
N THR A 562 45.77 -24.03 23.41
CA THR A 562 44.51 -24.11 22.69
C THR A 562 43.77 -25.40 23.02
N VAL A 563 42.46 -25.39 22.79
CA VAL A 563 41.59 -26.52 23.10
C VAL A 563 40.86 -26.94 21.83
N PRO A 564 40.79 -28.23 21.53
CA PRO A 564 40.10 -28.67 20.31
C PRO A 564 38.63 -28.33 20.34
N ILE A 565 38.10 -28.01 19.15
CA ILE A 565 36.68 -27.69 18.97
C ILE A 565 36.14 -28.57 17.86
N GLN A 566 34.95 -29.13 18.09
CA GLN A 566 34.27 -29.97 17.11
C GLN A 566 33.30 -29.10 16.31
N LEU A 567 33.53 -28.99 15.01
CA LEU A 567 32.77 -28.10 14.15
C LEU A 567 31.74 -28.86 13.32
N LEU A 568 30.70 -28.15 12.91
CA LEU A 568 29.68 -28.70 12.02
C LEU A 568 29.18 -27.54 11.15
N PHE A 569 29.77 -27.39 9.97
CA PHE A 569 29.42 -26.29 9.08
C PHE A 569 28.31 -26.77 8.13
N CYS A 570 27.15 -26.12 8.22
CA CYS A 570 26.00 -26.50 7.36
C CYS A 570 25.58 -25.30 6.51
N LEU A 571 26.17 -25.18 5.31
CA LEU A 571 25.82 -24.06 4.39
C LEU A 571 24.58 -24.46 3.59
N LYS A 572 23.45 -23.82 3.86
CA LYS A 572 22.19 -24.11 3.12
C LYS A 572 22.42 -23.81 1.64
N GLU A 573 22.06 -24.74 0.75
CA GLU A 573 22.31 -24.54 -0.71
C GLU A 573 21.66 -23.23 -1.16
N GLN A 574 20.45 -22.94 -0.68
CA GLN A 574 19.74 -21.70 -1.06
C GLN A 574 19.29 -20.96 0.21
N ASN A 575 19.21 -19.63 0.15
CA ASN A 575 18.76 -18.83 1.32
C ASN A 575 17.31 -19.21 1.65
N GLN A 576 16.97 -19.25 2.93
CA GLN A 576 15.59 -19.64 3.36
C GLN A 576 15.27 -19.00 4.71
N LYS A 577 14.06 -19.24 5.23
CA LYS A 577 13.65 -18.65 6.53
C LYS A 577 14.55 -19.19 7.65
N LYS A 578 14.87 -18.35 8.64
CA LYS A 578 15.74 -18.78 9.77
C LYS A 578 15.05 -19.95 10.49
N ILE A 579 13.72 -19.91 10.60
CA ILE A 579 12.98 -21.05 11.24
C ILE A 579 13.35 -22.34 10.50
N ASN A 580 13.37 -22.30 9.17
CA ASN A 580 13.79 -23.50 8.38
C ASN A 580 15.22 -23.86 8.81
N SER A 581 16.08 -22.86 9.01
CA SER A 581 17.46 -23.13 9.48
C SER A 581 17.39 -23.85 10.84
N HIS A 582 16.55 -23.36 11.75
CA HIS A 582 16.36 -24.04 13.06
C HIS A 582 15.79 -25.43 12.81
N ARG A 583 14.82 -25.53 11.90
CA ARG A 583 14.25 -26.84 11.56
C ARG A 583 15.34 -27.85 11.25
N TRP A 584 16.41 -27.41 10.58
CA TRP A 584 17.52 -28.30 10.32
C TRP A 584 18.21 -28.72 11.60
N ALA A 585 18.30 -27.80 12.56
CA ALA A 585 18.99 -28.11 13.82
C ALA A 585 18.17 -29.06 14.67
N PHE A 586 16.97 -28.62 15.07
CA PHE A 586 16.19 -29.38 16.04
C PHE A 586 15.61 -30.65 15.43
N GLU A 587 14.72 -30.49 14.45
CA GLU A 587 14.06 -31.64 13.84
C GLU A 587 15.03 -32.52 13.07
N GLY A 588 16.23 -32.02 12.78
CA GLY A 588 17.19 -32.76 12.01
C GLY A 588 18.37 -33.27 12.82
N PHE A 589 19.47 -32.53 12.79
CA PHE A 589 20.76 -33.02 13.28
C PHE A 589 20.67 -33.46 14.73
N ALA A 590 19.87 -32.76 15.53
CA ALA A 590 19.76 -33.08 16.95
C ALA A 590 19.30 -34.51 17.17
N GLU A 591 18.44 -35.02 16.26
CA GLU A 591 17.92 -36.37 16.43
C GLU A 591 19.04 -37.39 16.39
N LEU A 592 20.02 -37.21 15.50
CA LEU A 592 21.14 -38.12 15.49
C LEU A 592 22.13 -37.81 16.61
N LEU A 593 22.30 -36.53 16.93
CA LEU A 593 23.31 -36.18 17.92
C LEU A 593 22.88 -36.48 19.35
N ARG A 594 21.58 -36.59 19.60
CA ARG A 594 21.05 -36.89 20.93
C ARG A 594 21.64 -35.98 22.01
N PRO A 595 21.43 -34.68 21.90
CA PRO A 595 22.03 -33.75 22.87
C PRO A 595 21.17 -33.62 24.12
N ASN A 596 21.85 -33.27 25.22
CA ASN A 596 21.14 -33.01 26.46
C ASN A 596 20.63 -31.59 26.54
N ILE A 597 21.34 -30.63 25.94
CA ILE A 597 20.95 -29.23 25.95
C ILE A 597 21.29 -28.63 24.60
N VAL A 598 20.39 -27.82 24.06
CA VAL A 598 20.61 -27.11 22.81
C VAL A 598 20.51 -25.62 23.09
N THR A 599 21.55 -24.88 22.72
CA THR A 599 21.59 -23.44 22.97
C THR A 599 21.50 -22.69 21.66
N LEU A 600 20.52 -21.81 21.56
CA LEU A 600 20.34 -20.96 20.38
C LEU A 600 21.18 -19.70 20.54
N LEU A 601 22.13 -19.52 19.64
CA LEU A 601 22.93 -18.30 19.54
C LEU A 601 22.58 -17.56 18.26
N ASP A 602 23.31 -16.48 18.01
CA ASP A 602 23.05 -15.61 16.86
C ASP A 602 24.34 -14.91 16.50
N ALA A 603 24.70 -14.95 15.23
CA ALA A 603 25.94 -14.31 14.77
C ALA A 603 26.00 -12.87 15.24
N GLY A 604 27.08 -12.54 15.94
CA GLY A 604 27.25 -11.21 16.50
C GLY A 604 26.91 -11.07 17.96
N THR A 605 26.68 -12.17 18.67
CA THR A 605 26.33 -12.16 20.08
C THR A 605 27.52 -12.63 20.90
N MET A 606 27.85 -11.87 21.93
CA MET A 606 28.94 -12.21 22.84
C MET A 606 28.47 -13.02 24.03
N PRO A 607 28.74 -14.32 24.08
CA PRO A 607 28.65 -15.01 25.36
C PRO A 607 29.67 -14.43 26.32
N GLY A 608 29.29 -14.37 27.59
CA GLY A 608 30.23 -13.97 28.61
C GLY A 608 31.38 -14.95 28.72
N LYS A 609 32.40 -14.55 29.48
CA LYS A 609 33.56 -15.42 29.64
C LYS A 609 33.19 -16.72 30.33
N ASP A 610 32.04 -16.78 31.00
CA ASP A 610 31.54 -18.02 31.58
C ASP A 610 30.03 -18.17 31.41
N SER A 611 29.38 -17.34 30.59
CA SER A 611 27.92 -17.32 30.56
C SER A 611 27.35 -18.66 30.15
N ILE A 612 27.97 -19.32 29.16
CA ILE A 612 27.47 -20.63 28.73
C ILE A 612 27.55 -21.61 29.88
N TYR A 613 28.66 -21.60 30.63
CA TYR A 613 28.80 -22.53 31.73
C TYR A 613 27.74 -22.29 32.80
N GLN A 614 27.51 -21.02 33.14
CA GLN A 614 26.47 -20.69 34.15
C GLN A 614 25.12 -21.19 33.65
N LEU A 615 24.81 -20.91 32.38
CA LEU A 615 23.54 -21.35 31.81
C LEU A 615 23.39 -22.86 31.94
N TRP A 616 24.47 -23.60 31.68
CA TRP A 616 24.41 -25.05 31.86
C TRP A 616 24.20 -25.40 33.33
N ARG A 617 24.81 -24.65 34.24
CA ARG A 617 24.62 -24.90 35.66
C ARG A 617 23.17 -24.70 36.08
N GLU A 618 22.46 -23.80 35.40
CA GLU A 618 21.06 -23.55 35.76
C GLU A 618 20.19 -24.78 35.56
N PHE A 619 20.64 -25.76 34.79
CA PHE A 619 19.82 -26.91 34.45
C PHE A 619 19.94 -28.07 35.44
N ARG A 620 20.66 -27.87 36.55
CA ARG A 620 20.76 -28.93 37.55
C ARG A 620 19.40 -29.23 38.18
N ASN A 621 18.51 -28.25 38.22
CA ASN A 621 17.15 -28.49 38.68
C ASN A 621 16.42 -29.30 37.62
N PRO A 622 15.88 -30.47 37.94
CA PRO A 622 15.28 -31.32 36.91
C PRO A 622 13.94 -30.81 36.40
N ASN A 623 13.55 -29.59 36.76
CA ASN A 623 12.29 -29.03 36.29
C ASN A 623 12.43 -28.01 35.17
N VAL A 624 13.59 -27.35 35.04
CA VAL A 624 13.75 -26.34 34.02
C VAL A 624 13.87 -26.97 32.64
N GLY A 625 13.27 -26.33 31.65
CA GLY A 625 13.33 -26.80 30.29
C GLY A 625 13.83 -25.74 29.35
N GLY A 626 13.87 -24.50 29.82
CA GLY A 626 14.43 -23.41 29.02
C GLY A 626 14.95 -22.33 29.93
N ALA A 627 15.93 -21.57 29.41
CA ALA A 627 16.49 -20.47 30.19
C ALA A 627 17.13 -19.46 29.25
N CYS A 628 17.31 -18.23 29.75
CA CYS A 628 17.89 -17.16 28.91
C CYS A 628 18.77 -16.25 29.75
N GLY A 629 19.82 -15.66 29.15
CA GLY A 629 20.71 -14.75 29.89
C GLY A 629 20.21 -13.32 29.84
N GLU A 630 21.12 -12.35 29.74
CA GLU A 630 20.73 -10.91 29.71
C GLU A 630 21.49 -10.22 28.56
N ILE A 631 20.75 -9.57 27.66
CA ILE A 631 21.38 -8.90 26.48
C ILE A 631 21.69 -7.45 26.83
N ARG A 632 22.93 -6.99 26.55
CA ARG A 632 23.31 -5.59 26.83
C ARG A 632 23.66 -4.88 25.52
N THR A 633 23.10 -3.71 25.29
CA THR A 633 23.41 -2.93 24.06
C THR A 633 24.92 -2.69 23.99
N ASP A 634 25.53 -2.94 22.84
CA ASP A 634 27.00 -2.75 22.68
C ASP A 634 27.32 -1.26 22.64
N LEU A 635 27.80 -0.70 23.75
CA LEU A 635 28.15 0.76 23.81
C LEU A 635 29.34 1.03 22.88
N GLY A 636 30.14 -0.01 22.59
CA GLY A 636 31.31 0.16 21.70
C GLY A 636 32.56 0.54 22.47
N LYS A 637 33.72 0.55 21.81
CA LYS A 637 35.00 0.88 22.48
C LYS A 637 34.88 2.25 23.14
N ARG A 638 35.21 2.35 24.43
CA ARG A 638 35.11 3.64 25.17
C ARG A 638 33.69 4.19 25.01
N PHE A 639 32.69 3.31 24.92
CA PHE A 639 31.28 3.74 24.75
C PHE A 639 31.20 4.76 23.60
N VAL A 640 31.89 4.49 22.50
CA VAL A 640 31.92 5.44 21.34
C VAL A 640 30.49 5.55 20.78
N LYS A 641 29.81 4.41 20.60
CA LYS A 641 28.44 4.42 20.04
C LYS A 641 27.50 5.19 20.97
N LEU A 642 27.78 5.15 22.28
CA LEU A 642 26.89 5.82 23.27
C LEU A 642 26.48 7.20 22.74
N LEU A 643 27.40 7.94 22.12
CA LEU A 643 27.07 9.31 21.65
C LEU A 643 25.70 9.28 20.95
N ASN A 644 25.47 8.29 20.09
CA ASN A 644 24.20 8.19 19.35
C ASN A 644 23.03 8.18 20.35
N PRO A 645 22.06 9.11 20.25
CA PRO A 645 20.89 9.11 21.13
C PRO A 645 20.11 7.79 21.02
N LEU A 646 19.92 7.29 19.78
CA LEU A 646 19.15 6.04 19.58
C LEU A 646 19.81 4.91 20.37
N VAL A 647 21.13 4.76 20.24
CA VAL A 647 21.86 3.68 20.97
C VAL A 647 21.68 3.90 22.47
N ALA A 648 21.79 5.14 22.92
CA ALA A 648 21.67 5.44 24.37
C ALA A 648 20.29 4.98 24.87
N SER A 649 19.23 5.42 24.19
CA SER A 649 17.85 5.06 24.64
C SER A 649 17.68 3.54 24.57
N GLN A 650 18.16 2.92 23.49
CA GLN A 650 18.03 1.45 23.33
C GLN A 650 18.77 0.76 24.48
N ASN A 651 19.93 1.30 24.86
CA ASN A 651 20.71 0.72 25.99
C ASN A 651 19.85 0.73 27.25
N PHE A 652 19.26 1.89 27.58
CA PHE A 652 18.44 2.02 28.80
C PHE A 652 17.28 1.02 28.73
N GLU A 653 16.64 0.93 27.57
CA GLU A 653 15.47 0.02 27.40
C GLU A 653 15.92 -1.43 27.65
N TYR A 654 17.03 -1.84 27.05
CA TYR A 654 17.52 -3.23 27.21
C TYR A 654 17.75 -3.51 28.69
N LYS A 655 18.33 -2.54 29.41
CA LYS A 655 18.61 -2.73 30.86
C LYS A 655 17.29 -2.89 31.61
N MET A 656 16.35 -1.96 31.43
CA MET A 656 15.06 -2.01 32.17
C MET A 656 14.39 -3.37 31.94
N SER A 657 14.17 -3.74 30.67
CA SER A 657 13.49 -5.00 30.38
C SER A 657 14.16 -6.17 31.08
N ASN A 658 15.46 -6.08 31.33
CA ASN A 658 16.13 -7.17 32.02
C ASN A 658 16.23 -6.97 33.52
N ILE A 659 15.64 -5.89 34.05
CA ILE A 659 15.76 -5.59 35.51
C ILE A 659 14.40 -5.79 36.20
N LEU A 660 13.30 -5.40 35.55
CA LEU A 660 11.97 -5.53 36.13
C LEU A 660 11.19 -6.67 35.50
N ASP A 661 11.00 -6.65 34.19
CA ASP A 661 10.05 -7.54 33.55
C ASP A 661 10.47 -9.00 33.70
N LYS A 662 11.71 -9.32 33.33
CA LYS A 662 12.09 -10.73 33.29
C LYS A 662 12.20 -11.32 34.68
N THR A 663 12.72 -10.56 35.65
CA THR A 663 12.79 -11.09 37.01
C THR A 663 11.39 -11.32 37.58
N THR A 664 10.48 -10.37 37.36
CA THR A 664 9.10 -10.54 37.83
C THR A 664 8.48 -11.78 37.20
N GLU A 665 8.61 -11.93 35.88
CA GLU A 665 7.98 -13.07 35.22
C GLU A 665 8.63 -14.39 35.61
N SER A 666 9.94 -14.39 35.85
CA SER A 666 10.61 -15.62 36.26
C SER A 666 10.32 -15.97 37.72
N ASN A 667 9.87 -15.01 38.52
CA ASN A 667 9.42 -15.34 39.87
C ASN A 667 8.25 -16.31 39.82
N PHE A 668 7.27 -16.03 38.95
CA PHE A 668 6.14 -16.94 38.82
C PHE A 668 6.54 -18.24 38.15
N GLY A 669 7.27 -18.14 37.04
CA GLY A 669 7.75 -19.34 36.38
C GLY A 669 7.50 -19.38 34.88
N PHE A 670 6.90 -18.34 34.33
CA PHE A 670 6.65 -18.25 32.89
C PHE A 670 7.29 -16.99 32.35
N ILE A 671 8.12 -17.17 31.32
CA ILE A 671 8.77 -16.00 30.67
C ILE A 671 8.05 -15.76 29.34
N THR A 672 7.77 -14.49 29.03
CA THR A 672 7.04 -14.14 27.82
C THR A 672 7.82 -14.51 26.57
N VAL A 673 9.11 -14.20 26.54
CA VAL A 673 9.92 -14.48 25.36
C VAL A 673 11.36 -14.79 25.73
N LEU A 674 11.85 -15.92 25.28
CA LEU A 674 13.28 -16.18 25.36
C LEU A 674 13.95 -15.53 24.17
N PRO A 675 14.93 -14.65 24.38
CA PRO A 675 15.57 -13.99 23.25
C PRO A 675 16.16 -15.00 22.27
N GLY A 676 15.85 -14.80 20.99
CA GLY A 676 16.37 -15.70 19.97
C GLY A 676 17.88 -15.62 19.85
N ALA A 677 18.45 -14.47 20.24
CA ALA A 677 19.90 -14.32 20.17
C ALA A 677 20.61 -15.25 21.15
N PHE A 678 20.01 -15.49 22.30
CA PHE A 678 20.68 -16.24 23.36
C PHE A 678 19.64 -16.96 24.20
N SER A 679 19.56 -18.28 24.07
CA SER A 679 18.59 -19.06 24.84
C SER A 679 19.09 -20.50 24.92
N ALA A 680 18.49 -21.27 25.83
CA ALA A 680 18.86 -22.67 26.00
C ALA A 680 17.63 -23.50 26.28
N TYR A 681 17.55 -24.66 25.62
CA TYR A 681 16.42 -25.58 25.73
C TYR A 681 16.91 -26.97 26.06
N ARG A 682 16.30 -27.59 27.06
CA ARG A 682 16.51 -29.01 27.31
C ARG A 682 15.78 -29.80 26.23
N PHE A 683 16.51 -30.67 25.53
CA PHE A 683 16.00 -31.26 24.29
C PHE A 683 14.77 -32.11 24.55
N GLU A 684 14.82 -32.96 25.58
CA GLU A 684 13.71 -33.88 25.82
C GLU A 684 12.43 -33.14 26.16
N ALA A 685 12.54 -32.01 26.86
CA ALA A 685 11.35 -31.24 27.20
C ALA A 685 10.67 -30.69 25.95
N VAL A 686 11.44 -30.21 24.98
CA VAL A 686 10.86 -29.47 23.87
C VAL A 686 10.34 -30.38 22.76
N ARG A 687 10.78 -31.64 22.70
CA ARG A 687 10.36 -32.51 21.61
C ARG A 687 8.87 -32.80 21.66
N GLY A 688 8.28 -32.98 20.49
CA GLY A 688 6.89 -33.35 20.40
C GLY A 688 5.96 -32.21 20.01
N GLN A 689 5.03 -31.90 20.91
CA GLN A 689 4.06 -30.84 20.64
C GLN A 689 4.71 -29.49 20.34
N PRO A 690 5.72 -29.03 21.08
CA PRO A 690 6.27 -27.68 20.79
C PRO A 690 6.79 -27.53 19.37
N LEU A 691 7.66 -28.42 18.92
CA LEU A 691 8.19 -28.30 17.56
C LEU A 691 7.08 -28.45 16.53
N GLN A 692 6.08 -29.29 16.82
CA GLN A 692 4.94 -29.40 15.93
C GLN A 692 4.27 -28.04 15.73
N LYS A 693 3.92 -27.37 16.82
CA LYS A 693 3.25 -26.08 16.71
C LYS A 693 4.17 -25.03 16.09
N TYR A 694 5.47 -25.14 16.37
CA TYR A 694 6.40 -24.12 15.90
C TYR A 694 6.62 -24.21 14.41
N PHE A 695 6.72 -25.43 13.87
CA PHE A 695 7.09 -25.61 12.48
C PHE A 695 5.89 -25.80 11.55
N TYR A 696 4.74 -26.21 12.08
CA TYR A 696 3.60 -26.52 11.23
C TYR A 696 2.38 -25.69 11.52
N GLY A 697 2.15 -25.32 12.77
CA GLY A 697 0.93 -24.65 13.16
C GLY A 697 -0.16 -25.64 13.49
N GLU A 698 -1.32 -25.10 13.85
CA GLU A 698 -2.46 -25.93 14.23
C GLU A 698 -2.92 -26.70 13.00
N ILE A 699 -2.57 -28.00 12.96
CA ILE A 699 -2.94 -28.84 11.82
C ILE A 699 -4.46 -28.95 11.73
N MET A 700 -5.12 -29.03 12.89
CA MET A 700 -6.57 -29.15 12.95
C MET A 700 -7.19 -27.86 12.43
N GLU A 701 -7.67 -27.90 11.19
CA GLU A 701 -8.08 -26.73 10.44
C GLU A 701 -8.80 -27.19 9.17
N ASN A 702 -9.82 -26.43 8.78
CA ASN A 702 -10.57 -26.72 7.57
C ASN A 702 -9.86 -26.11 6.36
N GLU A 703 -10.52 -26.13 5.20
CA GLU A 703 -9.96 -25.50 4.02
C GLU A 703 -9.89 -23.99 4.18
N GLY A 704 -10.92 -23.40 4.79
CA GLY A 704 -10.93 -21.97 5.01
C GLY A 704 -9.93 -21.54 6.07
N PHE A 705 -9.69 -20.23 6.12
CA PHE A 705 -8.72 -19.67 7.05
C PHE A 705 -9.40 -19.34 8.37
N HIS A 706 -8.66 -19.56 9.45
CA HIS A 706 -9.11 -19.19 10.79
C HIS A 706 -8.11 -18.21 11.38
N PHE A 707 -8.58 -17.46 12.38
CA PHE A 707 -7.77 -16.39 12.94
C PHE A 707 -6.47 -16.93 13.51
N PHE A 708 -6.56 -17.78 14.54
CA PHE A 708 -5.35 -18.31 15.17
C PHE A 708 -4.60 -19.23 14.23
N SER A 709 -5.30 -20.16 13.59
CA SER A 709 -4.64 -21.21 12.83
C SER A 709 -3.83 -20.68 11.67
N SER A 710 -4.12 -19.46 11.21
CA SER A 710 -3.35 -18.86 10.13
C SER A 710 -2.71 -17.54 10.53
N ASN A 711 -2.80 -17.14 11.79
CA ASN A 711 -2.09 -15.96 12.27
C ASN A 711 -1.00 -16.26 13.29
N MET A 712 -0.93 -17.48 13.82
CA MET A 712 0.04 -17.72 14.88
C MET A 712 1.49 -17.57 14.40
N TYR A 713 1.73 -17.59 13.09
CA TYR A 713 3.11 -17.56 12.62
C TYR A 713 3.80 -16.25 12.92
N LEU A 714 3.05 -15.18 13.17
CA LEU A 714 3.65 -13.89 13.50
C LEU A 714 4.20 -13.84 14.92
N ALA A 715 3.89 -14.84 15.74
CA ALA A 715 4.47 -15.00 17.06
C ALA A 715 5.36 -16.23 17.06
N GLU A 716 6.15 -16.35 15.99
CA GLU A 716 6.85 -17.59 15.67
C GLU A 716 7.64 -18.10 16.85
N ASP A 717 8.37 -17.22 17.53
CA ASP A 717 9.30 -17.65 18.55
C ASP A 717 8.59 -17.82 19.89
N ARG A 718 7.82 -16.80 20.30
CA ARG A 718 7.23 -16.76 21.63
C ARG A 718 6.42 -18.02 21.92
N ILE A 719 5.72 -18.56 20.92
CA ILE A 719 4.84 -19.70 21.17
C ILE A 719 5.62 -20.85 21.79
N LEU A 720 6.87 -21.04 21.36
CA LEU A 720 7.67 -22.11 21.95
C LEU A 720 7.62 -22.04 23.46
N CYS A 721 7.90 -20.87 24.03
CA CYS A 721 7.89 -20.74 25.48
C CYS A 721 6.57 -21.21 26.05
N PHE A 722 5.46 -20.67 25.54
CA PHE A 722 4.14 -21.08 26.00
C PHE A 722 4.01 -22.59 25.98
N GLU A 723 4.40 -23.19 24.85
CA GLU A 723 4.12 -24.61 24.68
C GLU A 723 4.88 -25.45 25.68
N VAL A 724 6.07 -25.02 26.12
CA VAL A 724 6.78 -25.85 27.08
C VAL A 724 6.11 -25.78 28.43
N VAL A 725 5.55 -24.62 28.77
CA VAL A 725 5.01 -24.45 30.12
C VAL A 725 3.77 -25.31 30.30
N THR A 726 2.88 -25.32 29.31
CA THR A 726 1.62 -26.02 29.43
C THR A 726 1.62 -27.36 28.69
N LYS A 727 2.76 -28.04 28.63
CA LYS A 727 2.79 -29.35 28.01
C LYS A 727 1.99 -30.34 28.84
N LYS A 728 1.40 -31.32 28.16
CA LYS A 728 0.57 -32.30 28.82
C LYS A 728 1.39 -33.18 29.74
N ASN A 729 0.97 -33.28 31.00
CA ASN A 729 1.57 -34.18 31.98
C ASN A 729 3.04 -33.90 32.23
N CYS A 730 3.50 -32.68 31.96
CA CYS A 730 4.88 -32.30 32.21
C CYS A 730 4.91 -30.95 32.92
N ASN A 731 5.73 -30.87 33.95
CA ASN A 731 5.77 -29.69 34.82
C ASN A 731 6.97 -28.79 34.53
N TRP A 732 7.32 -28.63 33.26
CA TRP A 732 8.49 -27.81 32.91
C TRP A 732 8.24 -26.35 33.26
N ILE A 733 9.33 -25.65 33.57
CA ILE A 733 9.31 -24.23 33.89
C ILE A 733 10.44 -23.54 33.15
N LEU A 734 10.38 -22.21 33.17
CA LEU A 734 11.45 -21.38 32.56
C LEU A 734 12.14 -20.62 33.68
N LYS A 735 13.42 -20.32 33.53
CA LYS A 735 14.21 -19.63 34.55
C LYS A 735 15.04 -18.54 33.91
N TYR A 736 15.27 -17.47 34.67
CA TYR A 736 16.06 -16.32 34.23
C TYR A 736 17.24 -16.14 35.19
N CYS A 737 18.44 -16.48 34.72
CA CYS A 737 19.65 -16.38 35.52
C CYS A 737 20.40 -15.12 35.11
N ARG A 738 20.48 -14.15 36.02
CA ARG A 738 20.94 -12.82 35.65
C ARG A 738 22.44 -12.76 35.38
N SER A 739 23.23 -13.65 35.96
CA SER A 739 24.68 -13.50 35.91
C SER A 739 25.30 -14.05 34.62
N SER A 740 24.50 -14.57 33.70
CA SER A 740 24.97 -14.95 32.38
C SER A 740 24.52 -13.87 31.40
N TYR A 741 25.47 -13.19 30.78
CA TYR A 741 25.18 -12.01 29.98
C TYR A 741 25.70 -12.18 28.57
N ALA A 742 25.15 -11.38 27.66
CA ALA A 742 25.57 -11.42 26.27
C ALA A 742 25.42 -10.03 25.66
N SER A 743 26.47 -9.53 25.03
CA SER A 743 26.45 -8.20 24.44
C SER A 743 26.29 -8.29 22.93
N THR A 744 25.32 -7.55 22.40
CA THR A 744 24.97 -7.62 20.99
C THR A 744 24.92 -6.23 20.38
N ASP A 745 25.07 -6.18 19.07
CA ASP A 745 24.89 -4.95 18.32
C ASP A 745 23.41 -4.65 18.14
N VAL A 746 23.11 -3.39 17.81
CA VAL A 746 21.73 -2.94 17.68
C VAL A 746 21.63 -2.10 16.41
N PRO A 747 20.42 -1.95 15.87
CA PRO A 747 20.23 -1.02 14.76
C PRO A 747 20.60 0.39 15.17
N GLU A 748 21.21 1.13 14.25
CA GLU A 748 21.74 2.45 14.55
C GLU A 748 21.08 3.58 13.78
N ARG A 749 20.33 3.29 12.73
CA ARG A 749 19.61 4.30 11.97
C ARG A 749 18.11 4.03 12.04
N VAL A 750 17.35 5.11 11.96
CA VAL A 750 15.89 5.02 12.16
C VAL A 750 15.23 3.98 11.25
N PRO A 751 15.53 3.92 9.95
CA PRO A 751 14.85 2.91 9.11
C PRO A 751 15.03 1.49 9.60
N GLU A 752 16.28 1.07 9.86
CA GLU A 752 16.50 -0.29 10.33
C GLU A 752 15.87 -0.52 11.70
N PHE A 753 15.96 0.51 12.56
CA PHE A 753 15.36 0.38 13.92
C PHE A 753 13.87 0.08 13.79
N ILE A 754 13.16 0.85 12.95
CA ILE A 754 11.72 0.65 12.81
C ILE A 754 11.42 -0.70 12.17
N LEU A 755 12.15 -1.05 11.11
CA LEU A 755 11.93 -2.33 10.46
C LEU A 755 12.23 -3.50 11.37
N GLN A 756 13.02 -3.28 12.43
CA GLN A 756 13.23 -4.33 13.41
C GLN A 756 12.09 -4.37 14.42
N ARG A 757 11.79 -3.22 15.04
CA ARG A 757 10.74 -3.18 16.09
C ARG A 757 9.43 -3.74 15.55
N ARG A 758 9.12 -3.50 14.27
CA ARG A 758 7.84 -3.94 13.73
C ARG A 758 7.57 -5.40 14.07
N ARG A 759 8.54 -6.28 13.77
CA ARG A 759 8.36 -7.70 14.04
C ARG A 759 8.14 -7.96 15.52
N TRP A 760 8.92 -7.29 16.38
CA TRP A 760 8.79 -7.52 17.81
C TRP A 760 7.43 -7.10 18.32
N LEU A 761 6.94 -5.93 17.91
CA LEU A 761 5.64 -5.49 18.39
C LEU A 761 4.53 -6.43 17.93
N ASN A 762 4.54 -6.81 16.64
CA ASN A 762 3.49 -7.69 16.16
C ASN A 762 3.55 -9.05 16.86
N GLY A 763 4.76 -9.60 17.01
CA GLY A 763 4.89 -10.88 17.69
C GLY A 763 4.42 -10.83 19.12
N SER A 764 4.79 -9.77 19.84
CA SER A 764 4.38 -9.64 21.23
C SER A 764 2.86 -9.56 21.35
N PHE A 765 2.23 -8.74 20.51
CA PHE A 765 0.78 -8.59 20.61
C PHE A 765 0.07 -9.90 20.29
N PHE A 766 0.48 -10.56 19.20
CA PHE A 766 -0.20 -11.80 18.83
C PHE A 766 0.03 -12.90 19.85
N ALA A 767 1.26 -13.02 20.37
CA ALA A 767 1.52 -14.04 21.38
C ALA A 767 0.73 -13.76 22.65
N SER A 768 0.64 -12.50 23.06
CA SER A 768 -0.12 -12.17 24.26
C SER A 768 -1.59 -12.52 24.10
N VAL A 769 -2.18 -12.17 22.96
CA VAL A 769 -3.60 -12.47 22.78
C VAL A 769 -3.81 -13.98 22.66
N TYR A 770 -2.90 -14.69 22.00
CA TYR A 770 -3.02 -16.14 21.91
C TYR A 770 -2.93 -16.79 23.28
N SER A 771 -2.00 -16.33 24.11
CA SER A 771 -1.85 -16.90 25.45
C SER A 771 -3.09 -16.63 26.29
N PHE A 772 -3.55 -15.38 26.32
CA PHE A 772 -4.71 -15.08 27.16
C PHE A 772 -5.99 -15.70 26.64
N CYS A 773 -6.07 -15.98 25.34
CA CYS A 773 -7.28 -16.57 24.77
C CYS A 773 -7.25 -18.09 24.85
N HIS A 774 -6.21 -18.68 25.44
CA HIS A 774 -6.16 -20.13 25.61
C HIS A 774 -5.58 -20.51 26.96
N PHE A 775 -5.81 -19.69 27.99
CA PHE A 775 -5.06 -19.93 29.23
C PHE A 775 -5.50 -21.20 29.93
N TYR A 776 -6.72 -21.67 29.67
CA TYR A 776 -7.22 -22.84 30.39
C TYR A 776 -6.34 -24.06 30.19
N ARG A 777 -5.55 -24.07 29.12
CA ARG A 777 -4.62 -25.18 28.89
C ARG A 777 -3.70 -25.40 30.08
N VAL A 778 -3.37 -24.33 30.83
CA VAL A 778 -2.49 -24.48 31.97
C VAL A 778 -3.08 -25.45 32.99
N TRP A 779 -4.40 -25.50 33.10
CA TRP A 779 -5.02 -26.39 34.07
C TRP A 779 -4.97 -27.85 33.63
N SER A 780 -4.65 -28.11 32.37
CA SER A 780 -4.55 -29.47 31.87
C SER A 780 -3.14 -30.02 31.94
N SER A 781 -2.20 -29.27 32.50
CA SER A 781 -0.82 -29.72 32.63
C SER A 781 -0.62 -30.45 33.95
N GLY A 782 0.58 -30.94 34.17
CA GLY A 782 0.92 -31.71 35.35
C GLY A 782 1.45 -30.91 36.52
N HIS A 783 1.28 -29.59 36.52
CA HIS A 783 1.76 -28.76 37.62
C HIS A 783 0.96 -29.07 38.88
N ASN A 784 1.55 -28.70 40.03
CA ASN A 784 0.78 -28.74 41.27
C ASN A 784 -0.16 -27.54 41.31
N ILE A 785 -0.97 -27.47 42.37
CA ILE A 785 -2.01 -26.44 42.43
C ILE A 785 -1.40 -25.06 42.60
N GLY A 786 -0.35 -24.95 43.43
CA GLY A 786 0.24 -23.65 43.66
C GLY A 786 0.81 -23.04 42.39
N ARG A 787 1.57 -23.85 41.64
CA ARG A 787 2.12 -23.37 40.35
C ARG A 787 0.95 -22.92 39.47
N LYS A 788 -0.11 -23.73 39.39
CA LYS A 788 -1.23 -23.40 38.53
C LYS A 788 -1.82 -22.05 38.88
N LEU A 789 -2.04 -21.80 40.17
CA LEU A 789 -2.61 -20.53 40.59
C LEU A 789 -1.68 -19.38 40.25
N LEU A 790 -0.38 -19.56 40.48
CA LEU A 790 0.57 -18.50 40.17
C LEU A 790 0.59 -18.22 38.67
N LEU A 791 0.54 -19.26 37.85
CA LEU A 791 0.49 -19.05 36.41
C LEU A 791 -0.78 -18.31 36.00
N THR A 792 -1.89 -18.62 36.67
CA THR A 792 -3.13 -17.91 36.38
C THR A 792 -3.00 -16.41 36.66
N VAL A 793 -2.50 -16.06 37.85
CA VAL A 793 -2.40 -14.65 38.19
C VAL A 793 -1.41 -13.96 37.27
N GLU A 794 -0.33 -14.65 36.90
CA GLU A 794 0.63 -14.06 35.97
C GLU A 794 0.00 -13.80 34.61
N PHE A 795 -0.81 -14.74 34.12
CA PHE A 795 -1.47 -14.54 32.84
C PHE A 795 -2.37 -13.33 32.88
N PHE A 796 -3.12 -13.16 33.98
CA PHE A 796 -3.97 -11.98 34.09
C PHE A 796 -3.16 -10.71 34.10
N TYR A 797 -2.02 -10.71 34.79
CA TYR A 797 -1.17 -9.52 34.82
C TYR A 797 -0.63 -9.19 33.44
N LEU A 798 -0.20 -10.21 32.68
CA LEU A 798 0.31 -9.97 31.34
C LEU A 798 -0.78 -9.43 30.41
N PHE A 799 -2.00 -9.95 30.53
CA PHE A 799 -3.06 -9.40 29.69
C PHE A 799 -3.38 -7.96 30.10
N PHE A 800 -3.28 -7.64 31.38
CA PHE A 800 -3.45 -6.25 31.78
C PHE A 800 -2.39 -5.37 31.14
N ASN A 801 -1.14 -5.87 31.08
CA ASN A 801 -0.08 -5.16 30.37
C ASN A 801 -0.47 -4.90 28.91
N THR A 802 -0.88 -5.94 28.19
CA THR A 802 -1.14 -5.75 26.77
C THR A 802 -2.34 -4.82 26.55
N LEU A 803 -3.34 -4.86 27.44
CA LEU A 803 -4.47 -3.97 27.29
C LEU A 803 -4.07 -2.52 27.54
N ILE A 804 -3.34 -2.26 28.63
CA ILE A 804 -2.95 -0.88 28.93
C ILE A 804 -2.04 -0.34 27.84
N SER A 805 -1.22 -1.21 27.22
CA SER A 805 -0.42 -0.75 26.11
C SER A 805 -1.26 -0.52 24.85
N TRP A 806 -2.39 -1.20 24.72
CA TRP A 806 -3.22 -1.00 23.54
C TRP A 806 -3.84 0.40 23.51
N PHE A 807 -4.15 0.95 24.68
CA PHE A 807 -4.82 2.29 24.71
C PHE A 807 -3.80 3.37 25.09
N SER A 808 -2.52 3.15 24.75
CA SER A 808 -1.46 4.13 25.11
C SER A 808 -1.57 5.39 24.24
N LEU A 809 -1.83 5.23 22.94
CA LEU A 809 -1.87 6.41 22.02
C LEU A 809 -2.90 7.42 22.53
N SER A 810 -4.11 6.96 22.84
CA SER A 810 -5.19 7.89 23.30
C SER A 810 -4.71 8.65 24.54
N SER A 811 -4.16 7.92 25.52
CA SER A 811 -3.66 8.57 26.76
C SER A 811 -2.60 9.62 26.42
N PHE A 812 -1.71 9.29 25.49
CA PHE A 812 -0.62 10.24 25.11
C PHE A 812 -1.22 11.60 24.78
N PHE A 813 -2.07 11.66 23.75
CA PHE A 813 -2.64 12.96 23.33
C PHE A 813 -3.56 13.51 24.43
N LEU A 814 -4.36 12.63 25.04
CA LEU A 814 -5.34 13.10 26.07
C LEU A 814 -4.58 13.85 27.17
N VAL A 815 -3.46 13.30 27.65
CA VAL A 815 -2.67 13.96 28.73
C VAL A 815 -2.12 15.29 28.19
N PHE A 816 -1.36 15.23 27.10
CA PHE A 816 -0.74 16.46 26.53
C PHE A 816 -1.78 17.58 26.45
N ARG A 817 -2.93 17.29 25.83
CA ARG A 817 -3.97 18.35 25.64
C ARG A 817 -4.41 18.87 27.01
N ILE A 818 -4.69 17.97 27.95
CA ILE A 818 -5.21 18.40 29.28
C ILE A 818 -4.17 19.33 29.93
N LEU A 819 -2.91 18.90 30.00
CA LEU A 819 -1.88 19.72 30.68
C LEU A 819 -1.73 21.07 29.97
N THR A 820 -1.61 21.05 28.64
CA THR A 820 -1.37 22.32 27.89
C THR A 820 -2.54 23.28 28.12
N VAL A 821 -3.77 22.80 27.98
CA VAL A 821 -4.98 23.67 28.15
C VAL A 821 -5.05 24.13 29.60
N SER A 822 -4.85 23.19 30.54
CA SER A 822 -4.89 23.54 31.99
C SER A 822 -3.98 24.74 32.24
N ILE A 823 -2.69 24.60 31.93
CA ILE A 823 -1.74 25.70 32.16
C ILE A 823 -2.18 26.97 31.42
N ALA A 824 -2.61 26.85 30.16
CA ALA A 824 -2.97 28.04 29.42
C ALA A 824 -4.12 28.77 30.08
N LEU A 825 -5.15 28.02 30.50
CA LEU A 825 -6.23 28.63 31.27
C LEU A 825 -5.70 29.22 32.56
N ALA A 826 -4.68 28.61 33.15
CA ALA A 826 -4.20 29.07 34.45
C ALA A 826 -3.59 30.46 34.36
N TYR A 827 -2.67 30.67 33.41
CA TYR A 827 -1.77 31.83 33.54
C TYR A 827 -1.84 32.86 32.42
N HIS A 828 -2.28 32.50 31.22
CA HIS A 828 -2.67 33.40 30.15
C HIS A 828 -1.49 34.06 29.43
N SER A 829 -0.26 33.89 29.87
CA SER A 829 0.80 34.77 29.39
C SER A 829 1.15 34.51 27.93
N ALA A 830 1.71 33.34 27.65
CA ALA A 830 2.03 33.00 26.28
C ALA A 830 1.84 31.52 25.98
N PHE A 831 1.30 30.77 26.94
CA PHE A 831 0.99 29.34 26.69
C PHE A 831 -0.21 29.27 25.74
N ASN A 832 -0.98 30.35 25.65
CA ASN A 832 -2.20 30.37 24.79
C ASN A 832 -1.82 30.06 23.34
N VAL A 833 -0.93 30.88 22.76
CA VAL A 833 -0.49 30.65 21.36
C VAL A 833 0.23 29.31 21.29
N LEU A 834 1.08 29.01 22.28
CA LEU A 834 1.84 27.73 22.28
C LEU A 834 0.85 26.57 22.22
N SER A 835 -0.20 26.62 23.03
CA SER A 835 -1.17 25.48 23.07
C SER A 835 -1.70 25.21 21.67
N VAL A 836 -2.16 26.25 20.98
CA VAL A 836 -2.75 26.06 19.61
C VAL A 836 -1.68 25.48 18.70
N ILE A 837 -0.46 26.05 18.71
CA ILE A 837 0.61 25.58 17.79
C ILE A 837 0.90 24.11 18.06
N PHE A 838 1.07 23.74 19.33
CA PHE A 838 1.45 22.33 19.66
C PHE A 838 0.36 21.38 19.15
N LEU A 839 -0.91 21.74 19.35
CA LEU A 839 -2.02 20.86 18.90
C LEU A 839 -1.87 20.61 17.40
N TRP A 840 -1.69 21.67 16.63
CA TRP A 840 -1.58 21.53 15.14
C TRP A 840 -0.37 20.65 14.80
N LEU A 841 0.76 20.88 15.48
CA LEU A 841 1.99 20.09 15.18
C LEU A 841 1.69 18.61 15.39
N TYR A 842 1.10 18.26 16.54
CA TYR A 842 0.83 16.83 16.85
C TYR A 842 -0.09 16.24 15.77
N GLY A 843 -1.15 16.97 15.42
CA GLY A 843 -2.11 16.46 14.42
C GLY A 843 -1.42 16.16 13.11
N ILE A 844 -0.63 17.12 12.60
CA ILE A 844 0.04 16.92 11.28
C ILE A 844 0.98 15.72 11.37
N CYS A 845 1.78 15.64 12.43
CA CYS A 845 2.74 14.52 12.59
C CYS A 845 1.98 13.19 12.65
N THR A 846 0.92 13.13 13.44
CA THR A 846 0.13 11.86 13.58
C THR A 846 -0.43 11.46 12.21
N LEU A 847 -1.00 12.42 11.47
CA LEU A 847 -1.60 12.12 10.15
C LEU A 847 -0.50 11.67 9.19
N SER A 848 0.55 12.49 9.02
CA SER A 848 1.61 12.18 8.08
C SER A 848 2.19 10.80 8.36
N THR A 849 2.34 10.44 9.64
CA THR A 849 2.86 9.12 9.98
C THR A 849 1.91 8.03 9.50
N PHE A 850 0.61 8.22 9.70
CA PHE A 850 -0.36 7.26 9.18
C PHE A 850 -0.20 7.08 7.68
N ILE A 851 -0.20 8.19 6.93
CA ILE A 851 -0.14 8.09 5.49
C ILE A 851 1.14 7.39 5.04
N LEU A 852 2.27 7.81 5.60
CA LEU A 852 3.54 7.25 5.17
C LEU A 852 3.66 5.78 5.52
N SER A 853 3.23 5.39 6.72
CA SER A 853 3.33 3.99 7.10
C SER A 853 2.39 3.12 6.29
N LEU A 854 1.22 3.64 5.90
CA LEU A 854 0.32 2.82 5.11
C LEU A 854 0.78 2.69 3.66
N GLY A 855 1.30 3.77 3.08
CA GLY A 855 1.60 3.74 1.66
C GLY A 855 3.06 3.55 1.29
N ASN A 856 3.95 4.19 2.03
CA ASN A 856 5.35 4.27 1.65
C ASN A 856 6.18 3.24 2.42
N LYS A 857 7.50 3.30 2.26
CA LYS A 857 8.45 2.46 2.96
C LYS A 857 9.45 3.32 3.70
N PRO A 858 9.97 2.85 4.84
CA PRO A 858 10.94 3.66 5.59
C PRO A 858 12.22 3.94 4.81
N LYS A 859 12.63 3.02 3.94
CA LYS A 859 13.90 3.21 3.23
C LYS A 859 13.87 4.44 2.34
N SER A 860 12.76 4.69 1.65
CA SER A 860 12.69 5.80 0.71
C SER A 860 12.76 7.14 1.44
N THR A 861 11.97 7.30 2.50
CA THR A 861 11.86 8.56 3.22
C THR A 861 12.42 8.41 4.62
N GLU A 862 13.70 8.77 4.78
CA GLU A 862 14.35 8.71 6.09
C GLU A 862 14.32 10.06 6.81
N LYS A 863 14.43 11.16 6.06
CA LYS A 863 14.54 12.47 6.69
C LYS A 863 13.31 12.79 7.52
N PHE A 864 12.12 12.49 6.99
CA PHE A 864 10.90 12.87 7.67
C PHE A 864 10.75 12.17 9.00
N TYR A 865 11.17 10.91 9.08
CA TYR A 865 11.07 10.19 10.35
C TYR A 865 11.96 10.84 11.41
N VAL A 866 13.16 11.25 11.02
CA VAL A 866 14.05 11.94 11.95
C VAL A 866 13.41 13.24 12.41
N LEU A 867 12.82 13.99 11.48
CA LEU A 867 12.14 15.23 11.86
C LEU A 867 10.99 14.96 12.82
N THR A 868 10.24 13.88 12.57
CA THR A 868 9.13 13.51 13.44
C THR A 868 9.62 13.22 14.85
N CYS A 869 10.70 12.47 14.96
CA CYS A 869 11.26 12.18 16.28
C CYS A 869 11.70 13.46 16.97
N VAL A 870 12.30 14.39 16.22
CA VAL A 870 12.72 15.66 16.81
C VAL A 870 11.51 16.43 17.32
N ILE A 871 10.43 16.47 16.53
CA ILE A 871 9.24 17.19 16.95
C ILE A 871 8.65 16.60 18.21
N PHE A 872 8.60 15.26 18.28
CA PHE A 872 8.06 14.63 19.48
C PHE A 872 8.95 14.90 20.68
N ALA A 873 10.27 14.95 20.48
CA ALA A 873 11.17 15.30 21.57
C ALA A 873 10.88 16.71 22.08
N VAL A 874 10.66 17.66 21.16
CA VAL A 874 10.34 19.03 21.57
C VAL A 874 9.04 19.05 22.35
N MET A 875 8.04 18.31 21.88
CA MET A 875 6.76 18.27 22.58
C MET A 875 6.91 17.71 23.98
N MET A 876 7.71 16.66 24.13
CA MET A 876 7.95 16.10 25.47
C MET A 876 8.67 17.10 26.35
N ILE A 877 9.63 17.85 25.78
CA ILE A 877 10.33 18.88 26.55
C ILE A 877 9.34 19.90 27.09
N TYR A 878 8.44 20.37 26.24
CA TYR A 878 7.45 21.35 26.69
C TYR A 878 6.52 20.75 27.73
N MET A 879 6.17 19.47 27.56
CA MET A 879 5.27 18.81 28.55
C MET A 879 5.95 18.80 29.93
N ILE A 880 7.25 18.48 29.97
CA ILE A 880 7.98 18.44 31.24
C ILE A 880 8.09 19.84 31.82
N PHE A 881 8.34 20.84 30.98
CA PHE A 881 8.44 22.20 31.47
C PHE A 881 7.13 22.65 32.11
N CYS A 882 6.01 22.36 31.45
CA CYS A 882 4.71 22.72 32.02
C CYS A 882 4.49 22.03 33.35
N SER A 883 4.83 20.75 33.43
CA SER A 883 4.62 20.01 34.67
C SER A 883 5.40 20.63 35.82
N ILE A 884 6.70 20.88 35.60
CA ILE A 884 7.51 21.43 36.69
C ILE A 884 7.06 22.85 37.02
N PHE A 885 6.63 23.61 36.02
CA PHE A 885 6.21 24.98 36.24
C PHE A 885 4.98 25.03 37.13
N MET A 886 3.98 24.21 36.82
CA MET A 886 2.79 24.14 37.65
C MET A 886 3.12 23.63 39.04
N SER A 887 4.00 22.63 39.14
CA SER A 887 4.35 22.12 40.46
C SER A 887 4.97 23.22 41.32
N VAL A 888 5.91 23.96 40.77
CA VAL A 888 6.58 25.01 41.53
C VAL A 888 5.59 26.08 41.94
N LYS A 889 4.74 26.51 41.00
CA LYS A 889 3.79 27.57 41.32
C LYS A 889 2.79 27.12 42.38
N SER A 890 2.33 25.87 42.30
CA SER A 890 1.40 25.37 43.30
C SER A 890 2.07 25.25 44.66
N PHE A 891 3.35 24.85 44.69
CA PHE A 891 4.07 24.83 45.96
C PHE A 891 4.15 26.21 46.57
N GLN A 892 4.45 27.23 45.76
CA GLN A 892 4.48 28.59 46.28
C GLN A 892 3.11 29.01 46.79
N ASN A 893 2.06 28.69 46.04
CA ASN A 893 0.71 29.10 46.45
C ASN A 893 0.31 28.45 47.76
N ILE A 894 0.59 27.15 47.92
CA ILE A 894 0.27 26.49 49.18
C ILE A 894 1.18 26.99 50.30
N LEU A 895 2.38 27.46 49.95
CA LEU A 895 3.22 28.11 50.96
C LEU A 895 2.58 29.39 51.45
N THR A 908 -3.24 22.62 39.73
CA THR A 908 -4.02 22.51 40.95
C THR A 908 -3.48 21.40 41.85
N GLU A 909 -4.28 21.04 42.85
CA GLU A 909 -3.85 20.09 43.88
C GLU A 909 -3.61 18.70 43.29
N ALA A 910 -4.48 18.27 42.38
CA ALA A 910 -4.28 16.99 41.71
C ALA A 910 -2.95 16.96 40.98
N PHE A 911 -2.46 18.11 40.53
CA PHE A 911 -1.17 18.13 39.85
C PHE A 911 0.00 18.11 40.83
N ARG A 912 -0.21 18.58 42.06
CA ARG A 912 0.75 18.28 43.11
C ARG A 912 0.78 16.77 43.34
N ASP A 913 -0.38 16.13 43.29
CA ASP A 913 -0.41 14.66 43.39
C ASP A 913 0.33 14.01 42.22
N ILE A 914 0.19 14.57 41.02
CA ILE A 914 0.87 13.96 39.87
C ILE A 914 2.37 14.07 40.01
N VAL A 915 2.86 15.20 40.53
CA VAL A 915 4.32 15.31 40.69
C VAL A 915 4.79 14.38 41.80
N ILE A 916 3.98 14.19 42.84
CA ILE A 916 4.29 13.14 43.82
C ILE A 916 4.45 11.79 43.13
N SER A 917 3.48 11.43 42.28
CA SER A 917 3.48 10.10 41.67
C SER A 917 4.65 9.95 40.69
N LEU A 918 4.98 10.99 39.95
CA LEU A 918 6.10 10.91 39.01
C LEU A 918 7.43 10.80 39.75
N GLY A 919 7.60 11.57 40.83
CA GLY A 919 8.75 11.36 41.68
C GLY A 919 8.80 9.95 42.23
N SER A 920 7.64 9.41 42.58
CA SER A 920 7.57 8.04 43.07
C SER A 920 8.09 7.06 42.04
N THR A 921 7.62 7.16 40.80
CA THR A 921 8.04 6.19 39.79
C THR A 921 9.52 6.35 39.47
N TYR A 922 10.03 7.58 39.43
CA TYR A 922 11.46 7.76 39.15
C TYR A 922 12.31 7.17 40.28
N CYS A 923 11.93 7.44 41.54
CA CYS A 923 12.69 6.90 42.66
C CYS A 923 12.61 5.37 42.72
N LEU A 924 11.46 4.79 42.38
CA LEU A 924 11.37 3.34 42.35
C LEU A 924 12.25 2.76 41.25
N TYR A 925 12.31 3.41 40.09
CA TYR A 925 13.26 2.99 39.05
C TYR A 925 14.69 3.02 39.59
N LEU A 926 15.04 4.10 40.29
CA LEU A 926 16.39 4.22 40.83
C LEU A 926 16.70 3.12 41.84
N ILE A 927 15.76 2.85 42.75
CA ILE A 927 15.97 1.82 43.75
C ILE A 927 16.11 0.45 43.09
N SER A 928 15.27 0.18 42.09
CA SER A 928 15.36 -1.09 41.38
C SER A 928 16.73 -1.26 40.73
N SER A 929 17.23 -0.19 40.10
CA SER A 929 18.58 -0.27 39.52
C SER A 929 19.63 -0.48 40.60
N ILE A 930 19.47 0.18 41.75
CA ILE A 930 20.45 0.06 42.83
C ILE A 930 20.54 -1.37 43.32
N ILE A 931 19.39 -2.03 43.48
CA ILE A 931 19.40 -3.39 44.01
C ILE A 931 20.20 -4.32 43.10
N TYR A 932 20.02 -4.18 41.79
CA TYR A 932 20.65 -5.09 40.83
C TYR A 932 22.16 -4.93 40.74
N LEU A 933 22.71 -3.84 41.28
CA LEU A 933 24.15 -3.56 41.26
C LEU A 933 24.68 -3.27 39.87
N GLN A 934 23.86 -2.67 39.00
CA GLN A 934 24.34 -2.10 37.74
C GLN A 934 23.68 -0.74 37.57
N PRO A 935 24.08 0.25 38.38
CA PRO A 935 23.37 1.54 38.43
C PRO A 935 23.94 2.64 37.54
N TRP A 936 24.88 2.31 36.67
CA TRP A 936 25.42 3.31 35.71
C TRP A 936 24.48 3.39 34.51
N HIS A 937 23.60 2.40 34.35
CA HIS A 937 22.65 2.37 33.20
C HIS A 937 21.75 3.61 33.26
N MET A 938 21.32 4.01 34.46
CA MET A 938 20.49 5.22 34.61
C MET A 938 21.28 6.43 34.07
N LEU A 939 22.60 6.38 34.16
CA LEU A 939 23.46 7.51 33.69
C LEU A 939 23.72 7.38 32.19
N THR A 940 23.32 6.26 31.58
CA THR A 940 23.60 6.03 30.14
C THR A 940 22.55 6.77 29.30
N SER A 941 22.49 8.10 29.42
CA SER A 941 21.55 8.92 28.62
C SER A 941 20.12 8.37 28.75
N PHE A 942 19.70 8.03 29.98
CA PHE A 942 18.29 7.60 30.18
C PHE A 942 17.38 8.78 29.79
N ILE A 943 17.84 10.01 30.05
CA ILE A 943 17.07 11.22 29.67
C ILE A 943 16.93 11.24 28.13
N GLN A 944 17.99 10.85 27.42
CA GLN A 944 17.92 10.77 25.94
C GLN A 944 16.75 9.87 25.56
N TYR A 945 16.61 8.73 26.24
CA TYR A 945 15.46 7.83 25.97
C TYR A 945 14.15 8.59 26.26
N ILE A 946 14.10 9.31 27.37
CA ILE A 946 12.86 10.05 27.76
C ILE A 946 12.46 10.96 26.60
N LEU A 947 13.44 11.64 25.99
CA LEU A 947 13.16 12.55 24.85
C LEU A 947 12.61 11.72 23.68
N LEU A 948 13.20 10.54 23.44
CA LEU A 948 12.76 9.69 22.30
C LEU A 948 11.47 8.95 22.67
N SER A 949 11.12 8.92 23.97
CA SER A 949 9.93 8.17 24.42
C SER A 949 8.72 8.48 23.53
N PRO A 950 8.28 9.75 23.41
CA PRO A 950 7.08 10.04 22.64
C PRO A 950 7.13 9.34 21.28
N SER A 951 8.28 9.35 20.62
CA SER A 951 8.42 8.72 19.27
C SER A 951 7.94 7.26 19.35
N TYR A 952 8.44 6.50 20.32
CA TYR A 952 8.06 5.08 20.44
C TYR A 952 6.54 4.99 20.65
N ILE A 953 5.98 5.93 21.41
CA ILE A 953 4.53 5.90 21.72
C ILE A 953 3.70 6.28 20.48
N ASN A 954 4.24 7.11 19.59
CA ASN A 954 3.41 7.60 18.45
C ASN A 954 4.08 7.34 17.09
N VAL A 955 5.08 6.46 17.02
CA VAL A 955 5.66 6.15 15.71
C VAL A 955 5.81 4.64 15.53
N LEU A 956 6.44 3.98 16.50
CA LEU A 956 6.65 2.52 16.41
C LEU A 956 5.29 1.81 16.39
N ASN A 957 4.34 2.25 17.23
CA ASN A 957 3.05 1.59 17.32
C ASN A 957 2.28 1.71 16.01
N ILE A 958 2.25 2.91 15.44
CA ILE A 958 1.47 3.12 14.21
C ILE A 958 2.04 2.29 13.07
N TYR A 959 3.37 2.28 12.93
CA TYR A 959 3.96 1.46 11.88
C TYR A 959 3.69 -0.02 12.10
N ALA A 960 3.80 -0.47 13.36
CA ALA A 960 3.57 -1.88 13.66
C ALA A 960 2.16 -2.29 13.31
N PHE A 961 1.17 -1.47 13.64
CA PHE A 961 -0.20 -1.81 13.29
C PHE A 961 -0.52 -1.58 11.82
N CYS A 962 0.26 -0.76 11.13
CA CYS A 962 0.00 -0.49 9.72
C CYS A 962 0.75 -1.40 8.78
N ASN A 963 1.64 -2.25 9.27
CA ASN A 963 2.34 -3.20 8.42
C ASN A 963 2.32 -4.60 9.04
N VAL A 964 1.13 -5.04 9.42
CA VAL A 964 0.98 -6.24 10.24
C VAL A 964 1.53 -7.47 9.51
N HIS A 965 1.10 -7.70 8.27
CA HIS A 965 1.35 -8.97 7.61
C HIS A 965 2.44 -8.95 6.54
N ASP A 966 2.82 -7.78 6.03
CA ASP A 966 3.81 -7.69 4.94
C ASP A 966 3.34 -8.49 3.73
N LEU A 967 2.25 -8.04 3.15
CA LEU A 967 1.70 -8.71 1.98
C LEU A 967 2.49 -8.35 0.72
N SER A 968 2.30 -9.16 -0.32
CA SER A 968 2.88 -8.89 -1.63
C SER A 968 1.90 -9.45 -2.66
N SER A 1027 -5.81 -18.51 -7.67
CA SER A 1027 -5.04 -19.51 -6.92
C SER A 1027 -5.13 -19.33 -5.42
N TYR A 1028 -4.70 -20.37 -4.69
CA TYR A 1028 -4.68 -20.33 -3.23
C TYR A 1028 -3.89 -19.13 -2.72
N ASP A 1029 -2.80 -18.77 -3.41
CA ASP A 1029 -1.99 -17.65 -2.96
C ASP A 1029 -2.77 -16.34 -2.98
N GLU A 1030 -3.57 -16.12 -4.02
CA GLU A 1030 -4.33 -14.88 -4.11
C GLU A 1030 -5.43 -14.82 -3.06
N LYS A 1031 -6.10 -15.94 -2.79
CA LYS A 1031 -7.09 -15.96 -1.73
C LYS A 1031 -6.44 -15.68 -0.38
N LYS A 1032 -5.29 -16.30 -0.13
CA LYS A 1032 -4.56 -16.06 1.11
C LYS A 1032 -4.16 -14.60 1.24
N THR A 1033 -3.67 -14.00 0.15
CA THR A 1033 -3.27 -12.60 0.18
C THR A 1033 -4.47 -11.71 0.43
N GLY A 1034 -5.61 -12.02 -0.19
CA GLY A 1034 -6.80 -11.25 0.07
C GLY A 1034 -7.24 -11.33 1.53
N TYR A 1035 -7.17 -12.52 2.12
CA TYR A 1035 -7.50 -12.66 3.52
C TYR A 1035 -6.55 -11.86 4.40
N TYR A 1036 -5.26 -11.91 4.08
CA TYR A 1036 -4.27 -11.16 4.86
C TYR A 1036 -4.54 -9.66 4.77
N ALA A 1037 -4.83 -9.16 3.56
CA ALA A 1037 -5.10 -7.74 3.40
C ALA A 1037 -6.37 -7.35 4.14
N ASN A 1038 -7.38 -8.21 4.13
CA ASN A 1038 -8.62 -7.90 4.84
C ASN A 1038 -8.38 -7.82 6.34
N VAL A 1039 -7.65 -8.79 6.90
CA VAL A 1039 -7.44 -8.77 8.35
C VAL A 1039 -6.51 -7.64 8.74
N ARG A 1040 -5.61 -7.22 7.83
CA ARG A 1040 -4.72 -6.12 8.16
C ARG A 1040 -5.48 -4.81 8.32
N SER A 1041 -6.38 -4.51 7.39
CA SER A 1041 -7.09 -3.24 7.42
C SER A 1041 -8.30 -3.26 8.34
N LEU A 1042 -8.45 -4.28 9.17
CA LEU A 1042 -9.53 -4.33 10.14
C LEU A 1042 -9.06 -4.06 11.55
N VAL A 1043 -7.82 -4.40 11.88
CA VAL A 1043 -7.28 -4.10 13.21
C VAL A 1043 -7.09 -2.60 13.37
N ILE A 1044 -6.60 -1.93 12.32
CA ILE A 1044 -6.30 -0.51 12.41
C ILE A 1044 -7.56 0.28 12.76
N ILE A 1045 -8.65 0.02 12.05
CA ILE A 1045 -9.88 0.76 12.28
C ILE A 1045 -10.35 0.58 13.71
N PHE A 1046 -10.29 -0.65 14.22
CA PHE A 1046 -10.66 -0.90 15.60
C PHE A 1046 -9.79 -0.08 16.54
N TRP A 1047 -8.48 -0.04 16.27
CA TRP A 1047 -7.56 0.70 17.12
C TRP A 1047 -7.96 2.18 17.21
N VAL A 1048 -8.13 2.80 16.05
CA VAL A 1048 -8.48 4.26 16.01
C VAL A 1048 -9.82 4.49 16.71
N ILE A 1049 -10.84 3.67 16.40
CA ILE A 1049 -12.16 3.91 16.97
C ILE A 1049 -12.13 3.77 18.49
N THR A 1050 -11.48 2.71 18.99
CA THR A 1050 -11.45 2.50 20.43
C THR A 1050 -10.70 3.63 21.14
N ASN A 1051 -9.57 4.09 20.58
CA ASN A 1051 -8.89 5.20 21.23
C ASN A 1051 -9.73 6.47 21.19
N PHE A 1052 -10.36 6.75 20.06
CA PHE A 1052 -11.12 7.98 19.96
C PHE A 1052 -12.36 7.94 20.84
N ILE A 1053 -12.87 6.75 21.16
CA ILE A 1053 -14.01 6.69 22.08
C ILE A 1053 -13.61 7.22 23.44
N ILE A 1054 -12.43 6.84 23.92
CA ILE A 1054 -11.92 7.36 25.19
C ILE A 1054 -11.72 8.86 25.09
N VAL A 1055 -11.11 9.32 23.99
CA VAL A 1055 -10.84 10.75 23.86
C VAL A 1055 -12.14 11.55 23.86
N ALA A 1056 -13.17 11.04 23.20
CA ALA A 1056 -14.45 11.73 23.14
C ALA A 1056 -15.15 11.72 24.48
N VAL A 1057 -15.10 10.59 25.18
CA VAL A 1057 -15.74 10.51 26.49
C VAL A 1057 -15.10 11.50 27.45
N VAL A 1058 -13.77 11.65 27.38
CA VAL A 1058 -13.09 12.47 28.37
C VAL A 1058 -13.13 13.95 27.98
N LEU A 1059 -12.50 14.32 26.86
CA LEU A 1059 -12.47 15.73 26.49
C LEU A 1059 -13.82 16.27 26.07
N GLU A 1060 -14.78 15.41 25.77
CA GLU A 1060 -16.10 15.84 25.34
C GLU A 1060 -16.00 16.59 24.00
N THR A 1061 -15.41 15.90 23.02
CA THR A 1061 -15.41 16.34 21.64
C THR A 1061 -16.42 15.51 20.84
N GLY A 1062 -16.41 15.66 19.53
CA GLY A 1062 -17.28 14.86 18.70
C GLY A 1062 -18.74 15.20 18.80
N GLY A 1063 -19.07 16.43 19.19
CA GLY A 1063 -20.44 16.86 19.32
C GLY A 1063 -21.09 16.56 20.65
N ILE A 1064 -20.40 15.83 21.52
CA ILE A 1064 -20.98 15.48 22.82
C ILE A 1064 -21.27 16.75 23.61
N ALA A 1065 -20.33 17.69 23.63
CA ALA A 1065 -20.55 18.95 24.33
C ALA A 1065 -21.72 19.71 23.74
N ASP A 1066 -21.81 19.76 22.41
CA ASP A 1066 -22.91 20.45 21.76
C ASP A 1066 -24.24 19.81 22.15
N TYR A 1067 -24.28 18.48 22.15
CA TYR A 1067 -25.48 17.75 22.52
C TYR A 1067 -25.89 18.04 23.95
N ILE A 1068 -24.94 18.03 24.88
CA ILE A 1068 -25.26 18.30 26.28
C ILE A 1068 -25.78 19.72 26.44
N ALA A 1069 -25.08 20.68 25.85
CA ALA A 1069 -25.46 22.08 26.03
C ALA A 1069 -26.84 22.34 25.48
N MET A 1070 -27.15 21.75 24.33
CA MET A 1070 -28.44 22.03 23.73
C MET A 1070 -29.56 21.20 24.36
N LYS A 1071 -29.25 20.05 24.96
CA LYS A 1071 -30.24 19.40 25.84
C LYS A 1071 -30.56 20.28 27.03
N SER A 1072 -29.54 20.94 27.60
CA SER A 1072 -29.81 21.88 28.67
C SER A 1072 -30.59 23.09 28.18
N ILE A 1073 -30.37 23.50 26.92
CA ILE A 1073 -31.19 24.55 26.32
C ILE A 1073 -32.65 24.11 26.27
N SER A 1074 -32.88 22.81 25.99
CA SER A 1074 -34.25 22.30 25.92
C SER A 1074 -35.02 22.56 27.21
N THR A 1075 -34.33 22.64 28.34
CA THR A 1075 -34.97 22.93 29.62
C THR A 1075 -35.59 24.33 29.63
N ILE A 1087 -20.88 26.08 25.30
CA ILE A 1087 -20.35 24.83 25.90
C ILE A 1087 -19.16 25.18 26.80
N PRO A 1088 -18.87 24.40 27.86
CA PRO A 1088 -17.80 24.75 28.80
C PRO A 1088 -16.41 24.57 28.19
N LEU A 1089 -15.38 25.15 28.82
CA LEU A 1089 -13.99 25.05 28.30
C LEU A 1089 -13.26 23.88 28.98
N MET A 1090 -13.82 23.36 30.07
CA MET A 1090 -13.14 22.25 30.81
C MET A 1090 -14.09 21.67 31.87
N THR A 1091 -14.01 20.36 32.13
CA THR A 1091 -14.84 19.71 33.14
C THR A 1091 -13.97 18.96 34.13
N SER A 1092 -14.63 18.38 35.15
CA SER A 1092 -13.91 17.59 36.13
C SER A 1092 -13.45 16.24 35.59
N LYS A 1093 -14.02 15.81 34.46
CA LYS A 1093 -13.62 14.55 33.85
C LYS A 1093 -12.13 14.53 33.55
N ALA A 1094 -11.59 15.64 33.07
CA ALA A 1094 -10.17 15.69 32.76
C ALA A 1094 -9.33 15.46 34.01
N SER A 1095 -9.71 16.11 35.11
CA SER A 1095 -8.98 15.93 36.36
C SER A 1095 -9.02 14.49 36.81
N ILE A 1096 -10.21 13.87 36.76
CA ILE A 1096 -10.33 12.49 37.20
C ILE A 1096 -9.47 11.57 36.36
N TYR A 1097 -9.56 11.71 35.03
CA TYR A 1097 -8.77 10.88 34.15
C TYR A 1097 -7.28 11.02 34.40
N PHE A 1098 -6.83 12.26 34.56
CA PHE A 1098 -5.40 12.49 34.71
C PHE A 1098 -4.91 11.86 36.01
N ASN A 1099 -5.72 11.97 37.09
CA ASN A 1099 -5.34 11.30 38.33
C ASN A 1099 -5.26 9.79 38.13
N VAL A 1100 -6.23 9.23 37.41
CA VAL A 1100 -6.28 7.77 37.25
C VAL A 1100 -5.07 7.26 36.49
N ILE A 1101 -4.64 7.97 35.44
CA ILE A 1101 -3.57 7.42 34.61
C ILE A 1101 -2.27 7.25 35.41
N LEU A 1102 -1.94 8.23 36.26
CA LEU A 1102 -0.73 8.06 37.04
C LEU A 1102 -0.96 7.17 38.25
N TRP A 1103 -2.20 7.05 38.72
CA TRP A 1103 -2.50 5.97 39.65
C TRP A 1103 -2.05 4.64 39.07
N LEU A 1104 -2.42 4.37 37.82
CA LEU A 1104 -2.04 3.12 37.16
C LEU A 1104 -0.53 3.01 36.97
N VAL A 1105 0.11 4.10 36.56
CA VAL A 1105 1.56 4.03 36.34
C VAL A 1105 2.28 3.68 37.65
N ALA A 1106 1.88 4.33 38.75
CA ALA A 1106 2.46 4.02 40.04
C ALA A 1106 2.21 2.57 40.42
N LEU A 1107 1.01 2.06 40.16
CA LEU A 1107 0.71 0.67 40.48
C LEU A 1107 1.64 -0.28 39.75
N SER A 1108 1.81 -0.05 38.44
CA SER A 1108 2.67 -0.94 37.65
C SER A 1108 4.10 -0.89 38.16
N ALA A 1109 4.62 0.31 38.39
CA ALA A 1109 5.98 0.42 38.91
C ALA A 1109 6.13 -0.31 40.23
N LEU A 1110 5.12 -0.20 41.11
CA LEU A 1110 5.20 -0.81 42.43
C LEU A 1110 5.21 -2.32 42.34
N ILE A 1111 4.30 -2.91 41.57
CA ILE A 1111 4.25 -4.36 41.48
C ILE A 1111 5.54 -4.89 40.87
N ARG A 1112 6.10 -4.17 39.89
CA ARG A 1112 7.31 -4.64 39.24
C ARG A 1112 8.51 -4.56 40.18
N PHE A 1113 8.57 -3.49 40.97
CA PHE A 1113 9.63 -3.36 41.95
C PHE A 1113 9.56 -4.49 42.98
N ILE A 1114 8.36 -4.81 43.45
CA ILE A 1114 8.22 -5.88 44.43
C ILE A 1114 8.70 -7.19 43.83
N GLY A 1115 8.31 -7.47 42.58
CA GLY A 1115 8.77 -8.69 41.94
C GLY A 1115 10.28 -8.77 41.84
N CYS A 1116 10.89 -7.67 41.40
CA CYS A 1116 12.38 -7.64 41.25
C CYS A 1116 13.03 -7.99 42.59
N SER A 1117 12.57 -7.37 43.67
CA SER A 1117 13.15 -7.63 45.01
C SER A 1117 13.06 -9.13 45.33
N ILE A 1118 11.89 -9.73 45.10
CA ILE A 1118 11.69 -11.18 45.41
C ILE A 1118 12.73 -12.00 44.65
N TYR A 1119 12.87 -11.73 43.34
CA TYR A 1119 13.84 -12.48 42.51
C TYR A 1119 15.24 -12.35 43.10
N MET A 1120 15.66 -11.12 43.40
CA MET A 1120 17.01 -10.88 43.95
C MET A 1120 17.14 -11.58 45.31
N ILE A 1121 16.10 -11.48 46.15
CA ILE A 1121 16.14 -12.08 47.52
C ILE A 1121 16.34 -13.59 47.39
N VAL A 1122 15.50 -14.26 46.60
CA VAL A 1122 15.60 -15.76 46.49
C VAL A 1122 16.96 -16.10 45.86
N ARG A 1123 17.39 -15.32 44.87
CA ARG A 1123 18.71 -15.56 44.22
C ARG A 1123 19.80 -15.51 45.29
N PHE A 1124 19.79 -14.45 46.11
CA PHE A 1124 20.82 -14.29 47.17
C PHE A 1124 20.69 -15.43 48.19
N PHE A 1125 19.46 -15.77 48.56
CA PHE A 1125 19.24 -16.85 49.57
C PHE A 1125 19.78 -18.17 49.02
N LYS A 1126 19.55 -18.44 47.73
CA LYS A 1126 20.09 -19.67 47.11
C LYS A 1126 21.61 -19.62 47.17
N LYS A 1127 22.19 -18.45 46.88
CA LYS A 1127 23.67 -18.28 46.95
C LYS A 1127 24.13 -18.55 48.39
N VAL A 1128 23.38 -18.04 49.37
CA VAL A 1128 23.73 -18.26 50.81
C VAL A 1128 23.68 -19.77 51.08
N THR A 1129 22.66 -20.45 50.54
CA THR A 1129 22.51 -21.92 50.75
C THR A 1129 23.48 -22.66 49.81
N ASN B 382 11.45 -8.80 -50.64
CA ASN B 382 12.29 -7.67 -50.24
C ASN B 382 12.94 -7.95 -48.88
N GLY B 383 13.35 -9.19 -48.66
CA GLY B 383 13.88 -9.58 -47.38
C GLY B 383 12.85 -9.75 -46.29
N ASN B 384 11.56 -9.79 -46.65
CA ASN B 384 10.47 -9.85 -45.69
C ASN B 384 9.56 -11.02 -46.01
N PHE B 385 8.84 -11.49 -45.00
CA PHE B 385 7.97 -12.64 -45.15
C PHE B 385 6.54 -12.19 -45.45
N VAL B 386 6.01 -12.65 -46.57
CA VAL B 386 4.62 -12.41 -46.95
C VAL B 386 4.01 -13.75 -47.34
N PHE B 387 2.68 -13.79 -47.32
CA PHE B 387 1.98 -15.04 -47.60
C PHE B 387 0.57 -14.74 -48.09
N ASP B 388 0.22 -15.24 -49.26
CA ASP B 388 -1.10 -15.03 -49.82
C ASP B 388 -1.87 -16.35 -49.81
N SER B 389 -3.07 -16.33 -49.21
CA SER B 389 -3.92 -17.55 -49.18
C SER B 389 -5.30 -17.20 -49.74
N PRO B 390 -5.84 -17.96 -50.72
CA PRO B 390 -7.12 -17.63 -51.33
C PRO B 390 -8.23 -17.51 -50.27
N ILE B 391 -9.17 -16.58 -50.47
CA ILE B 391 -10.29 -16.38 -49.50
C ILE B 391 -11.11 -17.68 -49.45
N SER B 392 -11.82 -17.92 -48.34
CA SER B 392 -12.61 -19.16 -48.18
C SER B 392 -13.46 -19.40 -49.42
N LYS B 393 -13.48 -20.64 -49.93
CA LYS B 393 -14.29 -20.98 -51.12
C LYS B 393 -15.76 -20.65 -50.83
N THR B 394 -16.23 -20.95 -49.60
CA THR B 394 -17.62 -20.61 -49.22
C THR B 394 -17.77 -19.08 -49.26
N LEU B 395 -16.81 -18.35 -48.69
CA LEU B 395 -16.86 -16.86 -48.72
C LEU B 395 -16.78 -16.41 -50.19
N LEU B 396 -15.97 -17.09 -50.99
CA LEU B 396 -15.85 -16.74 -52.44
C LEU B 396 -17.22 -16.96 -53.10
N ASP B 397 -17.90 -18.06 -52.75
CA ASP B 397 -19.25 -18.32 -53.30
C ASP B 397 -20.19 -17.20 -52.86
N GLN B 398 -20.07 -16.76 -51.60
CA GLN B 398 -20.89 -15.63 -51.10
C GLN B 398 -20.58 -14.38 -51.93
N TYR B 399 -19.28 -14.12 -52.17
CA TYR B 399 -18.86 -12.95 -52.98
C TYR B 399 -19.49 -13.08 -54.37
N ALA B 400 -19.47 -14.29 -54.94
CA ALA B 400 -20.10 -14.52 -56.26
C ALA B 400 -21.60 -14.21 -56.15
N THR B 401 -22.21 -14.60 -55.03
CA THR B 401 -23.67 -14.33 -54.81
C THR B 401 -23.88 -12.82 -54.66
N LEU B 409 -14.85 -11.85 -60.83
CA LEU B 409 -14.42 -11.49 -59.49
C LEU B 409 -12.93 -11.16 -59.49
N PRO B 410 -12.59 -9.88 -59.32
CA PRO B 410 -11.19 -9.47 -59.36
C PRO B 410 -10.40 -10.02 -58.17
N ASN B 411 -9.09 -9.82 -58.24
CA ASN B 411 -8.18 -10.59 -57.40
C ASN B 411 -8.29 -10.23 -55.92
N GLU B 412 -8.48 -8.95 -55.60
CA GLU B 412 -8.44 -8.55 -54.20
C GLU B 412 -9.59 -9.15 -53.39
N PHE B 413 -10.70 -9.51 -54.05
CA PHE B 413 -11.82 -10.15 -53.36
C PHE B 413 -11.52 -11.60 -53.02
N LYS B 414 -10.72 -12.28 -53.83
CA LYS B 414 -10.58 -13.73 -53.76
C LYS B 414 -9.44 -14.19 -52.87
N PHE B 415 -8.64 -13.28 -52.31
CA PHE B 415 -7.43 -13.71 -51.60
C PHE B 415 -7.22 -12.87 -50.34
N MET B 416 -6.50 -13.47 -49.40
CA MET B 416 -6.05 -12.77 -48.20
C MET B 416 -4.54 -12.58 -48.28
N ARG B 417 -4.10 -11.36 -48.01
CA ARG B 417 -2.69 -11.11 -47.79
C ARG B 417 -2.35 -11.24 -46.30
N TYR B 418 -1.14 -11.73 -46.03
CA TYR B 418 -0.57 -11.77 -44.71
C TYR B 418 0.85 -11.22 -44.76
N GLN B 419 1.12 -10.25 -43.90
CA GLN B 419 2.46 -9.71 -43.71
C GLN B 419 2.88 -9.88 -42.26
N ALA B 420 4.16 -10.17 -42.05
CA ALA B 420 4.73 -10.22 -40.71
C ALA B 420 5.59 -8.98 -40.51
N VAL B 421 5.32 -8.23 -39.44
CA VAL B 421 6.02 -6.99 -39.14
C VAL B 421 6.93 -7.24 -37.96
N THR B 422 8.21 -6.86 -38.08
CA THR B 422 9.19 -7.15 -37.00
C THR B 422 9.89 -5.86 -36.53
N CYS B 423 9.46 -4.70 -37.01
CA CYS B 423 10.04 -3.44 -36.58
C CYS B 423 9.06 -2.69 -35.69
N GLU B 424 9.56 -1.63 -35.06
CA GLU B 424 8.70 -0.71 -34.35
C GLU B 424 7.93 0.13 -35.37
N PRO B 425 6.74 0.67 -35.00
CA PRO B 425 5.83 1.34 -35.96
C PRO B 425 6.39 2.36 -36.96
N ASN B 426 7.54 2.96 -36.67
CA ASN B 426 8.02 4.02 -37.55
C ASN B 426 9.07 3.53 -38.54
N GLN B 427 9.02 2.27 -38.96
CA GLN B 427 9.84 1.79 -40.08
C GLN B 427 9.01 1.09 -41.14
N LEU B 428 7.67 1.22 -41.09
CA LEU B 428 6.84 0.56 -42.08
C LEU B 428 7.16 1.05 -43.49
N ALA B 429 7.57 2.31 -43.61
CA ALA B 429 7.86 2.86 -44.93
C ALA B 429 9.19 2.37 -45.48
N GLU B 430 10.30 2.72 -44.83
CA GLU B 430 11.59 2.56 -45.47
C GLU B 430 12.13 1.14 -45.32
N LYS B 431 11.53 0.33 -44.45
CA LYS B 431 11.90 -1.08 -44.40
C LYS B 431 11.07 -1.91 -45.40
N ASN B 432 10.44 -1.24 -46.35
CA ASN B 432 9.81 -1.90 -47.50
C ASN B 432 8.61 -2.75 -47.11
N PHE B 433 7.75 -2.23 -46.24
CA PHE B 433 6.44 -2.81 -45.98
C PHE B 433 5.37 -2.00 -46.69
N THR B 434 4.49 -2.69 -47.39
CA THR B 434 3.48 -2.05 -48.23
C THR B 434 2.11 -2.66 -47.93
N VAL B 435 1.08 -2.07 -48.55
CA VAL B 435 -0.29 -2.54 -48.44
C VAL B 435 -0.89 -2.58 -49.84
N ARG B 436 -2.00 -3.32 -49.98
CA ARG B 436 -2.65 -3.44 -51.28
C ARG B 436 -3.03 -2.09 -51.86
N GLN B 437 -3.45 -1.15 -51.01
CA GLN B 437 -3.98 0.13 -51.47
C GLN B 437 -3.00 0.83 -52.41
N LEU B 438 -1.71 0.70 -52.14
CA LEU B 438 -0.68 1.24 -53.02
C LEU B 438 -0.22 0.26 -54.08
N LYS B 439 -0.63 -1.00 -54.00
CA LYS B 439 -0.16 -1.99 -54.97
C LYS B 439 -0.95 -2.00 -56.26
N TYR B 440 -2.13 -1.36 -56.30
CA TYR B 440 -2.88 -1.33 -57.54
C TYR B 440 -2.11 -0.57 -58.62
N LEU B 441 -2.60 -0.71 -59.85
CA LEU B 441 -2.00 0.01 -60.97
C LEU B 441 -2.08 1.52 -60.75
N THR B 442 -3.24 2.00 -60.33
CA THR B 442 -3.40 3.37 -59.86
C THR B 442 -3.64 3.33 -58.36
N PRO B 443 -2.76 3.89 -57.55
CA PRO B 443 -2.93 3.77 -56.08
C PRO B 443 -4.25 4.37 -55.62
N ARG B 444 -4.87 3.69 -54.67
CA ARG B 444 -6.13 4.16 -54.13
C ARG B 444 -5.90 5.34 -53.20
N GLU B 445 -6.81 6.30 -53.24
CA GLU B 445 -6.72 7.50 -52.41
C GLU B 445 -7.62 7.32 -51.19
N THR B 446 -7.03 7.34 -50.00
CA THR B 446 -7.77 7.14 -48.78
C THR B 446 -8.36 8.45 -48.30
N GLU B 447 -9.69 8.51 -48.22
CA GLU B 447 -10.38 9.69 -47.72
C GLU B 447 -10.70 9.60 -46.24
N LEU B 448 -10.90 8.40 -45.73
CA LEU B 448 -11.08 8.17 -44.30
C LEU B 448 -10.38 6.87 -43.93
N MET B 449 -9.71 6.86 -42.78
CA MET B 449 -9.19 5.63 -42.22
C MET B 449 -9.73 5.48 -40.80
N LEU B 450 -10.22 4.29 -40.49
CA LEU B 450 -10.93 4.03 -39.25
C LEU B 450 -10.13 3.06 -38.40
N VAL B 451 -10.03 3.33 -37.10
CA VAL B 451 -9.30 2.49 -36.18
C VAL B 451 -10.22 2.06 -35.05
N VAL B 452 -10.17 0.77 -34.71
CA VAL B 452 -10.87 0.23 -33.55
C VAL B 452 -9.88 -0.62 -32.77
N THR B 453 -10.04 -0.64 -31.45
CA THR B 453 -9.09 -1.29 -30.56
C THR B 453 -9.79 -2.39 -29.79
N MET B 454 -9.16 -3.56 -29.69
CA MET B 454 -9.69 -4.70 -28.95
C MET B 454 -8.70 -5.12 -27.87
N TYR B 455 -9.23 -5.43 -26.69
CA TYR B 455 -8.42 -6.09 -25.66
C TYR B 455 -8.95 -7.49 -25.37
N ASN B 456 -10.21 -7.61 -24.95
CA ASN B 456 -10.78 -8.93 -24.71
C ASN B 456 -12.25 -9.02 -25.10
N GLU B 457 -12.77 -8.06 -25.86
CA GLU B 457 -14.20 -7.98 -26.10
C GLU B 457 -14.73 -9.22 -26.80
N ASP B 458 -15.94 -9.64 -26.41
CA ASP B 458 -16.59 -10.76 -27.04
C ASP B 458 -17.10 -10.36 -28.44
N HIS B 459 -17.69 -11.32 -29.14
CA HIS B 459 -18.10 -11.06 -30.51
C HIS B 459 -19.30 -10.13 -30.59
N ILE B 460 -20.06 -9.98 -29.51
CA ILE B 460 -21.24 -9.12 -29.56
C ILE B 460 -20.83 -7.66 -29.75
N LEU B 461 -19.88 -7.19 -28.94
CA LEU B 461 -19.52 -5.78 -28.98
C LEU B 461 -18.87 -5.43 -30.32
N LEU B 462 -17.91 -6.25 -30.74
CA LEU B 462 -17.26 -6.06 -32.03
C LEU B 462 -18.26 -6.15 -33.17
N GLY B 463 -19.16 -7.12 -33.11
CA GLY B 463 -20.17 -7.24 -34.15
C GLY B 463 -21.05 -6.02 -34.23
N ARG B 464 -21.41 -5.46 -33.07
CA ARG B 464 -22.21 -4.26 -33.05
C ARG B 464 -21.45 -3.08 -33.68
N THR B 465 -20.17 -2.94 -33.35
CA THR B 465 -19.40 -1.82 -33.89
C THR B 465 -19.26 -1.92 -35.40
N LEU B 466 -18.96 -3.11 -35.90
CA LEU B 466 -18.85 -3.26 -37.36
C LEU B 466 -20.20 -3.21 -38.05
N LYS B 467 -21.29 -3.62 -37.38
CA LYS B 467 -22.62 -3.36 -37.91
C LYS B 467 -22.83 -1.88 -38.12
N GLY B 468 -22.48 -1.07 -37.13
CA GLY B 468 -22.59 0.36 -37.28
C GLY B 468 -21.76 0.89 -38.44
N ILE B 469 -20.50 0.44 -38.53
CA ILE B 469 -19.62 0.93 -39.58
C ILE B 469 -20.14 0.58 -40.96
N MET B 470 -20.55 -0.68 -41.15
CA MET B 470 -21.03 -1.07 -42.47
C MET B 470 -22.31 -0.35 -42.83
N ASP B 471 -23.22 -0.15 -41.87
CA ASP B 471 -24.40 0.66 -42.16
C ASP B 471 -24.00 2.06 -42.58
N ASN B 472 -23.02 2.64 -41.89
CA ASN B 472 -22.63 4.00 -42.18
C ASN B 472 -22.00 4.11 -43.57
N VAL B 473 -21.20 3.12 -43.94
CA VAL B 473 -20.61 3.14 -45.28
C VAL B 473 -21.68 2.91 -46.35
N LYS B 474 -22.70 2.11 -46.03
CA LYS B 474 -23.80 1.93 -46.96
C LYS B 474 -24.51 3.25 -47.21
N TYR B 475 -24.78 4.00 -46.14
CA TYR B 475 -25.34 5.34 -46.33
C TYR B 475 -24.36 6.25 -47.07
N MET B 476 -23.06 6.08 -46.83
CA MET B 476 -22.05 6.90 -47.48
C MET B 476 -22.12 6.74 -49.00
N VAL B 477 -22.08 5.48 -49.47
CA VAL B 477 -22.14 5.23 -50.90
C VAL B 477 -23.53 5.57 -51.45
N LYS B 478 -24.58 5.41 -50.64
CA LYS B 478 -25.92 5.71 -51.09
C LYS B 478 -26.11 7.19 -51.42
N LYS B 479 -25.22 8.05 -50.94
CA LYS B 479 -25.35 9.48 -51.21
C LYS B 479 -25.20 9.75 -52.71
N LYS B 480 -25.95 10.73 -53.20
CA LYS B 480 -26.00 11.06 -54.61
C LYS B 480 -25.32 12.38 -54.95
N ASN B 481 -25.64 13.42 -54.19
CA ASN B 481 -25.07 14.76 -54.48
C ASN B 481 -23.75 14.95 -53.71
N SER B 482 -22.96 13.88 -53.56
CA SER B 482 -21.63 14.01 -52.90
C SER B 482 -20.55 13.33 -53.75
N SER B 483 -19.60 14.12 -54.27
CA SER B 483 -18.49 13.54 -55.06
C SER B 483 -17.62 12.66 -54.16
N THR B 484 -17.38 13.10 -52.92
CA THR B 484 -16.53 12.33 -51.97
C THR B 484 -17.18 10.97 -51.70
N TRP B 485 -18.52 10.92 -51.68
CA TRP B 485 -19.23 9.65 -51.36
C TRP B 485 -20.20 9.32 -52.50
N GLY B 486 -19.67 8.90 -53.65
CA GLY B 486 -20.52 8.57 -54.82
C GLY B 486 -20.74 7.08 -54.96
N PRO B 487 -20.52 6.49 -56.16
CA PRO B 487 -20.79 5.06 -56.38
C PRO B 487 -19.81 4.15 -55.64
N ASP B 488 -18.57 4.61 -55.42
CA ASP B 488 -17.56 3.79 -54.73
C ASP B 488 -16.91 4.60 -53.60
N ALA B 489 -17.67 4.90 -52.54
CA ALA B 489 -17.14 5.67 -51.40
C ALA B 489 -16.12 4.80 -50.64
N TRP B 490 -16.38 3.50 -50.51
CA TRP B 490 -15.48 2.61 -49.73
C TRP B 490 -14.08 2.59 -50.36
N LYS B 491 -13.98 2.90 -51.65
CA LYS B 491 -12.65 2.95 -52.32
C LYS B 491 -11.75 3.92 -51.54
N LYS B 492 -12.34 4.96 -50.93
CA LYS B 492 -11.54 5.97 -50.18
C LYS B 492 -11.73 5.75 -48.68
N ILE B 493 -12.25 4.58 -48.27
CA ILE B 493 -12.49 4.30 -46.83
C ILE B 493 -11.90 2.94 -46.47
N VAL B 494 -10.96 2.91 -45.53
CA VAL B 494 -10.36 1.61 -45.09
C VAL B 494 -10.50 1.51 -43.57
N VAL B 495 -10.85 0.33 -43.05
CA VAL B 495 -11.07 0.20 -41.62
C VAL B 495 -9.97 -0.68 -41.05
N CYS B 496 -9.30 -0.19 -40.02
CA CYS B 496 -8.20 -0.90 -39.37
C CYS B 496 -8.65 -1.36 -38.00
N ILE B 497 -8.46 -2.64 -37.70
CA ILE B 497 -8.83 -3.24 -36.44
C ILE B 497 -7.55 -3.63 -35.73
N ILE B 498 -7.25 -2.90 -34.64
CA ILE B 498 -6.00 -3.14 -33.87
C ILE B 498 -6.28 -4.02 -32.66
N SER B 499 -5.76 -5.25 -32.68
CA SER B 499 -5.90 -6.18 -31.58
C SER B 499 -4.86 -5.84 -30.51
N ASP B 500 -4.77 -6.70 -29.50
CA ASP B 500 -3.70 -6.54 -28.51
C ASP B 500 -3.40 -7.92 -27.94
N GLY B 501 -2.43 -8.61 -28.55
CA GLY B 501 -1.98 -9.90 -28.06
C GLY B 501 -2.86 -11.06 -28.47
N ARG B 502 -2.25 -12.14 -28.97
CA ARG B 502 -3.02 -13.35 -29.26
C ARG B 502 -3.51 -14.00 -27.98
N SER B 503 -2.72 -13.92 -26.91
CA SER B 503 -3.05 -14.64 -25.68
C SER B 503 -4.37 -14.17 -25.08
N LYS B 504 -4.59 -12.85 -25.07
CA LYS B 504 -5.78 -12.31 -24.42
C LYS B 504 -6.91 -11.99 -25.39
N ILE B 505 -6.67 -12.05 -26.70
CA ILE B 505 -7.75 -11.81 -27.64
C ILE B 505 -8.82 -12.88 -27.44
N ASN B 506 -10.08 -12.49 -27.64
CA ASN B 506 -11.18 -13.43 -27.49
C ASN B 506 -11.37 -14.14 -28.81
N GLU B 507 -10.91 -15.39 -28.87
CA GLU B 507 -11.16 -16.24 -30.03
C GLU B 507 -12.64 -16.36 -30.32
N ARG B 508 -13.47 -16.12 -29.31
CA ARG B 508 -14.91 -16.05 -29.49
C ARG B 508 -15.27 -15.03 -30.56
N SER B 509 -14.46 -13.98 -30.72
CA SER B 509 -14.62 -12.99 -31.77
C SER B 509 -13.80 -13.30 -33.01
N LEU B 510 -12.66 -13.97 -32.84
CA LEU B 510 -11.92 -14.45 -33.99
C LEU B 510 -12.78 -15.35 -34.86
N ALA B 511 -13.75 -16.03 -34.25
CA ALA B 511 -14.72 -16.78 -35.03
C ALA B 511 -15.43 -15.88 -36.03
N LEU B 512 -15.97 -14.75 -35.55
CA LEU B 512 -16.66 -13.83 -36.45
C LEU B 512 -15.71 -13.26 -37.48
N LEU B 513 -14.49 -12.92 -37.06
CA LEU B 513 -13.53 -12.32 -38.00
C LEU B 513 -13.18 -13.30 -39.11
N SER B 514 -12.99 -14.58 -38.76
CA SER B 514 -12.77 -15.60 -39.77
C SER B 514 -13.98 -15.77 -40.65
N SER B 515 -15.18 -15.62 -40.08
CA SER B 515 -16.39 -15.65 -40.88
C SER B 515 -16.38 -14.54 -41.93
N LEU B 516 -15.91 -13.36 -41.54
CA LEU B 516 -15.79 -12.24 -42.48
C LEU B 516 -14.72 -12.47 -43.53
N GLY B 517 -13.85 -13.45 -43.34
CA GLY B 517 -12.84 -13.77 -44.34
C GLY B 517 -11.56 -12.98 -44.23
N CYS B 518 -11.18 -12.54 -43.03
CA CYS B 518 -9.96 -11.77 -42.83
C CYS B 518 -9.02 -12.43 -41.82
N TYR B 519 -9.24 -13.72 -41.55
CA TYR B 519 -8.43 -14.39 -40.49
C TYR B 519 -8.45 -15.91 -40.67
N GLN B 520 -7.26 -16.51 -40.83
CA GLN B 520 -7.14 -17.95 -40.93
C GLN B 520 -5.89 -18.38 -40.18
N ASP B 521 -6.02 -19.40 -39.33
CA ASP B 521 -4.88 -19.92 -38.61
C ASP B 521 -4.03 -20.82 -39.51
N GLY B 522 -2.92 -21.30 -38.96
CA GLY B 522 -2.05 -22.20 -39.69
C GLY B 522 -0.73 -21.58 -40.08
N PHE B 523 -0.75 -20.29 -40.42
CA PHE B 523 0.45 -19.64 -40.91
C PHE B 523 0.83 -18.44 -40.04
N ALA B 524 0.83 -18.64 -38.72
CA ALA B 524 1.32 -17.64 -37.79
C ALA B 524 2.73 -17.98 -37.37
N LYS B 525 3.64 -17.01 -37.47
CA LYS B 525 5.04 -17.21 -37.12
C LYS B 525 5.43 -16.17 -36.07
N ASP B 526 6.00 -16.63 -34.96
CA ASP B 526 6.35 -15.75 -33.86
C ASP B 526 7.73 -15.12 -34.00
N GLU B 527 8.59 -15.67 -34.87
CA GLU B 527 9.94 -15.15 -35.04
C GLU B 527 10.40 -15.46 -36.45
N ILE B 528 10.96 -14.47 -37.12
CA ILE B 528 11.38 -14.60 -38.51
C ILE B 528 12.87 -14.30 -38.59
N ASN B 529 13.66 -15.29 -39.02
CA ASN B 529 15.09 -15.15 -39.25
C ASN B 529 15.76 -14.45 -38.07
N GLU B 530 15.67 -15.10 -36.91
CA GLU B 530 16.21 -14.65 -35.63
C GLU B 530 15.66 -13.27 -35.21
N LYS B 531 14.64 -12.78 -35.91
CA LYS B 531 13.97 -11.53 -35.55
C LYS B 531 12.59 -11.86 -35.04
N LYS B 532 12.29 -11.45 -33.80
CA LYS B 532 10.95 -11.62 -33.26
C LYS B 532 9.95 -10.81 -34.07
N VAL B 533 8.84 -11.44 -34.44
CA VAL B 533 7.79 -10.72 -35.16
C VAL B 533 7.11 -9.76 -34.20
N ALA B 534 6.71 -8.60 -34.72
CA ALA B 534 6.01 -7.63 -33.90
C ALA B 534 4.50 -7.67 -34.09
N MET B 535 4.02 -7.83 -35.32
CA MET B 535 2.59 -7.81 -35.52
C MET B 535 2.23 -8.58 -36.79
N HIS B 536 1.03 -9.15 -36.79
CA HIS B 536 0.51 -9.88 -37.93
C HIS B 536 -0.49 -8.99 -38.66
N VAL B 537 -0.32 -8.86 -39.97
CA VAL B 537 -1.19 -8.01 -40.78
C VAL B 537 -1.97 -8.90 -41.74
N TYR B 538 -3.29 -8.93 -41.58
CA TYR B 538 -4.18 -9.70 -42.42
C TYR B 538 -5.00 -8.70 -43.24
N GLU B 539 -5.21 -9.02 -44.51
CA GLU B 539 -5.66 -7.99 -45.43
C GLU B 539 -6.55 -8.59 -46.52
N HIS B 540 -7.80 -8.13 -46.54
CA HIS B 540 -8.86 -8.68 -47.37
C HIS B 540 -9.92 -7.61 -47.54
N THR B 541 -10.75 -7.78 -48.56
CA THR B 541 -11.90 -6.90 -48.79
C THR B 541 -13.15 -7.76 -49.01
N THR B 542 -14.07 -7.70 -48.06
CA THR B 542 -15.19 -8.62 -48.02
C THR B 542 -16.41 -8.02 -48.73
N MET B 543 -17.47 -8.82 -48.79
CA MET B 543 -18.76 -8.39 -49.33
C MET B 543 -19.91 -8.63 -48.39
N ILE B 544 -19.69 -9.30 -47.26
CA ILE B 544 -20.76 -9.62 -46.32
C ILE B 544 -21.00 -8.44 -45.40
N ASN B 545 -22.26 -8.18 -45.09
CA ASN B 545 -22.63 -7.09 -44.19
C ASN B 545 -23.42 -7.64 -43.02
N ILE B 546 -23.20 -7.04 -41.85
CA ILE B 546 -23.97 -7.37 -40.66
C ILE B 546 -25.30 -6.64 -40.73
N THR B 547 -26.38 -7.30 -40.32
CA THR B 547 -27.71 -6.75 -40.48
C THR B 547 -28.59 -6.77 -39.24
N ASN B 548 -28.32 -7.64 -38.28
CA ASN B 548 -29.10 -7.61 -37.04
C ASN B 548 -28.25 -8.15 -35.90
N ILE B 549 -28.50 -7.61 -34.71
CA ILE B 549 -27.75 -7.99 -33.52
C ILE B 549 -28.73 -8.49 -32.48
N SER B 550 -28.68 -9.80 -32.22
CA SER B 550 -29.51 -10.39 -31.15
C SER B 550 -28.63 -10.55 -29.92
N GLU B 551 -29.22 -10.70 -28.74
CA GLU B 551 -28.42 -10.78 -27.52
C GLU B 551 -27.45 -11.95 -27.54
N SER B 552 -27.55 -12.82 -28.53
CA SER B 552 -26.75 -14.04 -28.56
C SER B 552 -26.01 -14.25 -29.88
N GLU B 553 -26.62 -13.91 -31.01
CA GLU B 553 -26.06 -14.26 -32.31
C GLU B 553 -25.92 -13.03 -33.17
N VAL B 554 -25.02 -13.11 -34.14
CA VAL B 554 -24.69 -12.00 -35.05
C VAL B 554 -25.19 -12.36 -36.44
N SER B 555 -26.11 -11.56 -36.96
CA SER B 555 -26.71 -11.83 -38.27
C SER B 555 -25.84 -11.22 -39.36
N LEU B 556 -25.26 -12.07 -40.20
CA LEU B 556 -24.50 -11.63 -41.35
C LEU B 556 -25.19 -12.12 -42.62
N GLU B 557 -25.07 -11.34 -43.69
CA GLU B 557 -25.67 -11.77 -44.94
C GLU B 557 -24.85 -11.22 -46.11
N CYS B 558 -25.05 -11.81 -47.27
CA CYS B 558 -24.41 -11.39 -48.51
C CYS B 558 -25.49 -11.32 -49.58
N ASN B 559 -25.81 -10.10 -50.02
CA ASN B 559 -26.84 -9.90 -51.04
C ASN B 559 -26.38 -8.88 -52.07
N GLN B 560 -27.29 -8.47 -52.95
CA GLN B 560 -26.97 -7.47 -53.95
C GLN B 560 -26.91 -6.06 -53.37
N GLY B 561 -27.50 -5.84 -52.21
CA GLY B 561 -27.47 -4.54 -51.56
C GLY B 561 -26.26 -4.28 -50.69
N THR B 562 -25.40 -5.27 -50.50
CA THR B 562 -24.23 -5.10 -49.67
C THR B 562 -23.19 -4.22 -50.38
N VAL B 563 -22.31 -3.63 -49.58
CA VAL B 563 -21.29 -2.72 -50.08
C VAL B 563 -19.92 -3.22 -49.66
N PRO B 564 -18.94 -3.24 -50.56
CA PRO B 564 -17.60 -3.75 -50.20
C PRO B 564 -16.96 -2.91 -49.12
N ILE B 565 -16.20 -3.58 -48.25
CA ILE B 565 -15.46 -2.93 -47.17
C ILE B 565 -14.00 -3.35 -47.27
N GLN B 566 -13.08 -2.39 -47.12
CA GLN B 566 -11.65 -2.66 -47.13
C GLN B 566 -11.18 -2.84 -45.69
N LEU B 567 -10.67 -4.02 -45.38
CA LEU B 567 -10.29 -4.38 -44.02
C LEU B 567 -8.78 -4.32 -43.83
N LEU B 568 -8.37 -4.13 -42.58
CA LEU B 568 -6.95 -4.16 -42.21
C LEU B 568 -6.87 -4.71 -40.79
N PHE B 569 -6.68 -6.01 -40.67
CA PHE B 569 -6.63 -6.67 -39.37
C PHE B 569 -5.19 -6.69 -38.88
N CYS B 570 -4.93 -6.02 -37.76
CA CYS B 570 -3.60 -6.00 -37.17
C CYS B 570 -3.67 -6.68 -35.81
N LEU B 571 -2.76 -7.63 -35.59
CA LEU B 571 -2.69 -8.41 -34.36
C LEU B 571 -1.32 -8.23 -33.74
N LYS B 572 -1.25 -7.45 -32.66
CA LYS B 572 0.04 -7.25 -31.95
C LYS B 572 0.50 -8.61 -31.42
N GLU B 573 1.76 -8.98 -31.69
CA GLU B 573 2.26 -10.32 -31.29
C GLU B 573 1.97 -10.54 -29.79
N GLN B 574 2.16 -9.50 -28.97
CA GLN B 574 1.89 -9.61 -27.51
C GLN B 574 1.00 -8.44 -27.09
N ASN B 575 0.36 -8.56 -25.92
CA ASN B 575 -0.50 -7.45 -25.40
C ASN B 575 0.39 -6.24 -25.10
N GLN B 576 -0.04 -5.05 -25.55
CA GLN B 576 0.78 -3.82 -25.39
C GLN B 576 -0.12 -2.68 -24.89
N LYS B 577 0.46 -1.51 -24.59
CA LYS B 577 -0.34 -0.34 -24.15
C LYS B 577 -1.22 0.14 -25.30
N LYS B 578 -2.39 0.69 -25.00
CA LYS B 578 -3.31 1.20 -26.04
C LYS B 578 -2.60 2.31 -26.83
N ILE B 579 -1.80 3.13 -26.14
CA ILE B 579 -1.07 4.24 -26.81
C ILE B 579 -0.14 3.64 -27.88
N ASN B 580 0.50 2.51 -27.57
CA ASN B 580 1.37 1.83 -28.56
C ASN B 580 0.52 1.49 -29.79
N SER B 581 -0.68 0.94 -29.56
CA SER B 581 -1.59 0.60 -30.68
C SER B 581 -1.89 1.87 -31.48
N HIS B 582 -2.21 2.96 -30.78
CA HIS B 582 -2.47 4.26 -31.47
C HIS B 582 -1.23 4.63 -32.30
N ARG B 583 -0.04 4.41 -31.74
CA ARG B 583 1.22 4.71 -32.47
C ARG B 583 1.27 3.83 -33.73
N TRP B 584 0.96 2.54 -33.57
CA TRP B 584 0.92 1.63 -34.75
C TRP B 584 0.00 2.22 -35.82
N ALA B 585 -1.09 2.89 -35.40
CA ALA B 585 -1.98 3.52 -36.35
C ALA B 585 -1.39 4.81 -36.88
N PHE B 586 -1.17 5.78 -36.00
CA PHE B 586 -0.78 7.13 -36.44
C PHE B 586 0.65 7.15 -36.95
N GLU B 587 1.61 6.88 -36.06
CA GLU B 587 3.02 6.94 -36.43
C GLU B 587 3.39 5.87 -37.45
N GLY B 588 2.55 4.88 -37.64
CA GLY B 588 2.84 3.78 -38.55
C GLY B 588 2.01 3.80 -39.82
N PHE B 589 0.94 3.02 -39.83
CA PHE B 589 0.21 2.72 -41.07
C PHE B 589 -0.26 3.98 -41.76
N ALA B 590 -0.64 5.00 -40.98
CA ALA B 590 -1.16 6.23 -41.57
C ALA B 590 -0.14 6.87 -42.49
N GLU B 591 1.14 6.74 -42.18
CA GLU B 591 2.18 7.36 -43.00
C GLU B 591 2.15 6.82 -44.43
N LEU B 592 1.95 5.50 -44.57
CA LEU B 592 1.83 4.94 -45.91
C LEU B 592 0.47 5.22 -46.51
N LEU B 593 -0.58 5.19 -45.69
CA LEU B 593 -1.93 5.33 -46.23
C LEU B 593 -2.26 6.76 -46.63
N ARG B 594 -1.58 7.75 -46.06
CA ARG B 594 -1.80 9.15 -46.38
C ARG B 594 -3.27 9.54 -46.26
N PRO B 595 -3.88 9.40 -45.10
CA PRO B 595 -5.30 9.69 -44.95
C PRO B 595 -5.57 11.17 -44.72
N ASN B 596 -6.76 11.59 -45.13
CA ASN B 596 -7.18 12.95 -44.88
C ASN B 596 -7.78 13.14 -43.49
N ILE B 597 -8.44 12.10 -42.96
CA ILE B 597 -9.05 12.14 -41.64
C ILE B 597 -8.88 10.78 -40.99
N VAL B 598 -8.53 10.78 -39.70
CA VAL B 598 -8.42 9.56 -38.92
C VAL B 598 -9.40 9.64 -37.77
N THR B 599 -10.26 8.63 -37.66
CA THR B 599 -11.27 8.60 -36.61
C THR B 599 -10.96 7.51 -35.61
N LEU B 600 -10.85 7.89 -34.34
CA LEU B 600 -10.62 6.95 -33.26
C LEU B 600 -11.96 6.41 -32.77
N LEU B 601 -12.14 5.10 -32.90
CA LEU B 601 -13.28 4.38 -32.36
C LEU B 601 -12.83 3.47 -31.23
N ASP B 602 -13.77 2.69 -30.72
CA ASP B 602 -13.51 1.81 -29.58
C ASP B 602 -14.49 0.67 -29.62
N ALA B 603 -14.00 -0.56 -29.51
CA ALA B 603 -14.85 -1.73 -29.57
C ALA B 603 -16.01 -1.60 -28.59
N GLY B 604 -17.23 -1.73 -29.11
CA GLY B 604 -18.41 -1.57 -28.30
C GLY B 604 -19.10 -0.22 -28.41
N THR B 605 -18.69 0.62 -29.35
CA THR B 605 -19.26 1.95 -29.51
C THR B 605 -20.10 1.97 -30.77
N MET B 606 -21.33 2.48 -30.64
CA MET B 606 -22.26 2.59 -31.76
C MET B 606 -22.15 3.94 -32.47
N PRO B 607 -21.55 4.00 -33.65
CA PRO B 607 -21.78 5.16 -34.49
C PRO B 607 -23.25 5.24 -34.86
N GLY B 608 -23.75 6.46 -34.96
CA GLY B 608 -25.10 6.66 -35.43
C GLY B 608 -25.25 6.21 -36.87
N LYS B 609 -26.50 6.16 -37.33
CA LYS B 609 -26.75 5.72 -38.70
C LYS B 609 -26.13 6.66 -39.71
N ASP B 610 -25.78 7.88 -39.29
CA ASP B 610 -25.05 8.80 -40.15
C ASP B 610 -23.99 9.59 -39.40
N SER B 611 -23.65 9.21 -38.16
CA SER B 611 -22.80 10.04 -37.34
C SER B 611 -21.42 10.23 -37.97
N ILE B 612 -20.86 9.18 -38.55
CA ILE B 612 -19.56 9.31 -39.20
C ILE B 612 -19.63 10.31 -40.35
N TYR B 613 -20.70 10.26 -41.13
CA TYR B 613 -20.84 11.16 -42.25
C TYR B 613 -20.93 12.62 -41.78
N GLN B 614 -21.73 12.84 -40.74
CA GLN B 614 -21.87 14.22 -40.18
C GLN B 614 -20.50 14.68 -39.70
N LEU B 615 -19.80 13.82 -38.96
CA LEU B 615 -18.48 14.18 -38.45
C LEU B 615 -17.55 14.57 -39.59
N TRP B 616 -17.61 13.84 -40.70
CA TRP B 616 -16.80 14.22 -41.86
C TRP B 616 -17.26 15.56 -42.42
N ARG B 617 -18.57 15.81 -42.42
CA ARG B 617 -19.08 17.09 -42.90
C ARG B 617 -18.56 18.25 -42.06
N GLU B 618 -18.33 18.02 -40.77
CA GLU B 618 -17.84 19.09 -39.91
C GLU B 618 -16.49 19.62 -40.34
N PHE B 619 -15.74 18.88 -41.15
CA PHE B 619 -14.38 19.25 -41.51
C PHE B 619 -14.31 20.12 -42.76
N ARG B 620 -15.46 20.55 -43.30
CA ARG B 620 -15.41 21.43 -44.46
C ARG B 620 -14.78 22.77 -44.13
N ASN B 621 -14.86 23.20 -42.88
CA ASN B 621 -14.17 24.40 -42.45
C ASN B 621 -12.68 24.10 -42.39
N PRO B 622 -11.83 24.84 -43.11
CA PRO B 622 -10.40 24.49 -43.16
C PRO B 622 -9.64 24.81 -41.89
N ASN B 623 -10.34 25.15 -40.81
CA ASN B 623 -9.68 25.46 -39.55
C ASN B 623 -9.77 24.35 -38.51
N VAL B 624 -10.78 23.47 -38.60
CA VAL B 624 -10.93 22.42 -37.61
C VAL B 624 -9.87 21.34 -37.80
N GLY B 625 -9.37 20.83 -36.68
CA GLY B 625 -8.37 19.77 -36.72
C GLY B 625 -8.79 18.58 -35.90
N GLY B 626 -9.81 18.75 -35.07
CA GLY B 626 -10.36 17.65 -34.31
C GLY B 626 -11.81 17.90 -33.98
N ALA B 627 -12.56 16.82 -33.78
CA ALA B 627 -13.97 16.95 -33.44
C ALA B 627 -14.44 15.69 -32.74
N CYS B 628 -15.57 15.80 -32.02
CA CYS B 628 -16.10 14.64 -31.27
C CYS B 628 -17.63 14.71 -31.22
N GLY B 629 -18.30 13.56 -31.37
CA GLY B 629 -19.77 13.52 -31.30
C GLY B 629 -20.26 13.24 -29.89
N GLU B 630 -21.51 13.57 -29.59
CA GLU B 630 -22.08 13.32 -28.25
C GLU B 630 -22.05 11.81 -27.97
N ILE B 631 -21.63 11.41 -26.77
CA ILE B 631 -21.59 9.96 -26.39
C ILE B 631 -22.64 9.73 -25.30
N ARG B 632 -23.54 8.76 -25.52
CA ARG B 632 -24.60 8.46 -24.53
C ARG B 632 -24.52 6.97 -24.15
N THR B 633 -25.02 6.62 -22.96
CA THR B 633 -25.02 5.20 -22.52
C THR B 633 -25.91 4.38 -23.47
N ASP B 634 -25.50 3.15 -23.76
CA ASP B 634 -26.30 2.27 -24.66
C ASP B 634 -27.54 1.77 -23.90
N LEU B 635 -27.59 2.03 -22.59
CA LEU B 635 -28.75 1.57 -21.76
C LEU B 635 -28.93 0.06 -22.01
N GLY B 636 -30.16 -0.37 -22.30
CA GLY B 636 -30.45 -1.80 -22.52
C GLY B 636 -31.72 -2.03 -23.30
N LYS B 637 -31.95 -3.25 -23.77
CA LYS B 637 -33.19 -3.59 -24.51
C LYS B 637 -34.40 -3.04 -23.75
N ARG B 638 -35.30 -2.34 -24.43
CA ARG B 638 -36.48 -1.77 -23.79
C ARG B 638 -36.10 -1.05 -22.49
N PHE B 639 -34.90 -0.46 -22.48
CA PHE B 639 -34.42 0.34 -21.35
C PHE B 639 -34.33 -0.46 -20.06
N VAL B 640 -34.15 -1.77 -20.15
CA VAL B 640 -34.13 -2.59 -18.93
C VAL B 640 -33.00 -2.14 -18.01
N LYS B 641 -31.81 -1.89 -18.59
CA LYS B 641 -30.67 -1.47 -17.79
C LYS B 641 -30.99 -0.24 -16.94
N LEU B 642 -32.02 0.51 -17.30
CA LEU B 642 -32.34 1.73 -16.57
C LEU B 642 -32.81 1.44 -15.14
N LEU B 643 -33.03 0.17 -14.81
CA LEU B 643 -33.40 -0.19 -13.42
C LEU B 643 -32.20 0.07 -12.50
N ASN B 644 -31.00 -0.34 -12.92
CA ASN B 644 -29.78 -0.16 -12.09
C ASN B 644 -29.63 1.31 -11.73
N PRO B 645 -29.56 1.68 -10.43
CA PRO B 645 -29.35 3.07 -10.04
C PRO B 645 -28.04 3.63 -10.62
N LEU B 646 -26.96 2.83 -10.57
CA LEU B 646 -25.65 3.30 -11.08
C LEU B 646 -25.80 3.69 -12.55
N VAL B 647 -26.41 2.82 -13.36
CA VAL B 647 -26.59 3.12 -14.81
C VAL B 647 -27.42 4.39 -14.95
N ALA B 648 -28.49 4.52 -14.15
CA ALA B 648 -29.38 5.70 -14.25
C ALA B 648 -28.56 6.97 -13.99
N SER B 649 -27.82 7.01 -12.87
CA SER B 649 -27.04 8.22 -12.52
C SER B 649 -26.00 8.48 -13.62
N GLN B 650 -25.32 7.43 -14.07
CA GLN B 650 -24.28 7.57 -15.11
C GLN B 650 -24.92 8.15 -16.38
N ASN B 651 -26.14 7.70 -16.70
CA ASN B 651 -26.86 8.20 -17.89
C ASN B 651 -27.06 9.72 -17.75
N PHE B 652 -27.58 10.15 -16.60
CA PHE B 652 -27.83 11.60 -16.39
C PHE B 652 -26.51 12.37 -16.51
N GLU B 653 -25.44 11.83 -15.92
CA GLU B 653 -24.12 12.52 -15.95
C GLU B 653 -23.66 12.65 -17.41
N TYR B 654 -23.73 11.57 -18.17
CA TYR B 654 -23.28 11.59 -19.58
C TYR B 654 -24.05 12.68 -20.33
N LYS B 655 -25.37 12.77 -20.09
CA LYS B 655 -26.20 13.78 -20.78
C LYS B 655 -25.74 15.19 -20.40
N MET B 656 -25.64 15.47 -19.09
CA MET B 656 -25.26 16.82 -18.63
C MET B 656 -23.93 17.23 -19.27
N SER B 657 -22.89 16.41 -19.09
CA SER B 657 -21.57 16.75 -19.63
C SER B 657 -21.65 17.07 -21.10
N ASN B 658 -22.59 16.48 -21.83
CA ASN B 658 -22.72 16.78 -23.24
C ASN B 658 -23.71 17.89 -23.55
N ILE B 659 -24.29 18.51 -22.51
CA ILE B 659 -25.34 19.56 -22.75
C ILE B 659 -24.79 20.94 -22.35
N LEU B 660 -24.02 21.02 -21.26
CA LEU B 660 -23.49 22.28 -20.79
C LEU B 660 -21.99 22.42 -21.09
N ASP B 661 -21.19 21.47 -20.60
CA ASP B 661 -19.74 21.65 -20.61
C ASP B 661 -19.20 21.72 -22.03
N LYS B 662 -19.53 20.74 -22.87
CA LYS B 662 -18.90 20.67 -24.18
C LYS B 662 -19.36 21.80 -25.09
N THR B 663 -20.65 22.15 -25.04
CA THR B 663 -21.11 23.27 -25.86
C THR B 663 -20.45 24.57 -25.42
N THR B 664 -20.38 24.81 -24.12
CA THR B 664 -19.71 26.02 -23.63
C THR B 664 -18.25 26.06 -24.09
N GLU B 665 -17.54 24.95 -23.92
CA GLU B 665 -16.11 24.96 -24.29
C GLU B 665 -15.92 25.07 -25.80
N SER B 666 -16.82 24.49 -26.59
CA SER B 666 -16.71 24.59 -28.03
C SER B 666 -17.12 25.96 -28.55
N ASN B 667 -17.87 26.72 -27.76
CA ASN B 667 -18.13 28.12 -28.14
C ASN B 667 -16.84 28.91 -28.25
N PHE B 668 -15.95 28.75 -27.26
CA PHE B 668 -14.68 29.45 -27.32
C PHE B 668 -13.77 28.85 -28.38
N GLY B 669 -13.66 27.52 -28.41
CA GLY B 669 -12.86 26.88 -29.42
C GLY B 669 -11.88 25.84 -28.92
N PHE B 670 -11.85 25.62 -27.61
CA PHE B 670 -10.97 24.63 -27.01
C PHE B 670 -11.81 23.63 -26.21
N ILE B 671 -11.63 22.34 -26.54
CA ILE B 671 -12.36 21.28 -25.79
C ILE B 671 -11.36 20.62 -24.84
N THR B 672 -11.78 20.36 -23.60
CA THR B 672 -10.91 19.79 -22.59
C THR B 672 -10.46 18.38 -22.97
N VAL B 673 -11.40 17.55 -23.43
CA VAL B 673 -11.06 16.18 -23.78
C VAL B 673 -11.94 15.67 -24.92
N LEU B 674 -11.30 15.18 -25.95
CA LEU B 674 -12.02 14.43 -26.96
C LEU B 674 -12.17 12.99 -26.50
N PRO B 675 -13.38 12.46 -26.40
CA PRO B 675 -13.53 11.08 -25.92
C PRO B 675 -12.74 10.11 -26.77
N GLY B 676 -11.98 9.24 -26.10
CA GLY B 676 -11.22 8.25 -26.82
C GLY B 676 -12.09 7.25 -27.54
N ALA B 677 -13.31 7.05 -27.07
CA ALA B 677 -14.22 6.12 -27.72
C ALA B 677 -14.61 6.61 -29.11
N PHE B 678 -14.74 7.92 -29.29
CA PHE B 678 -15.26 8.46 -30.54
C PHE B 678 -14.68 9.85 -30.76
N SER B 679 -13.76 9.97 -31.73
CA SER B 679 -13.15 11.25 -32.02
C SER B 679 -12.61 11.23 -33.44
N ALA B 680 -12.31 12.42 -33.97
CA ALA B 680 -11.78 12.53 -35.33
C ALA B 680 -10.70 13.59 -35.39
N TYR B 681 -9.60 13.27 -36.07
CA TYR B 681 -8.45 14.15 -36.20
C TYR B 681 -8.09 14.32 -37.68
N ARG B 682 -7.89 15.57 -38.09
CA ARG B 682 -7.29 15.82 -39.40
C ARG B 682 -5.81 15.51 -39.33
N PHE B 683 -5.35 14.63 -40.22
CA PHE B 683 -4.02 14.04 -40.07
C PHE B 683 -2.92 15.09 -40.13
N GLU B 684 -3.00 16.00 -41.11
CA GLU B 684 -1.94 16.97 -41.30
C GLU B 684 -1.80 17.89 -40.09
N ALA B 685 -2.92 18.22 -39.46
CA ALA B 685 -2.87 19.10 -38.30
C ALA B 685 -2.12 18.44 -37.14
N VAL B 686 -2.34 17.14 -36.93
CA VAL B 686 -1.83 16.51 -35.71
C VAL B 686 -0.38 16.05 -35.84
N ARG B 687 0.15 15.92 -37.06
CA ARG B 687 1.50 15.41 -37.22
C ARG B 687 2.52 16.38 -36.64
N GLY B 688 3.62 15.83 -36.14
CA GLY B 688 4.71 16.63 -35.64
C GLY B 688 4.78 16.71 -34.14
N GLN B 689 4.66 17.94 -33.62
CA GLN B 689 4.74 18.15 -32.17
C GLN B 689 3.72 17.34 -31.37
N PRO B 690 2.44 17.26 -31.77
CA PRO B 690 1.48 16.53 -30.93
C PRO B 690 1.83 15.07 -30.71
N LEU B 691 2.10 14.32 -31.78
CA LEU B 691 2.47 12.91 -31.60
C LEU B 691 3.77 12.77 -30.83
N GLN B 692 4.70 13.71 -31.02
CA GLN B 692 5.92 13.69 -30.23
C GLN B 692 5.61 13.74 -28.74
N LYS B 693 4.82 14.73 -28.31
CA LYS B 693 4.52 14.85 -26.89
C LYS B 693 3.67 13.68 -26.41
N TYR B 694 2.82 13.14 -27.28
CA TYR B 694 1.92 12.08 -26.86
C TYR B 694 2.65 10.77 -26.64
N PHE B 695 3.61 10.45 -27.51
CA PHE B 695 4.26 9.16 -27.48
C PHE B 695 5.58 9.16 -26.71
N TYR B 696 6.22 10.32 -26.54
CA TYR B 696 7.53 10.35 -25.94
C TYR B 696 7.60 11.20 -24.68
N GLY B 697 6.82 12.27 -24.62
CA GLY B 697 6.94 13.21 -23.52
C GLY B 697 7.99 14.26 -23.79
N GLU B 698 8.16 15.15 -22.83
CA GLU B 698 9.12 16.24 -22.96
C GLU B 698 10.52 15.64 -22.98
N ILE B 699 11.11 15.58 -24.18
CA ILE B 699 12.46 15.02 -24.33
C ILE B 699 13.46 15.86 -23.56
N MET B 700 13.27 17.17 -23.57
CA MET B 700 14.16 18.10 -22.88
C MET B 700 14.04 17.88 -21.39
N GLU B 701 15.02 17.18 -20.82
CA GLU B 701 14.98 16.67 -19.46
C GLU B 701 16.36 16.16 -19.08
N ASN B 702 16.72 16.35 -17.81
CA ASN B 702 17.99 15.87 -17.30
C ASN B 702 17.85 14.41 -16.87
N GLU B 703 18.89 13.87 -16.21
CA GLU B 703 18.82 12.52 -15.70
C GLU B 703 17.79 12.40 -14.59
N GLY B 704 17.71 13.41 -13.73
CA GLY B 704 16.74 13.40 -12.65
C GLY B 704 15.32 13.58 -13.16
N PHE B 705 14.38 13.30 -12.26
CA PHE B 705 12.96 13.38 -12.60
C PHE B 705 12.44 14.79 -12.34
N HIS B 706 11.56 15.25 -13.21
CA HIS B 706 10.88 16.52 -13.05
C HIS B 706 9.38 16.27 -12.98
N PHE B 707 8.66 17.24 -12.40
CA PHE B 707 7.24 17.05 -12.16
C PHE B 707 6.49 16.81 -13.46
N PHE B 708 6.49 17.79 -14.36
CA PHE B 708 5.76 17.66 -15.61
C PHE B 708 6.37 16.58 -16.50
N SER B 709 7.70 16.62 -16.67
CA SER B 709 8.35 15.77 -17.66
C SER B 709 8.18 14.29 -17.35
N SER B 710 7.87 13.93 -16.11
CA SER B 710 7.64 12.54 -15.76
C SER B 710 6.26 12.30 -15.18
N ASN B 711 5.38 13.30 -15.17
CA ASN B 711 4.00 13.10 -14.75
C ASN B 711 2.99 13.30 -15.87
N MET B 712 3.38 13.85 -17.02
CA MET B 712 2.38 14.15 -18.05
C MET B 712 1.71 12.89 -18.58
N TYR B 713 2.28 11.71 -18.37
CA TYR B 713 1.71 10.52 -18.98
C TYR B 713 0.35 10.17 -18.40
N LEU B 714 0.02 10.67 -17.21
CA LEU B 714 -1.29 10.39 -16.62
C LEU B 714 -2.41 11.19 -17.27
N ALA B 715 -2.07 12.16 -18.11
CA ALA B 715 -3.04 12.89 -18.92
C ALA B 715 -2.83 12.53 -20.37
N GLU B 716 -2.64 11.22 -20.61
CA GLU B 716 -2.13 10.73 -21.89
C GLU B 716 -2.94 11.27 -23.06
N ASP B 717 -4.27 11.26 -22.94
CA ASP B 717 -5.10 11.58 -24.07
C ASP B 717 -5.32 13.08 -24.18
N ARG B 718 -5.69 13.72 -23.06
CA ARG B 718 -6.08 15.12 -23.08
C ARG B 718 -5.02 16.00 -23.71
N ILE B 719 -3.74 15.69 -23.47
CA ILE B 719 -2.68 16.58 -23.96
C ILE B 719 -2.77 16.77 -25.46
N LEU B 720 -3.17 15.71 -26.19
CA LEU B 720 -3.32 15.86 -27.63
C LEU B 720 -4.15 17.08 -27.96
N CYS B 721 -5.33 17.19 -27.35
CA CYS B 721 -6.20 18.34 -27.62
C CYS B 721 -5.43 19.64 -27.43
N PHE B 722 -4.83 19.81 -26.25
CA PHE B 722 -4.06 21.02 -25.98
C PHE B 722 -3.07 21.28 -27.09
N GLU B 723 -2.32 20.25 -27.47
CA GLU B 723 -1.21 20.46 -28.38
C GLU B 723 -1.71 20.93 -29.75
N VAL B 724 -2.90 20.52 -30.18
CA VAL B 724 -3.33 20.97 -31.50
C VAL B 724 -3.73 22.43 -31.44
N VAL B 725 -4.28 22.88 -30.30
CA VAL B 725 -4.79 24.23 -30.24
C VAL B 725 -3.65 25.24 -30.29
N THR B 726 -2.57 24.97 -29.54
CA THR B 726 -1.47 25.92 -29.42
C THR B 726 -0.28 25.52 -30.28
N LYS B 727 -0.51 24.88 -31.42
CA LYS B 727 0.60 24.56 -32.30
C LYS B 727 1.21 25.82 -32.88
N LYS B 728 2.51 25.76 -33.14
CA LYS B 728 3.23 26.92 -33.64
C LYS B 728 2.77 27.28 -35.04
N ASN B 729 2.40 28.54 -35.23
CA ASN B 729 2.06 29.09 -36.54
C ASN B 729 0.88 28.38 -37.20
N CYS B 730 0.03 27.73 -36.41
CA CYS B 730 -1.15 27.05 -36.93
C CYS B 730 -2.35 27.42 -36.08
N ASN B 731 -3.46 27.73 -36.75
CA ASN B 731 -4.65 28.23 -36.08
C ASN B 731 -5.73 27.17 -35.95
N TRP B 732 -5.36 25.92 -35.67
CA TRP B 732 -6.34 24.86 -35.57
C TRP B 732 -7.26 25.08 -34.37
N ILE B 733 -8.50 24.59 -34.51
CA ILE B 733 -9.51 24.66 -33.46
C ILE B 733 -10.19 23.30 -33.34
N LEU B 734 -10.96 23.18 -32.26
CA LEU B 734 -11.74 21.93 -32.02
C LEU B 734 -13.21 22.32 -32.12
N LYS B 735 -14.06 21.39 -32.54
CA LYS B 735 -15.49 21.65 -32.71
C LYS B 735 -16.29 20.48 -32.14
N TYR B 736 -17.47 20.81 -31.62
CA TYR B 736 -18.39 19.84 -31.03
C TYR B 736 -19.71 19.88 -31.80
N CYS B 737 -19.97 18.85 -32.60
CA CYS B 737 -21.18 18.75 -33.40
C CYS B 737 -22.15 17.80 -32.70
N ARG B 738 -23.28 18.35 -32.23
CA ARG B 738 -24.14 17.60 -31.34
C ARG B 738 -24.91 16.49 -32.04
N SER B 739 -25.16 16.60 -33.34
CA SER B 739 -26.07 15.67 -34.00
C SER B 739 -25.40 14.38 -34.43
N SER B 740 -24.13 14.18 -34.13
CA SER B 740 -23.47 12.90 -34.33
C SER B 740 -23.31 12.24 -32.98
N TYR B 741 -23.94 11.10 -32.79
CA TYR B 741 -24.04 10.47 -31.49
C TYR B 741 -23.48 9.06 -31.52
N ALA B 742 -23.14 8.56 -30.34
CA ALA B 742 -22.61 7.21 -30.21
C ALA B 742 -23.01 6.63 -28.87
N SER B 743 -23.58 5.43 -28.88
CA SER B 743 -24.06 4.80 -27.66
C SER B 743 -23.09 3.71 -27.23
N THR B 744 -22.68 3.75 -25.96
CA THR B 744 -21.67 2.85 -25.45
C THR B 744 -22.14 2.21 -24.16
N ASP B 745 -21.54 1.07 -23.84
CA ASP B 745 -21.77 0.41 -22.57
C ASP B 745 -20.98 1.11 -21.46
N VAL B 746 -21.38 0.85 -20.22
CA VAL B 746 -20.76 1.49 -19.07
C VAL B 746 -20.52 0.44 -17.99
N PRO B 747 -19.60 0.70 -17.07
CA PRO B 747 -19.44 -0.21 -15.93
C PRO B 747 -20.73 -0.28 -15.13
N GLU B 748 -21.03 -1.48 -14.63
CA GLU B 748 -22.29 -1.73 -13.96
C GLU B 748 -22.16 -2.10 -12.50
N ARG B 749 -20.97 -2.46 -12.03
CA ARG B 749 -20.75 -2.77 -10.62
C ARG B 749 -19.75 -1.80 -10.04
N VAL B 750 -19.89 -1.55 -8.74
CA VAL B 750 -19.09 -0.52 -8.06
C VAL B 750 -17.59 -0.71 -8.27
N PRO B 751 -17.02 -1.92 -8.13
CA PRO B 751 -15.56 -2.03 -8.32
C PRO B 751 -15.08 -1.56 -9.68
N GLU B 752 -15.71 -2.03 -10.76
CA GLU B 752 -15.28 -1.60 -12.09
C GLU B 752 -15.52 -0.11 -12.30
N PHE B 753 -16.65 0.38 -11.78
CA PHE B 753 -16.96 1.83 -11.91
C PHE B 753 -15.83 2.65 -11.29
N ILE B 754 -15.41 2.29 -10.07
CA ILE B 754 -14.37 3.06 -9.39
C ILE B 754 -13.04 2.92 -10.11
N LEU B 755 -12.69 1.70 -10.51
CA LEU B 755 -11.44 1.48 -11.22
C LEU B 755 -11.41 2.19 -12.56
N GLN B 756 -12.57 2.53 -13.11
CA GLN B 756 -12.60 3.34 -14.32
C GLN B 756 -12.45 4.82 -14.00
N ARG B 757 -13.31 5.32 -13.11
CA ARG B 757 -13.29 6.77 -12.78
C ARG B 757 -11.87 7.19 -12.34
N ARG B 758 -11.15 6.33 -11.64
CA ARG B 758 -9.84 6.73 -11.13
C ARG B 758 -8.99 7.35 -12.23
N ARG B 759 -8.88 6.66 -13.38
CA ARG B 759 -8.07 7.18 -14.47
C ARG B 759 -8.58 8.51 -14.95
N TRP B 760 -9.91 8.65 -15.09
CA TRP B 760 -10.47 9.89 -15.60
C TRP B 760 -10.20 11.06 -14.66
N LEU B 761 -10.39 10.86 -13.35
CA LEU B 761 -10.14 11.95 -12.42
C LEU B 761 -8.68 12.36 -12.42
N ASN B 762 -7.77 11.39 -12.37
CA ASN B 762 -6.35 11.74 -12.37
C ASN B 762 -5.96 12.45 -13.66
N GLY B 763 -6.42 11.94 -14.80
CA GLY B 763 -6.09 12.56 -16.07
C GLY B 763 -6.63 13.98 -16.16
N SER B 764 -7.87 14.18 -15.73
CA SER B 764 -8.46 15.52 -15.78
C SER B 764 -7.67 16.49 -14.91
N PHE B 765 -7.34 16.09 -13.69
CA PHE B 765 -6.63 17.01 -12.80
C PHE B 765 -5.25 17.35 -13.36
N PHE B 766 -4.50 16.33 -13.80
CA PHE B 766 -3.16 16.61 -14.32
C PHE B 766 -3.20 17.45 -15.59
N ALA B 767 -4.13 17.15 -16.49
CA ALA B 767 -4.22 17.93 -17.71
C ALA B 767 -4.62 19.37 -17.42
N SER B 768 -5.54 19.57 -16.48
CA SER B 768 -5.94 20.93 -16.14
C SER B 768 -4.78 21.72 -15.55
N VAL B 769 -4.02 21.12 -14.64
CA VAL B 769 -2.91 21.86 -14.05
C VAL B 769 -1.82 22.10 -15.08
N TYR B 770 -1.57 21.13 -15.97
CA TYR B 770 -0.58 21.33 -17.02
C TYR B 770 -0.98 22.46 -17.96
N SER B 771 -2.27 22.50 -18.33
CA SER B 771 -2.73 23.55 -19.23
C SER B 771 -2.63 24.92 -18.57
N PHE B 772 -3.11 25.05 -17.34
CA PHE B 772 -3.07 26.34 -16.69
C PHE B 772 -1.65 26.78 -16.34
N CYS B 773 -0.74 25.83 -16.16
CA CYS B 773 0.63 26.17 -15.80
C CYS B 773 1.49 26.45 -17.04
N HIS B 774 0.91 26.37 -18.23
CA HIS B 774 1.65 26.67 -19.45
C HIS B 774 0.80 27.45 -20.44
N PHE B 775 -0.11 28.30 -19.96
CA PHE B 775 -1.08 28.87 -20.89
C PHE B 775 -0.45 29.86 -21.84
N TYR B 776 0.70 30.44 -21.48
CA TYR B 776 1.30 31.47 -22.31
C TYR B 776 1.63 30.96 -23.71
N ARG B 777 1.74 29.64 -23.87
CA ARG B 777 1.98 29.06 -25.18
C ARG B 777 0.92 29.50 -26.19
N VAL B 778 -0.31 29.75 -25.73
CA VAL B 778 -1.36 30.16 -26.65
C VAL B 778 -0.98 31.44 -27.37
N TRP B 779 -0.23 32.32 -26.70
CA TRP B 779 0.14 33.57 -27.34
C TRP B 779 1.21 33.40 -28.39
N SER B 780 1.88 32.25 -28.43
CA SER B 780 2.90 31.98 -29.42
C SER B 780 2.35 31.27 -30.65
N SER B 781 1.05 31.06 -30.73
CA SER B 781 0.45 30.41 -31.89
C SER B 781 0.04 31.45 -32.92
N GLY B 782 -0.50 30.97 -34.04
CA GLY B 782 -0.89 31.81 -35.15
C GLY B 782 -2.31 32.32 -35.13
N HIS B 783 -2.99 32.23 -34.00
CA HIS B 783 -4.36 32.71 -33.91
C HIS B 783 -4.40 34.23 -34.05
N ASN B 784 -5.58 34.74 -34.41
CA ASN B 784 -5.78 36.18 -34.35
C ASN B 784 -5.97 36.61 -32.90
N ILE B 785 -6.10 37.92 -32.68
CA ILE B 785 -6.14 38.44 -31.32
C ILE B 785 -7.42 38.03 -30.61
N GLY B 786 -8.55 38.05 -31.32
CA GLY B 786 -9.82 37.69 -30.69
C GLY B 786 -9.82 36.27 -30.18
N ARG B 787 -9.38 35.34 -31.02
CA ARG B 787 -9.29 33.92 -30.59
C ARG B 787 -8.40 33.85 -29.36
N LYS B 788 -7.25 34.53 -29.39
CA LYS B 788 -6.30 34.46 -28.29
C LYS B 788 -6.96 34.91 -26.98
N LEU B 789 -7.68 36.03 -27.02
CA LEU B 789 -8.33 36.53 -25.81
C LEU B 789 -9.38 35.54 -25.33
N LEU B 790 -10.17 34.99 -26.25
CA LEU B 790 -11.19 34.03 -25.85
C LEU B 790 -10.56 32.79 -25.23
N LEU B 791 -9.46 32.31 -25.80
CA LEU B 791 -8.78 31.16 -25.21
C LEU B 791 -8.25 31.50 -23.83
N THR B 792 -7.77 32.73 -23.63
CA THR B 792 -7.30 33.13 -22.30
C THR B 792 -8.44 33.07 -21.28
N VAL B 793 -9.58 33.67 -21.61
CA VAL B 793 -10.67 33.69 -20.64
C VAL B 793 -11.17 32.27 -20.38
N GLU B 794 -11.19 31.43 -21.43
CA GLU B 794 -11.61 30.05 -21.23
C GLU B 794 -10.65 29.31 -20.30
N PHE B 795 -9.35 29.52 -20.47
CA PHE B 795 -8.38 28.87 -19.61
C PHE B 795 -8.60 29.27 -18.15
N PHE B 796 -8.85 30.56 -17.93
CA PHE B 796 -9.11 31.00 -16.56
C PHE B 796 -10.37 30.33 -16.00
N TYR B 797 -11.41 30.23 -16.81
CA TYR B 797 -12.63 29.58 -16.35
C TYR B 797 -12.39 28.11 -16.00
N LEU B 798 -11.64 27.40 -16.84
CA LEU B 798 -11.35 26.00 -16.56
C LEU B 798 -10.53 25.83 -15.29
N PHE B 799 -9.57 26.71 -15.06
CA PHE B 799 -8.82 26.60 -13.81
C PHE B 799 -9.71 26.91 -12.61
N PHE B 800 -10.65 27.83 -12.76
CA PHE B 800 -11.61 28.06 -11.67
C PHE B 800 -12.42 26.80 -11.40
N ASN B 801 -12.81 26.09 -12.46
CA ASN B 801 -13.46 24.79 -12.29
C ASN B 801 -12.61 23.83 -11.47
N THR B 802 -11.35 23.65 -11.87
CA THR B 802 -10.54 22.65 -11.18
C THR B 802 -10.28 23.05 -9.73
N LEU B 803 -10.14 24.36 -9.46
CA LEU B 803 -9.93 24.79 -8.09
C LEU B 803 -11.17 24.56 -7.24
N ILE B 804 -12.35 24.95 -7.73
CA ILE B 804 -13.56 24.77 -6.94
C ILE B 804 -13.83 23.27 -6.71
N SER B 805 -13.47 22.44 -7.69
CA SER B 805 -13.60 21.00 -7.45
C SER B 805 -12.57 20.47 -6.47
N TRP B 806 -11.41 21.12 -6.35
CA TRP B 806 -10.40 20.66 -5.41
C TRP B 806 -10.87 20.80 -3.97
N PHE B 807 -11.65 21.85 -3.67
CA PHE B 807 -12.08 22.08 -2.27
C PHE B 807 -13.52 21.63 -2.07
N SER B 808 -13.97 20.64 -2.86
CA SER B 808 -15.38 20.16 -2.76
C SER B 808 -15.59 19.36 -1.47
N LEU B 809 -14.63 18.51 -1.09
CA LEU B 809 -14.81 17.64 0.10
C LEU B 809 -15.09 18.51 1.34
N SER B 810 -14.27 19.55 1.55
CA SER B 810 -14.44 20.41 2.74
C SER B 810 -15.84 21.01 2.74
N SER B 811 -16.27 21.55 1.60
CA SER B 811 -17.63 22.17 1.50
C SER B 811 -18.69 21.12 1.84
N PHE B 812 -18.52 19.89 1.35
CA PHE B 812 -19.52 18.82 1.59
C PHE B 812 -19.80 18.72 3.09
N PHE B 813 -18.78 18.41 3.89
CA PHE B 813 -18.99 18.24 5.35
C PHE B 813 -19.38 19.56 5.98
N LEU B 814 -18.72 20.65 5.57
CA LEU B 814 -18.98 21.98 6.19
C LEU B 814 -20.48 22.30 6.07
N VAL B 815 -21.06 22.09 4.89
CA VAL B 815 -22.50 22.39 4.67
C VAL B 815 -23.33 21.45 5.56
N PHE B 816 -23.16 20.15 5.40
CA PHE B 816 -23.94 19.16 6.19
C PHE B 816 -23.95 19.56 7.67
N ARG B 817 -22.77 19.79 8.24
CA ARG B 817 -22.69 20.11 9.69
C ARG B 817 -23.49 21.38 9.97
N ILE B 818 -23.29 22.42 9.16
CA ILE B 818 -23.98 23.73 9.42
C ILE B 818 -25.49 23.50 9.41
N LEU B 819 -26.01 22.87 8.36
CA LEU B 819 -27.49 22.69 8.25
C LEU B 819 -27.99 21.84 9.42
N THR B 820 -27.33 20.72 9.71
CA THR B 820 -27.82 19.81 10.78
C THR B 820 -27.83 20.55 12.12
N VAL B 821 -26.74 21.25 12.46
CA VAL B 821 -26.64 21.96 13.76
C VAL B 821 -27.67 23.11 13.76
N SER B 822 -27.74 23.86 12.66
CA SER B 822 -28.70 24.98 12.56
C SER B 822 -30.10 24.48 12.94
N ILE B 823 -30.61 23.48 12.21
CA ILE B 823 -31.95 22.96 12.49
C ILE B 823 -32.05 22.45 13.93
N ALA B 824 -31.04 21.73 14.41
CA ALA B 824 -31.13 21.18 15.76
C ALA B 824 -31.24 22.29 16.79
N LEU B 825 -30.43 23.33 16.65
CA LEU B 825 -30.58 24.50 17.51
C LEU B 825 -31.94 25.14 17.34
N ALA B 826 -32.50 25.07 16.13
CA ALA B 826 -33.76 25.76 15.88
C ALA B 826 -34.90 25.13 16.67
N TYR B 827 -35.06 23.81 16.57
CA TYR B 827 -36.34 23.22 16.96
C TYR B 827 -36.31 22.23 18.12
N HIS B 828 -35.19 21.59 18.40
CA HIS B 828 -34.91 20.84 19.62
C HIS B 828 -35.61 19.49 19.70
N SER B 829 -36.48 19.14 18.75
CA SER B 829 -37.37 18.01 19.00
C SER B 829 -36.63 16.68 19.01
N ALA B 830 -36.11 16.28 17.85
CA ALA B 830 -35.35 15.05 17.78
C ALA B 830 -34.18 15.13 16.81
N PHE B 831 -33.94 16.31 16.24
CA PHE B 831 -32.76 16.49 15.35
C PHE B 831 -31.49 16.46 16.21
N ASN B 832 -31.65 16.69 17.53
CA ASN B 832 -30.47 16.73 18.44
C ASN B 832 -29.72 15.39 18.38
N VAL B 833 -30.43 14.30 18.69
CA VAL B 833 -29.79 12.95 18.65
C VAL B 833 -29.36 12.67 17.21
N LEU B 834 -30.22 12.99 16.25
CA LEU B 834 -29.91 12.71 14.82
C LEU B 834 -28.59 13.41 14.46
N SER B 835 -28.44 14.68 14.86
CA SER B 835 -27.22 15.43 14.49
C SER B 835 -25.98 14.66 14.95
N VAL B 836 -25.96 14.25 16.21
CA VAL B 836 -24.76 13.54 16.75
C VAL B 836 -24.54 12.25 15.95
N ILE B 837 -25.61 11.48 15.74
CA ILE B 837 -25.46 10.17 15.04
C ILE B 837 -24.89 10.42 13.64
N PHE B 838 -25.47 11.37 12.90
CA PHE B 838 -25.02 11.61 11.49
C PHE B 838 -23.53 11.97 11.48
N LEU B 839 -23.11 12.83 12.40
CA LEU B 839 -21.68 13.26 12.45
C LEU B 839 -20.81 12.01 12.57
N TRP B 840 -21.13 11.13 13.53
CA TRP B 840 -20.30 9.92 13.76
C TRP B 840 -20.30 9.05 12.49
N LEU B 841 -21.47 8.89 11.87
CA LEU B 841 -21.57 8.04 10.65
C LEU B 841 -20.61 8.58 9.59
N TYR B 842 -20.68 9.90 9.31
CA TYR B 842 -19.83 10.50 8.26
C TYR B 842 -18.36 10.26 8.59
N GLY B 843 -17.98 10.51 9.85
CA GLY B 843 -16.57 10.36 10.25
C GLY B 843 -16.07 8.94 9.99
N ILE B 844 -16.84 7.95 10.45
CA ILE B 844 -16.41 6.53 10.29
C ILE B 844 -16.28 6.20 8.80
N CYS B 845 -17.29 6.59 8.00
CA CYS B 845 -17.27 6.30 6.54
C CYS B 845 -16.05 6.97 5.90
N THR B 846 -15.82 8.25 6.22
CA THR B 846 -14.68 8.99 5.63
C THR B 846 -13.37 8.29 5.99
N LEU B 847 -13.20 7.93 7.26
CA LEU B 847 -11.95 7.26 7.71
C LEU B 847 -11.82 5.91 7.01
N SER B 848 -12.83 5.05 7.14
CA SER B 848 -12.75 3.72 6.56
C SER B 848 -12.43 3.78 5.07
N THR B 849 -13.00 4.75 4.36
CA THR B 849 -12.68 4.90 2.95
C THR B 849 -11.21 5.23 2.73
N PHE B 850 -10.67 6.14 3.55
CA PHE B 850 -9.25 6.43 3.47
C PHE B 850 -8.41 5.17 3.64
N ILE B 851 -8.67 4.42 4.71
CA ILE B 851 -7.86 3.25 5.00
C ILE B 851 -7.95 2.23 3.87
N LEU B 852 -9.18 1.95 3.42
CA LEU B 852 -9.37 0.93 2.40
C LEU B 852 -8.74 1.34 1.08
N SER B 853 -8.90 2.60 0.68
CA SER B 853 -8.34 3.04 -0.58
C SER B 853 -6.81 3.06 -0.54
N LEU B 854 -6.22 3.38 0.62
CA LEU B 854 -4.77 3.40 0.69
C LEU B 854 -4.18 2.00 0.74
N GLY B 855 -4.82 1.07 1.46
CA GLY B 855 -4.21 -0.22 1.66
C GLY B 855 -4.76 -1.35 0.80
N ASN B 856 -6.07 -1.39 0.62
CA ASN B 856 -6.73 -2.52 0.01
C ASN B 856 -7.01 -2.26 -1.47
N LYS B 857 -7.74 -3.18 -2.09
CA LYS B 857 -8.17 -3.08 -3.47
C LYS B 857 -9.69 -3.19 -3.55
N PRO B 858 -10.33 -2.53 -4.52
CA PRO B 858 -11.79 -2.62 -4.62
C PRO B 858 -12.29 -4.03 -4.88
N LYS B 859 -11.51 -4.85 -5.60
CA LYS B 859 -11.99 -6.19 -5.95
C LYS B 859 -12.23 -7.04 -4.72
N SER B 860 -11.34 -6.97 -3.73
CA SER B 860 -11.46 -7.82 -2.56
C SER B 860 -12.69 -7.47 -1.73
N THR B 861 -12.90 -6.19 -1.46
CA THR B 861 -13.99 -5.73 -0.60
C THR B 861 -14.99 -4.92 -1.42
N GLU B 862 -16.04 -5.59 -1.89
CA GLU B 862 -17.09 -4.93 -2.63
C GLU B 862 -18.27 -4.54 -1.76
N LYS B 863 -18.60 -5.34 -0.75
CA LYS B 863 -19.79 -5.09 0.05
C LYS B 863 -19.71 -3.75 0.76
N PHE B 864 -18.54 -3.43 1.31
CA PHE B 864 -18.42 -2.21 2.12
C PHE B 864 -18.64 -0.97 1.26
N TYR B 865 -18.17 -0.98 0.02
CA TYR B 865 -18.37 0.19 -0.84
C TYR B 865 -19.85 0.41 -1.10
N VAL B 866 -20.60 -0.67 -1.34
CA VAL B 866 -22.04 -0.55 -1.53
C VAL B 866 -22.69 0.01 -0.27
N LEU B 867 -22.29 -0.48 0.90
CA LEU B 867 -22.83 0.05 2.14
C LEU B 867 -22.50 1.53 2.30
N THR B 868 -21.28 1.93 1.92
CA THR B 868 -20.88 3.33 2.01
C THR B 868 -21.76 4.20 1.13
N CYS B 869 -22.01 3.75 -0.10
CA CYS B 869 -22.89 4.50 -0.99
C CYS B 869 -24.29 4.62 -0.41
N VAL B 870 -24.80 3.54 0.20
CA VAL B 870 -26.11 3.59 0.81
C VAL B 870 -26.15 4.60 1.95
N ILE B 871 -25.10 4.61 2.78
CA ILE B 871 -25.06 5.54 3.90
C ILE B 871 -25.04 6.98 3.40
N PHE B 872 -24.25 7.25 2.36
CA PHE B 872 -24.20 8.60 1.82
C PHE B 872 -25.55 8.99 1.22
N ALA B 873 -26.24 8.05 0.59
CA ALA B 873 -27.58 8.33 0.09
C ALA B 873 -28.52 8.71 1.21
N VAL B 874 -28.47 7.98 2.33
CA VAL B 874 -29.32 8.30 3.47
C VAL B 874 -28.99 9.69 3.99
N MET B 875 -27.70 10.02 4.07
CA MET B 875 -27.31 11.34 4.57
C MET B 875 -27.81 12.44 3.66
N MET B 876 -27.75 12.23 2.35
CA MET B 876 -28.27 13.22 1.41
C MET B 876 -29.78 13.36 1.56
N ILE B 877 -30.48 12.24 1.78
CA ILE B 877 -31.92 12.29 2.00
C ILE B 877 -32.25 13.17 3.20
N TYR B 878 -31.53 12.96 4.30
CA TYR B 878 -31.78 13.76 5.49
C TYR B 878 -31.45 15.23 5.24
N MET B 879 -30.38 15.47 4.48
CA MET B 879 -29.98 16.88 4.18
C MET B 879 -31.13 17.57 3.41
N ILE B 880 -31.73 16.88 2.44
CA ILE B 880 -32.82 17.46 1.66
C ILE B 880 -34.04 17.68 2.55
N PHE B 881 -34.33 16.71 3.43
CA PHE B 881 -35.48 16.86 4.31
C PHE B 881 -35.32 18.08 5.21
N CYS B 882 -34.12 18.26 5.78
CA CYS B 882 -33.88 19.42 6.62
C CYS B 882 -34.07 20.71 5.84
N SER B 883 -33.54 20.75 4.61
CA SER B 883 -33.65 21.96 3.82
C SER B 883 -35.10 22.32 3.56
N ILE B 884 -35.90 21.35 3.10
CA ILE B 884 -37.30 21.66 2.80
C ILE B 884 -38.06 22.00 4.06
N PHE B 885 -37.72 21.34 5.18
CA PHE B 885 -38.42 21.60 6.43
C PHE B 885 -38.21 23.02 6.90
N MET B 886 -36.94 23.47 6.88
CA MET B 886 -36.66 24.84 7.26
C MET B 886 -37.30 25.83 6.30
N SER B 887 -37.28 25.53 5.00
CA SER B 887 -37.90 26.43 4.04
C SER B 887 -39.39 26.61 4.33
N VAL B 888 -40.08 25.49 4.55
CA VAL B 888 -41.53 25.56 4.81
C VAL B 888 -41.80 26.33 6.08
N LYS B 889 -41.05 26.02 7.14
CA LYS B 889 -41.30 26.70 8.41
C LYS B 889 -41.01 28.19 8.32
N SER B 890 -39.95 28.57 7.61
CA SER B 890 -39.64 29.98 7.45
C SER B 890 -40.70 30.69 6.62
N PHE B 891 -41.23 30.00 5.60
CA PHE B 891 -42.33 30.59 4.83
C PHE B 891 -43.55 30.84 5.72
N GLN B 892 -43.88 29.88 6.57
CA GLN B 892 -45.01 30.09 7.48
C GLN B 892 -44.73 31.24 8.43
N ASN B 893 -43.51 31.32 8.97
CA ASN B 893 -43.17 32.38 9.91
C ASN B 893 -43.27 33.75 9.26
N ILE B 894 -42.74 33.89 8.04
CA ILE B 894 -42.84 35.18 7.35
C ILE B 894 -44.28 35.46 6.94
N LEU B 895 -45.09 34.41 6.74
CA LEU B 895 -46.51 34.60 6.52
C LEU B 895 -47.17 35.20 7.76
N THR B 908 -33.32 30.27 8.81
CA THR B 908 -33.47 31.72 8.82
C THR B 908 -33.61 32.27 7.40
N GLU B 909 -33.47 33.59 7.28
CA GLU B 909 -33.71 34.27 6.01
C GLU B 909 -32.69 33.86 4.95
N ALA B 910 -31.43 33.71 5.33
CA ALA B 910 -30.42 33.24 4.40
C ALA B 910 -30.79 31.87 3.84
N PHE B 911 -31.51 31.06 4.61
CA PHE B 911 -31.93 29.76 4.10
C PHE B 911 -33.13 29.86 3.16
N ARG B 912 -33.96 30.89 3.33
CA ARG B 912 -34.91 31.20 2.27
C ARG B 912 -34.15 31.57 1.00
N ASP B 913 -33.05 32.30 1.14
CA ASP B 913 -32.23 32.60 -0.02
C ASP B 913 -31.62 31.32 -0.63
N ILE B 914 -31.23 30.36 0.22
CA ILE B 914 -30.63 29.14 -0.32
C ILE B 914 -31.67 28.34 -1.10
N VAL B 915 -32.91 28.32 -0.62
CA VAL B 915 -33.92 27.57 -1.37
C VAL B 915 -34.24 28.30 -2.67
N ILE B 916 -34.22 29.63 -2.67
CA ILE B 916 -34.31 30.36 -3.93
C ILE B 916 -33.21 29.92 -4.89
N SER B 917 -31.97 29.86 -4.40
CA SER B 917 -30.85 29.56 -5.29
C SER B 917 -30.90 28.11 -5.80
N LEU B 918 -31.33 27.18 -4.94
CA LEU B 918 -31.42 25.79 -5.37
C LEU B 918 -32.55 25.60 -6.38
N GLY B 919 -33.69 26.26 -6.17
CA GLY B 919 -34.71 26.27 -7.21
C GLY B 919 -34.19 26.87 -8.50
N SER B 920 -33.38 27.92 -8.38
CA SER B 920 -32.78 28.54 -9.55
C SER B 920 -31.94 27.54 -10.34
N THR B 921 -31.04 26.83 -9.66
CA THR B 921 -30.17 25.91 -10.38
C THR B 921 -30.96 24.75 -10.99
N TYR B 922 -31.98 24.24 -10.27
CA TYR B 922 -32.78 23.16 -10.85
C TYR B 922 -33.54 23.64 -12.08
N CYS B 923 -34.15 24.82 -12.01
CA CYS B 923 -34.88 25.34 -13.16
C CYS B 923 -33.96 25.65 -14.32
N LEU B 924 -32.75 26.13 -14.07
CA LEU B 924 -31.81 26.36 -15.15
C LEU B 924 -31.38 25.04 -15.80
N TYR B 925 -31.18 24.00 -15.00
CA TYR B 925 -30.92 22.68 -15.57
C TYR B 925 -32.08 22.25 -16.47
N LEU B 926 -33.31 22.44 -16.02
CA LEU B 926 -34.47 22.05 -16.82
C LEU B 926 -34.54 22.83 -18.11
N ILE B 927 -34.32 24.14 -18.06
CA ILE B 927 -34.37 24.96 -19.27
C ILE B 927 -33.28 24.53 -20.24
N SER B 928 -32.07 24.28 -19.73
CA SER B 928 -30.98 23.84 -20.59
C SER B 928 -31.34 22.53 -21.28
N SER B 929 -31.93 21.59 -20.55
CA SER B 929 -32.36 20.34 -21.19
C SER B 929 -33.44 20.61 -22.23
N ILE B 930 -34.36 21.53 -21.93
CA ILE B 930 -35.46 21.81 -22.86
C ILE B 930 -34.92 22.35 -24.18
N ILE B 931 -33.94 23.25 -24.12
CA ILE B 931 -33.41 23.85 -25.34
C ILE B 931 -32.83 22.79 -26.27
N TYR B 932 -32.11 21.82 -25.70
CA TYR B 932 -31.41 20.81 -26.50
C TYR B 932 -32.34 19.83 -27.17
N LEU B 933 -33.61 19.78 -26.77
CA LEU B 933 -34.61 18.88 -27.34
C LEU B 933 -34.34 17.42 -27.02
N GLN B 934 -33.76 17.14 -25.86
CA GLN B 934 -33.70 15.77 -25.32
C GLN B 934 -34.03 15.84 -23.84
N PRO B 935 -35.29 16.10 -23.50
CA PRO B 935 -35.67 16.39 -22.11
C PRO B 935 -36.19 15.20 -21.31
N TRP B 936 -36.07 13.98 -21.85
CA TRP B 936 -36.47 12.77 -21.10
C TRP B 936 -35.31 12.36 -20.18
N HIS B 937 -34.11 12.90 -20.44
CA HIS B 937 -32.91 12.56 -19.62
C HIS B 937 -33.15 12.97 -18.17
N MET B 938 -33.80 14.11 -17.95
CA MET B 938 -34.11 14.56 -16.57
C MET B 938 -35.00 13.50 -15.90
N LEU B 939 -35.81 12.78 -16.70
CA LEU B 939 -36.73 11.76 -16.15
C LEU B 939 -35.99 10.43 -15.98
N THR B 940 -34.75 10.34 -16.49
CA THR B 940 -34.00 9.06 -16.42
C THR B 940 -33.37 8.90 -15.03
N SER B 941 -34.20 8.86 -13.99
CA SER B 941 -33.69 8.66 -12.60
C SER B 941 -32.59 9.69 -12.29
N PHE B 942 -32.82 10.95 -12.65
CA PHE B 942 -31.83 12.01 -12.27
C PHE B 942 -31.80 12.08 -10.74
N ILE B 943 -32.94 11.86 -10.09
CA ILE B 943 -32.99 11.84 -8.60
C ILE B 943 -32.11 10.70 -8.09
N GLN B 944 -32.11 9.56 -8.79
CA GLN B 944 -31.22 8.43 -8.41
C GLN B 944 -29.77 8.95 -8.37
N TYR B 945 -29.38 9.72 -9.39
CA TYR B 945 -28.02 10.33 -9.38
C TYR B 945 -27.86 11.21 -8.14
N ILE B 946 -28.87 12.04 -7.85
CA ILE B 946 -28.78 12.97 -6.70
C ILE B 946 -28.47 12.15 -5.44
N LEU B 947 -29.12 11.00 -5.28
CA LEU B 947 -28.88 10.14 -4.09
C LEU B 947 -27.43 9.64 -4.12
N LEU B 948 -26.93 9.27 -5.31
CA LEU B 948 -25.54 8.75 -5.44
C LEU B 948 -24.55 9.90 -5.42
N SER B 949 -25.03 11.14 -5.59
CA SER B 949 -24.13 12.32 -5.65
C SER B 949 -23.12 12.27 -4.51
N PRO B 950 -23.56 12.27 -3.23
CA PRO B 950 -22.60 12.32 -2.12
C PRO B 950 -21.46 11.32 -2.32
N SER B 951 -21.79 10.10 -2.78
CA SER B 951 -20.77 9.05 -2.98
C SER B 951 -19.65 9.58 -3.88
N TYR B 952 -20.02 10.16 -5.03
CA TYR B 952 -19.01 10.69 -5.97
C TYR B 952 -18.18 11.76 -5.27
N ILE B 953 -18.82 12.56 -4.42
CA ILE B 953 -18.11 13.68 -3.73
C ILE B 953 -17.18 13.14 -2.64
N ASN B 954 -17.52 11.99 -2.04
CA ASN B 954 -16.70 11.51 -0.89
C ASN B 954 -16.20 10.07 -1.08
N VAL B 955 -16.22 9.53 -2.31
CA VAL B 955 -15.67 8.20 -2.51
C VAL B 955 -14.76 8.17 -3.73
N LEU B 956 -15.26 8.67 -4.87
CA LEU B 956 -14.46 8.67 -6.11
C LEU B 956 -13.22 9.55 -5.92
N ASN B 957 -13.39 10.72 -5.28
CA ASN B 957 -12.27 11.65 -5.12
C ASN B 957 -11.18 11.04 -4.23
N ILE B 958 -11.57 10.45 -3.11
CA ILE B 958 -10.58 9.90 -2.19
C ILE B 958 -9.79 8.78 -2.85
N TYR B 959 -10.49 7.88 -3.55
CA TYR B 959 -9.78 6.80 -4.23
C TYR B 959 -8.86 7.36 -5.31
N ALA B 960 -9.34 8.35 -6.07
CA ALA B 960 -8.52 8.91 -7.14
C ALA B 960 -7.25 9.52 -6.60
N PHE B 961 -7.34 10.26 -5.49
CA PHE B 961 -6.14 10.85 -4.90
C PHE B 961 -5.29 9.84 -4.14
N CYS B 962 -5.86 8.70 -3.75
CA CYS B 962 -5.10 7.71 -3.00
C CYS B 962 -4.49 6.63 -3.88
N ASN B 963 -4.78 6.62 -5.18
CA ASN B 963 -4.16 5.65 -6.08
C ASN B 963 -3.66 6.35 -7.33
N VAL B 964 -2.88 7.42 -7.13
CA VAL B 964 -2.52 8.32 -8.22
C VAL B 964 -1.72 7.59 -9.29
N HIS B 965 -0.66 6.90 -8.90
CA HIS B 965 0.32 6.40 -9.86
C HIS B 965 0.24 4.90 -10.15
N ASP B 966 -0.40 4.11 -9.30
CA ASP B 966 -0.45 2.66 -9.47
C ASP B 966 0.96 2.07 -9.53
N LEU B 967 1.66 2.20 -8.40
CA LEU B 967 3.02 1.68 -8.30
C LEU B 967 3.01 0.17 -8.12
N SER B 968 4.17 -0.43 -8.37
CA SER B 968 4.38 -1.86 -8.12
C SER B 968 5.85 -2.01 -7.74
N SER B 1027 18.55 -0.18 -9.27
CA SER B 1027 18.28 0.09 -10.68
C SER B 1027 17.41 1.32 -10.91
N TYR B 1028 17.39 1.78 -12.16
CA TYR B 1028 16.56 2.92 -12.54
C TYR B 1028 15.09 2.70 -12.17
N ASP B 1029 14.61 1.46 -12.30
CA ASP B 1029 13.22 1.17 -11.99
C ASP B 1029 12.90 1.44 -10.52
N GLU B 1030 13.82 1.06 -9.62
CA GLU B 1030 13.56 1.26 -8.20
C GLU B 1030 13.61 2.74 -7.83
N LYS B 1031 14.52 3.50 -8.41
CA LYS B 1031 14.55 4.94 -8.17
C LYS B 1031 13.27 5.59 -8.69
N LYS B 1032 12.82 5.18 -9.88
CA LYS B 1032 11.58 5.72 -10.42
C LYS B 1032 10.39 5.37 -9.53
N THR B 1033 10.33 4.13 -9.04
CA THR B 1033 9.25 3.73 -8.15
C THR B 1033 9.28 4.51 -6.85
N GLY B 1034 10.47 4.75 -6.31
CA GLY B 1034 10.58 5.57 -5.11
C GLY B 1034 10.08 6.97 -5.33
N TYR B 1035 10.45 7.57 -6.47
CA TYR B 1035 9.96 8.91 -6.78
C TYR B 1035 8.44 8.92 -6.91
N TYR B 1036 7.88 7.91 -7.58
CA TYR B 1036 6.43 7.84 -7.74
C TYR B 1036 5.74 7.72 -6.39
N ALA B 1037 6.27 6.87 -5.51
CA ALA B 1037 5.66 6.71 -4.19
C ALA B 1037 5.77 7.99 -3.39
N ASN B 1038 6.89 8.70 -3.51
CA ASN B 1038 7.05 9.95 -2.78
C ASN B 1038 6.05 10.99 -3.26
N VAL B 1039 5.90 11.13 -4.57
CA VAL B 1039 4.97 12.16 -5.07
C VAL B 1039 3.53 11.76 -4.79
N ARG B 1040 3.25 10.46 -4.71
CA ARG B 1040 1.89 10.04 -4.42
C ARG B 1040 1.46 10.44 -3.02
N SER B 1041 2.32 10.19 -2.03
CA SER B 1041 1.97 10.46 -0.64
C SER B 1041 2.18 11.90 -0.24
N LEU B 1042 2.44 12.79 -1.20
CA LEU B 1042 2.57 14.20 -0.91
C LEU B 1042 1.37 15.03 -1.34
N VAL B 1043 0.66 14.59 -2.39
CA VAL B 1043 -0.55 15.28 -2.80
C VAL B 1043 -1.65 15.10 -1.77
N ILE B 1044 -1.77 13.89 -1.22
CA ILE B 1044 -2.85 13.58 -0.29
C ILE B 1044 -2.78 14.49 0.93
N ILE B 1045 -1.59 14.61 1.52
CA ILE B 1045 -1.43 15.42 2.73
C ILE B 1045 -1.82 16.86 2.45
N PHE B 1046 -1.38 17.39 1.30
CA PHE B 1046 -1.77 18.74 0.93
C PHE B 1046 -3.29 18.86 0.85
N TRP B 1047 -3.94 17.87 0.23
CA TRP B 1047 -5.39 17.89 0.08
C TRP B 1047 -6.08 18.00 1.43
N VAL B 1048 -5.72 17.09 2.34
CA VAL B 1048 -6.38 17.07 3.69
C VAL B 1048 -6.10 18.38 4.41
N ILE B 1049 -4.84 18.86 4.41
CA ILE B 1049 -4.52 20.05 5.18
C ILE B 1049 -5.27 21.26 4.63
N THR B 1050 -5.30 21.42 3.30
CA THR B 1050 -5.98 22.58 2.72
C THR B 1050 -7.47 22.54 3.02
N ASN B 1051 -8.11 21.38 2.91
CA ASN B 1051 -9.53 21.33 3.23
C ASN B 1051 -9.77 21.62 4.70
N PHE B 1052 -8.95 21.05 5.59
CA PHE B 1052 -9.18 21.26 7.01
C PHE B 1052 -8.91 22.69 7.41
N ILE B 1053 -8.07 23.42 6.67
CA ILE B 1053 -7.86 24.83 6.99
C ILE B 1053 -9.16 25.59 6.82
N ILE B 1054 -9.89 25.33 5.73
CA ILE B 1054 -11.18 25.96 5.52
C ILE B 1054 -12.15 25.56 6.62
N VAL B 1055 -12.18 24.26 6.95
CA VAL B 1055 -13.13 23.80 7.96
C VAL B 1055 -12.84 24.47 9.31
N ALA B 1056 -11.56 24.62 9.65
CA ALA B 1056 -11.20 25.23 10.93
C ALA B 1056 -11.51 26.71 10.93
N VAL B 1057 -11.23 27.40 9.82
CA VAL B 1057 -11.52 28.82 9.76
C VAL B 1057 -13.02 29.07 9.92
N VAL B 1058 -13.85 28.22 9.33
CA VAL B 1058 -15.28 28.48 9.33
C VAL B 1058 -15.93 27.99 10.62
N LEU B 1059 -15.91 26.68 10.87
CA LEU B 1059 -16.57 26.17 12.06
C LEU B 1059 -15.88 26.57 13.35
N GLU B 1060 -14.64 27.02 13.28
CA GLU B 1060 -13.87 27.39 14.47
C GLU B 1060 -13.66 26.18 15.37
N THR B 1061 -13.06 25.14 14.78
CA THR B 1061 -12.58 23.98 15.49
C THR B 1061 -11.05 24.06 15.62
N GLY B 1062 -10.43 22.98 16.10
CA GLY B 1062 -9.00 22.96 16.16
C GLY B 1062 -8.39 23.86 17.22
N GLY B 1063 -9.15 24.19 18.25
CA GLY B 1063 -8.67 25.04 19.32
C GLY B 1063 -8.83 26.52 19.06
N ILE B 1064 -9.28 26.91 17.87
CA ILE B 1064 -9.43 28.32 17.56
C ILE B 1064 -10.45 28.96 18.50
N ALA B 1065 -11.57 28.28 18.72
CA ALA B 1065 -12.57 28.79 19.65
C ALA B 1065 -12.01 28.92 21.05
N ASP B 1066 -11.28 27.91 21.51
CA ASP B 1066 -10.68 27.95 22.83
C ASP B 1066 -9.74 29.14 22.95
N TYR B 1067 -8.92 29.34 21.93
CA TYR B 1067 -7.97 30.45 21.90
C TYR B 1067 -8.68 31.78 21.98
N ILE B 1068 -9.75 31.96 21.18
CA ILE B 1068 -10.46 33.22 21.19
C ILE B 1068 -11.11 33.46 22.55
N ALA B 1069 -11.77 32.44 23.09
CA ALA B 1069 -12.48 32.62 24.35
C ALA B 1069 -11.52 32.97 25.47
N MET B 1070 -10.36 32.32 25.49
CA MET B 1070 -9.44 32.58 26.58
C MET B 1070 -8.63 33.85 26.38
N LYS B 1071 -8.45 34.30 25.13
CA LYS B 1071 -7.96 35.67 24.92
C LYS B 1071 -8.94 36.69 25.46
N SER B 1072 -10.24 36.45 25.28
CA SER B 1072 -11.24 37.33 25.87
C SER B 1072 -11.23 37.23 27.39
N ILE B 1073 -10.92 36.05 27.94
CA ILE B 1073 -10.74 35.91 29.38
C ILE B 1073 -9.58 36.79 29.84
N SER B 1074 -8.53 36.88 29.03
CA SER B 1074 -7.38 37.71 29.40
C SER B 1074 -7.78 39.16 29.67
N THR B 1075 -8.84 39.64 29.05
CA THR B 1075 -9.34 40.99 29.28
C THR B 1075 -9.81 41.17 30.71
N ILE B 1087 -17.18 28.79 25.20
CA ILE B 1087 -17.05 29.12 23.74
C ILE B 1087 -18.46 29.08 23.13
N PRO B 1088 -18.74 29.86 22.05
CA PRO B 1088 -20.08 29.92 21.48
C PRO B 1088 -20.47 28.63 20.74
N LEU B 1089 -21.76 28.46 20.47
CA LEU B 1089 -22.25 27.23 19.76
C LEU B 1089 -22.34 27.49 18.26
N MET B 1090 -22.30 28.77 17.85
CA MET B 1090 -22.43 29.11 16.40
C MET B 1090 -22.10 30.59 16.18
N THR B 1091 -21.51 30.92 15.04
CA THR B 1091 -21.17 32.31 14.70
C THR B 1091 -21.78 32.69 13.36
N SER B 1092 -21.59 33.95 12.98
CA SER B 1092 -22.08 34.43 11.69
C SER B 1092 -21.24 33.91 10.53
N LYS B 1093 -20.04 33.41 10.82
CA LYS B 1093 -19.19 32.87 9.76
C LYS B 1093 -19.89 31.76 9.00
N ALA B 1094 -20.61 30.89 9.72
CA ALA B 1094 -21.31 29.79 9.06
C ALA B 1094 -22.35 30.32 8.08
N SER B 1095 -23.13 31.33 8.50
CA SER B 1095 -24.12 31.91 7.62
C SER B 1095 -23.47 32.50 6.37
N ILE B 1096 -22.37 33.25 6.55
CA ILE B 1096 -21.72 33.87 5.41
C ILE B 1096 -21.21 32.81 4.44
N TYR B 1097 -20.52 31.79 4.97
CA TYR B 1097 -20.00 30.73 4.11
C TYR B 1097 -21.11 30.03 3.34
N PHE B 1098 -22.21 29.72 4.03
CA PHE B 1098 -23.26 28.97 3.37
C PHE B 1098 -23.88 29.80 2.26
N ASN B 1099 -24.06 31.11 2.49
CA ASN B 1099 -24.55 31.96 1.42
C ASN B 1099 -23.59 31.96 0.23
N VAL B 1100 -22.29 32.05 0.52
CA VAL B 1100 -21.31 32.15 -0.56
C VAL B 1100 -21.30 30.90 -1.42
N ILE B 1101 -21.40 29.72 -0.81
CA ILE B 1101 -21.26 28.50 -1.61
C ILE B 1101 -22.35 28.39 -2.66
N LEU B 1102 -23.59 28.73 -2.32
CA LEU B 1102 -24.63 28.66 -3.33
C LEU B 1102 -24.62 29.88 -4.24
N TRP B 1103 -24.08 31.00 -3.78
CA TRP B 1103 -23.75 32.07 -4.71
C TRP B 1103 -22.91 31.52 -5.85
N LEU B 1104 -21.85 30.78 -5.51
CA LEU B 1104 -20.97 30.21 -6.54
C LEU B 1104 -21.68 29.19 -7.40
N VAL B 1105 -22.49 28.32 -6.78
CA VAL B 1105 -23.18 27.30 -7.58
C VAL B 1105 -24.12 27.96 -8.60
N ALA B 1106 -24.85 28.98 -8.17
CA ALA B 1106 -25.72 29.71 -9.09
C ALA B 1106 -24.91 30.36 -10.20
N LEU B 1107 -23.75 30.93 -9.86
CA LEU B 1107 -22.92 31.56 -10.89
C LEU B 1107 -22.50 30.56 -11.95
N SER B 1108 -22.03 29.38 -11.51
CA SER B 1108 -21.58 28.37 -12.45
C SER B 1108 -22.72 27.92 -13.36
N ALA B 1109 -23.88 27.63 -12.75
CA ALA B 1109 -25.03 27.22 -13.55
C ALA B 1109 -25.39 28.29 -14.58
N LEU B 1110 -25.34 29.56 -14.17
CA LEU B 1110 -25.74 30.65 -15.06
C LEU B 1110 -24.79 30.78 -16.24
N ILE B 1111 -23.48 30.79 -15.98
CA ILE B 1111 -22.54 30.95 -17.08
C ILE B 1111 -22.65 29.77 -18.04
N ARG B 1112 -22.87 28.57 -17.51
CA ARG B 1112 -22.95 27.40 -18.36
C ARG B 1112 -24.21 27.41 -19.22
N PHE B 1113 -25.32 27.87 -18.63
CA PHE B 1113 -26.55 28.00 -19.38
C PHE B 1113 -26.40 29.00 -20.51
N ILE B 1114 -25.76 30.14 -20.23
CA ILE B 1114 -25.57 31.14 -21.27
C ILE B 1114 -24.74 30.56 -22.41
N GLY B 1115 -23.67 29.84 -22.06
CA GLY B 1115 -22.86 29.23 -23.11
C GLY B 1115 -23.65 28.27 -23.97
N CYS B 1116 -24.43 27.40 -23.32
CA CYS B 1116 -25.23 26.39 -24.07
C CYS B 1116 -26.13 27.12 -25.07
N SER B 1117 -26.81 28.18 -24.63
CA SER B 1117 -27.73 28.93 -25.52
C SER B 1117 -26.96 29.43 -26.73
N ILE B 1118 -25.78 30.03 -26.51
CA ILE B 1118 -24.98 30.60 -27.63
C ILE B 1118 -24.67 29.48 -28.63
N TYR B 1119 -24.21 28.33 -28.14
CA TYR B 1119 -23.88 27.19 -29.04
C TYR B 1119 -25.11 26.83 -29.87
N MET B 1120 -26.27 26.65 -29.21
CA MET B 1120 -27.49 26.24 -29.92
C MET B 1120 -27.89 27.35 -30.91
N ILE B 1121 -27.79 28.62 -30.49
CA ILE B 1121 -28.19 29.76 -31.36
C ILE B 1121 -27.34 29.75 -32.63
N VAL B 1122 -26.02 29.70 -32.48
CA VAL B 1122 -25.12 29.77 -33.68
C VAL B 1122 -25.37 28.52 -34.53
N ARG B 1123 -25.56 27.37 -33.88
CA ARG B 1123 -25.83 26.10 -34.62
C ARG B 1123 -27.09 26.30 -35.47
N PHE B 1124 -28.16 26.81 -34.85
CA PHE B 1124 -29.43 27.02 -35.58
C PHE B 1124 -29.24 28.05 -36.69
N PHE B 1125 -28.51 29.13 -36.38
CA PHE B 1125 -28.29 30.21 -37.39
C PHE B 1125 -27.52 29.64 -38.58
N LYS B 1126 -26.51 28.80 -38.31
CA LYS B 1126 -25.75 28.15 -39.40
C LYS B 1126 -26.72 27.27 -40.22
N LYS B 1127 -27.60 26.55 -39.54
CA LYS B 1127 -28.61 25.71 -40.23
C LYS B 1127 -29.50 26.62 -41.09
N VAL B 1128 -29.90 27.76 -40.55
CA VAL B 1128 -30.75 28.73 -41.31
C VAL B 1128 -29.97 29.18 -42.54
N THR B 1129 -28.67 29.46 -42.38
CA THR B 1129 -27.82 29.90 -43.51
C THR B 1129 -27.44 28.69 -44.37
#